data_7BVH
#
_entry.id   7BVH
#
_cell.length_a   121.080
_cell.length_b   176.330
_cell.length_c   207.770
_cell.angle_alpha   90.000
_cell.angle_beta   90.000
_cell.angle_gamma   90.000
#
_symmetry.space_group_name_H-M   'P 21 21 21'
#
loop_
_entity.id
_entity.type
_entity.pdbx_description
1 polymer 'Integral membrane indolylacetylinositol arabinosyltransferase EmbC'
2 polymer 'Meromycolate extension acyl carrier protein'
3 branched alpha-D-arabinofuranose-(1-5)-alpha-D-arabinofuranose
4 branched alpha-D-glucopyranose-(1-4)-beta-D-glucopyranose
5 non-polymer 'CALCIUM ION'
6 non-polymer 'PHOSPHATE ION'
7 non-polymer alpha-D-arabinofuranose
#
loop_
_entity_poly.entity_id
_entity_poly.type
_entity_poly.pdbx_seq_one_letter_code
_entity_poly.pdbx_strand_id
1 'polypeptide(L)'
;MPEVVGSYFQSNAMTGPHAAGGSNHRTARLVAIIAGLLGTLMAIATPLLPVEQTTAELNWPQNGVWQSVDAPLIGYVATD
LTVTVPCQAAAGLVGPENRNRSVLLSTVPKQAPKAIDRGLLIERINNDLTVIVRNTPVVSAPLEQVLSPDCRYLTFTAHA
DKVTGEFVGLTQGPDDDDPGEAVRGERSGYDFRPQIVGVFTDLSGPAPEGLQLSATIDTRYSTSPTLLKLLAMIVGVAMT
VIALGALHVLDCADGRRHKRFLPSRWWSMTPLDGLVSAMLVWWHFVGANTADDGYILTMARVSEHAGYMANYYRWFGTPE
SPFGWYYDLLALWAHVSTASVWMRFPTLLMGLACWWVISREVIPRLGAAAKHSRAAAWTAAGLFLAFWLPLNNGLRPEPI
IALGILLTWCSVERGVATSRLLPVAVAIIIGALTLFSGPTGIAAVGALLVAIGPLKTIVAAHVSRFGYWALLAPIAAAGT
VTIFLIFRDQTLAAELQASSFKSAVGPSLAWFDEHIRYSRLFTTSPDGSVARRFAVLTLLLALAVSIAMTLRKGRIPGTA
LGPSRRIIGITIISFLAMMFTPTKWTHHFGVFAGLAGCLGALAAVAVTTTAMKSRRNRTVFGAAVLFVTALSFATVNGWW
YVSNFGVPWSNSFPEFKFGFTTMLLGLSVLALLVAAWFHFSGRDVSPDRPQRRWQRLLVAPLAVATWALVIFEVVSLTLG
MINQYPAWSVGRSNLNALTGKTCGLANDVLVEQNANAGMLTPIGEPAGQALGAVTSLGFGPNGIPSDVSADPVMEQPGTD
NFADSDSGVVTGTEVGTEGGTTAAAGINGSRARLPYGLNPATTPVLGSWRSGTQQPAVLRSAWYRLPDRDQAGPLLVVSA
AGRFDQGEVEVQWATDEQAAANEPGGSITFGDVGAAPAWRNLRAPLSSIPPEATQIRLVASDDDLAPQHWIALTPPRIPE
LRTLQEVVGSSDPVMLDWLVGLAFPCQRPFDHRYGVVEVPKWRILPDRFGAEANSPVMDYLGGGPLGITELLLRPSSVPT
YLKDDWYRDWGSLQRLTPWYPDAQPARLDLGTATRSGWWSPAPLRLSHLGGIKAFLEVLFQGPHHHHHHHHHH
;
A,B
2 'polypeptide(L)'
;MAATQEEIIAGLAEIIEEVTGIEPSEVTPEKSFVDDLDIDSLSMVEIAVQTEDKYGVKIPDEDLAGLRTVGDVVAYIQKL
EEENPEAAAALREKFAADQ
;
C,D
#
loop_
_chem_comp.id
_chem_comp.type
_chem_comp.name
_chem_comp.formula
BGC D-saccharide, beta linking beta-D-glucopyranose 'C6 H12 O6'
BXY D-saccharide, alpha linking alpha-D-arabinofuranose 'C5 H10 O5'
CA non-polymer 'CALCIUM ION' 'Ca 2'
GLC D-saccharide, alpha linking alpha-D-glucopyranose 'C6 H12 O6'
PO4 non-polymer 'PHOSPHATE ION' 'O4 P -3'
#
# COMPACT_ATOMS: atom_id res chain seq x y z
N SER A 23 26.34 34.44 -52.33
CA SER A 23 25.49 35.53 -51.88
C SER A 23 24.58 35.10 -50.74
N ASN A 24 24.43 35.98 -49.72
CA ASN A 24 23.61 35.80 -48.51
C ASN A 24 24.06 34.60 -47.65
N HIS A 25 25.38 34.28 -47.69
CA HIS A 25 26.06 33.19 -46.96
C HIS A 25 25.45 31.79 -47.24
N ARG A 26 25.36 31.42 -48.53
CA ARG A 26 24.80 30.14 -48.98
C ARG A 26 25.83 29.00 -48.96
N THR A 27 27.10 29.29 -48.60
CA THR A 27 28.19 28.31 -48.53
C THR A 27 27.94 27.25 -47.45
N ALA A 28 27.38 27.67 -46.31
CA ALA A 28 27.05 26.78 -45.21
C ALA A 28 25.60 26.31 -45.35
N ARG A 29 24.74 27.15 -45.95
CA ARG A 29 23.31 26.91 -46.17
C ARG A 29 23.02 25.61 -46.93
N LEU A 30 23.81 25.30 -47.97
CA LEU A 30 23.62 24.09 -48.76
C LEU A 30 24.14 22.82 -48.09
N VAL A 31 25.29 22.91 -47.39
CA VAL A 31 25.89 21.76 -46.69
C VAL A 31 25.07 21.40 -45.43
N ALA A 32 24.38 22.38 -44.82
CA ALA A 32 23.52 22.16 -43.67
C ALA A 32 22.28 21.37 -44.06
N ILE A 33 21.74 21.61 -45.27
CA ILE A 33 20.55 20.93 -45.77
C ILE A 33 20.89 19.49 -46.23
N ILE A 34 21.90 19.34 -47.11
CA ILE A 34 22.32 18.06 -47.67
C ILE A 34 22.87 17.09 -46.60
N ALA A 35 23.58 17.60 -45.56
CA ALA A 35 24.12 16.77 -44.48
C ALA A 35 23.12 16.53 -43.36
N GLY A 36 22.26 17.53 -43.14
CA GLY A 36 21.22 17.48 -42.13
C GLY A 36 20.14 16.47 -42.47
N LEU A 37 19.77 16.40 -43.76
CA LEU A 37 18.78 15.45 -44.23
C LEU A 37 19.36 14.03 -44.31
N LEU A 38 20.66 13.91 -44.68
CA LEU A 38 21.35 12.63 -44.83
C LEU A 38 21.67 11.93 -43.50
N GLY A 39 22.12 12.71 -42.50
CA GLY A 39 22.40 12.22 -41.16
C GLY A 39 21.15 11.71 -40.46
N THR A 40 19.99 12.31 -40.82
CA THR A 40 18.65 11.96 -40.32
C THR A 40 18.23 10.66 -41.00
N LEU A 41 18.22 10.65 -42.35
CA LEU A 41 17.85 9.52 -43.21
C LEU A 41 18.63 8.25 -42.89
N MET A 42 19.97 8.36 -42.73
CA MET A 42 20.83 7.23 -42.40
C MET A 42 20.49 6.61 -41.06
N ALA A 43 20.25 7.47 -40.03
CA ALA A 43 19.89 7.05 -38.67
C ALA A 43 18.57 6.31 -38.64
N ILE A 44 17.57 6.78 -39.41
CA ILE A 44 16.25 6.14 -39.53
C ILE A 44 16.40 4.79 -40.26
N ALA A 45 17.35 4.71 -41.22
CA ALA A 45 17.63 3.49 -41.98
C ALA A 45 18.35 2.43 -41.12
N THR A 46 19.40 2.84 -40.36
CA THR A 46 20.28 2.07 -39.46
C THR A 46 19.62 0.80 -38.80
N PRO A 47 18.45 0.84 -38.08
CA PRO A 47 17.92 -0.41 -37.50
C PRO A 47 17.41 -1.43 -38.51
N LEU A 48 16.88 -0.96 -39.66
CA LEU A 48 16.34 -1.78 -40.75
C LEU A 48 17.40 -2.53 -41.60
N LEU A 49 18.66 -2.10 -41.50
CA LEU A 49 19.82 -2.65 -42.22
C LEU A 49 20.15 -4.09 -41.78
N PRO A 50 20.80 -4.93 -42.64
CA PRO A 50 21.10 -6.32 -42.24
C PRO A 50 22.17 -6.42 -41.16
N VAL A 51 22.20 -7.57 -40.44
CA VAL A 51 23.14 -7.81 -39.35
C VAL A 51 23.69 -9.27 -39.42
N GLU A 52 24.99 -9.46 -39.09
CA GLU A 52 25.68 -10.75 -39.16
C GLU A 52 25.50 -11.63 -37.89
N GLN A 53 24.60 -12.63 -37.98
CA GLN A 53 24.29 -13.59 -36.90
C GLN A 53 25.24 -14.80 -36.94
N THR A 54 25.33 -15.53 -35.80
CA THR A 54 26.17 -16.72 -35.67
C THR A 54 25.30 -17.92 -35.22
N THR A 55 24.55 -18.54 -36.17
CA THR A 55 23.62 -19.68 -35.98
C THR A 55 24.23 -20.85 -35.19
N ALA A 56 23.56 -21.31 -34.11
CA ALA A 56 24.03 -22.43 -33.29
C ALA A 56 23.06 -23.62 -33.31
N GLU A 57 23.62 -24.86 -33.33
CA GLU A 57 22.86 -26.10 -33.36
C GLU A 57 23.48 -27.20 -32.47
N LEU A 58 22.64 -27.80 -31.58
CA LEU A 58 23.03 -28.87 -30.67
C LEU A 58 22.80 -30.21 -31.35
N ASN A 59 23.87 -31.03 -31.47
CA ASN A 59 23.79 -32.34 -32.11
C ASN A 59 24.20 -33.46 -31.17
N TRP A 60 23.52 -34.63 -31.28
CA TRP A 60 23.80 -35.79 -30.42
C TRP A 60 24.73 -36.88 -31.02
N PRO A 61 24.91 -37.05 -32.36
CA PRO A 61 25.86 -38.08 -32.85
C PRO A 61 27.34 -37.69 -32.72
N GLN A 62 27.64 -36.41 -32.32
CA GLN A 62 28.99 -35.86 -32.14
C GLN A 62 29.73 -36.38 -30.90
N ASN A 63 29.03 -37.11 -30.01
CA ASN A 63 29.63 -37.70 -28.83
C ASN A 63 30.33 -39.03 -29.24
N GLY A 64 29.71 -39.74 -30.19
CA GLY A 64 30.18 -41.03 -30.69
C GLY A 64 29.61 -42.15 -29.84
N VAL A 65 29.92 -42.10 -28.53
CA VAL A 65 29.45 -43.03 -27.49
C VAL A 65 28.11 -42.51 -26.98
N TRP A 66 27.13 -43.41 -26.79
CA TRP A 66 25.81 -43.11 -26.25
C TRP A 66 25.99 -42.60 -24.78
N GLN A 67 25.93 -41.26 -24.56
CA GLN A 67 26.08 -40.64 -23.23
C GLN A 67 25.43 -39.24 -23.13
N SER A 68 25.06 -38.84 -21.89
CA SER A 68 24.43 -37.56 -21.54
C SER A 68 25.40 -36.38 -21.71
N VAL A 69 24.86 -35.20 -22.06
CA VAL A 69 25.61 -33.96 -22.29
C VAL A 69 24.82 -32.71 -21.83
N ASP A 70 25.48 -31.80 -21.09
CA ASP A 70 24.91 -30.55 -20.59
C ASP A 70 24.95 -29.45 -21.64
N ALA A 71 23.81 -28.78 -21.86
CA ALA A 71 23.62 -27.67 -22.80
C ALA A 71 22.48 -26.77 -22.25
N PRO A 72 22.73 -25.97 -21.18
CA PRO A 72 21.64 -25.15 -20.64
C PRO A 72 21.40 -23.89 -21.47
N LEU A 73 20.16 -23.70 -21.96
CA LEU A 73 19.78 -22.56 -22.80
C LEU A 73 19.25 -21.41 -21.97
N ILE A 74 19.72 -20.14 -22.22
CA ILE A 74 19.28 -18.95 -21.48
C ILE A 74 17.83 -18.66 -21.80
N GLY A 75 17.54 -18.57 -23.09
CA GLY A 75 16.18 -18.42 -23.59
C GLY A 75 15.70 -19.85 -23.60
N TYR A 76 15.16 -20.28 -22.45
CA TYR A 76 14.74 -21.61 -22.06
C TYR A 76 14.54 -22.67 -23.19
N VAL A 77 13.86 -22.31 -24.31
CA VAL A 77 13.56 -23.21 -25.42
C VAL A 77 14.37 -22.93 -26.71
N ALA A 78 14.56 -23.98 -27.54
CA ALA A 78 15.28 -23.91 -28.82
C ALA A 78 14.30 -23.69 -29.96
N THR A 79 14.64 -22.74 -30.89
CA THR A 79 13.90 -22.33 -32.11
C THR A 79 13.09 -23.46 -32.74
N ASP A 80 13.69 -24.68 -32.77
CA ASP A 80 13.12 -25.92 -33.26
C ASP A 80 14.05 -27.09 -32.94
N LEU A 81 13.49 -28.23 -32.50
CA LEU A 81 14.25 -29.47 -32.31
C LEU A 81 13.64 -30.61 -33.09
N THR A 82 14.47 -31.58 -33.44
CA THR A 82 14.10 -32.79 -34.16
C THR A 82 14.80 -33.95 -33.50
N VAL A 83 14.01 -34.89 -32.97
CA VAL A 83 14.45 -36.11 -32.31
C VAL A 83 14.13 -37.26 -33.24
N THR A 84 15.13 -38.10 -33.50
CA THR A 84 14.98 -39.31 -34.31
C THR A 84 15.70 -40.39 -33.53
N VAL A 85 15.00 -41.49 -33.22
CA VAL A 85 15.57 -42.59 -32.45
C VAL A 85 15.17 -43.96 -33.05
N PRO A 86 16.16 -44.86 -33.35
CA PRO A 86 15.78 -46.19 -33.87
C PRO A 86 15.11 -47.02 -32.78
N CYS A 87 13.98 -47.67 -33.10
CA CYS A 87 13.21 -48.47 -32.13
C CYS A 87 13.99 -49.60 -31.50
N GLN A 88 14.97 -50.17 -32.23
CA GLN A 88 15.83 -51.25 -31.75
C GLN A 88 16.85 -50.78 -30.69
N ALA A 89 17.00 -49.45 -30.52
CA ALA A 89 17.88 -48.85 -29.52
C ALA A 89 17.19 -48.90 -28.15
N ALA A 90 15.85 -49.02 -28.13
CA ALA A 90 15.04 -49.10 -26.91
C ALA A 90 15.39 -50.30 -26.03
N ALA A 91 16.07 -51.31 -26.60
CA ALA A 91 16.50 -52.53 -25.92
C ALA A 91 17.30 -52.30 -24.63
N GLY A 92 18.12 -51.25 -24.61
CA GLY A 92 18.96 -50.89 -23.47
C GLY A 92 18.26 -50.58 -22.17
N LEU A 93 16.92 -50.38 -22.21
CA LEU A 93 16.09 -50.07 -21.04
C LEU A 93 14.90 -51.02 -20.90
N VAL A 94 14.42 -51.57 -22.03
CA VAL A 94 13.28 -52.51 -22.11
C VAL A 94 13.79 -53.92 -21.82
N GLY A 95 14.70 -54.39 -22.70
CA GLY A 95 15.36 -55.69 -22.67
C GLY A 95 15.74 -56.21 -21.29
N PRO A 96 16.32 -55.37 -20.37
CA PRO A 96 16.67 -55.89 -19.05
C PRO A 96 15.51 -56.34 -18.15
N GLU A 97 14.45 -55.48 -17.99
CA GLU A 97 13.30 -55.67 -17.08
C GLU A 97 13.81 -55.43 -15.64
N ASN A 98 14.88 -56.16 -15.25
CA ASN A 98 15.61 -56.13 -13.99
C ASN A 98 16.32 -54.78 -13.69
N ARG A 99 16.66 -53.97 -14.74
CA ARG A 99 17.40 -52.72 -14.59
C ARG A 99 16.55 -51.48 -14.35
N ASN A 100 17.21 -50.44 -13.81
CA ASN A 100 16.65 -49.14 -13.40
C ASN A 100 16.90 -47.98 -14.39
N ARG A 101 17.34 -48.27 -15.63
CA ARG A 101 17.55 -47.24 -16.66
C ARG A 101 16.16 -46.80 -17.18
N SER A 102 15.68 -45.64 -16.71
CA SER A 102 14.34 -45.13 -16.99
C SER A 102 14.20 -44.36 -18.32
N VAL A 103 15.03 -43.32 -18.57
CA VAL A 103 14.90 -42.46 -19.75
C VAL A 103 15.87 -42.86 -20.91
N LEU A 104 15.30 -42.91 -22.13
CA LEU A 104 16.03 -43.17 -23.37
C LEU A 104 16.87 -41.91 -23.64
N LEU A 105 16.20 -40.74 -23.61
CA LEU A 105 16.72 -39.38 -23.75
C LEU A 105 15.68 -38.41 -23.21
N SER A 106 16.16 -37.30 -22.63
CA SER A 106 15.34 -36.25 -22.05
C SER A 106 16.07 -34.93 -22.17
N THR A 107 15.34 -33.81 -22.27
CA THR A 107 15.94 -32.48 -22.36
C THR A 107 16.07 -31.83 -20.97
N VAL A 108 15.75 -32.60 -19.91
CA VAL A 108 15.78 -32.22 -18.51
C VAL A 108 16.21 -33.44 -17.66
N PRO A 109 17.13 -33.32 -16.66
CA PRO A 109 17.41 -34.49 -15.80
C PRO A 109 16.14 -34.94 -15.07
N LYS A 110 15.73 -36.19 -15.37
CA LYS A 110 14.52 -36.89 -14.89
C LYS A 110 14.15 -36.64 -13.41
N GLN A 111 15.14 -36.65 -12.51
CA GLN A 111 14.95 -36.50 -11.07
C GLN A 111 14.78 -35.03 -10.57
N ALA A 112 14.72 -34.05 -11.49
CA ALA A 112 14.47 -32.65 -11.14
C ALA A 112 12.95 -32.54 -10.95
N PRO A 113 12.43 -31.98 -9.81
CA PRO A 113 10.97 -31.95 -9.58
C PRO A 113 10.12 -31.26 -10.67
N LYS A 114 10.59 -30.15 -11.25
CA LYS A 114 9.86 -29.53 -12.34
C LYS A 114 10.58 -29.91 -13.65
N ALA A 115 10.45 -31.20 -14.04
CA ALA A 115 11.07 -31.79 -15.23
C ALA A 115 9.96 -32.23 -16.17
N ILE A 116 9.10 -33.14 -15.65
CA ILE A 116 7.91 -33.72 -16.30
C ILE A 116 6.85 -32.60 -16.50
N ASP A 117 7.27 -31.33 -16.27
CA ASP A 117 6.48 -30.12 -16.36
C ASP A 117 7.11 -29.11 -17.29
N ARG A 118 8.44 -29.15 -17.49
CA ARG A 118 9.10 -28.17 -18.35
C ARG A 118 9.63 -28.71 -19.65
N GLY A 119 10.19 -29.92 -19.62
CA GLY A 119 10.82 -30.49 -20.81
C GLY A 119 10.22 -31.72 -21.47
N LEU A 120 11.05 -32.36 -22.32
CA LEU A 120 10.74 -33.55 -23.08
C LEU A 120 11.38 -34.76 -22.41
N LEU A 121 10.64 -35.87 -22.30
CA LEU A 121 11.13 -37.13 -21.74
C LEU A 121 10.60 -38.33 -22.53
N ILE A 122 11.52 -39.02 -23.23
CA ILE A 122 11.25 -40.25 -23.95
C ILE A 122 11.72 -41.29 -22.95
N GLU A 123 10.75 -41.93 -22.30
CA GLU A 123 11.05 -42.87 -21.22
C GLU A 123 10.13 -44.08 -21.14
N ARG A 124 10.56 -45.10 -20.39
CA ARG A 124 9.77 -46.29 -20.12
C ARG A 124 8.95 -46.02 -18.86
N ILE A 125 7.61 -46.03 -19.00
CA ILE A 125 6.69 -45.88 -17.88
C ILE A 125 5.75 -47.10 -17.90
N ASN A 126 5.86 -47.98 -16.87
CA ASN A 126 5.15 -49.25 -16.71
C ASN A 126 5.56 -50.20 -17.85
N ASN A 127 4.59 -50.62 -18.68
CA ASN A 127 4.79 -51.53 -19.81
C ASN A 127 4.74 -50.76 -21.16
N ASP A 128 4.98 -49.44 -21.11
CA ASP A 128 4.96 -48.55 -22.28
C ASP A 128 6.18 -47.63 -22.36
N LEU A 129 6.50 -47.19 -23.59
CA LEU A 129 7.54 -46.19 -23.88
C LEU A 129 6.74 -44.95 -24.27
N THR A 130 6.78 -43.93 -23.43
CA THR A 130 6.00 -42.72 -23.68
C THR A 130 6.86 -41.48 -23.95
N VAL A 131 6.27 -40.50 -24.64
CA VAL A 131 6.91 -39.21 -24.94
C VAL A 131 6.07 -38.15 -24.26
N ILE A 132 6.67 -37.41 -23.29
CA ILE A 132 5.96 -36.36 -22.55
C ILE A 132 6.65 -35.02 -22.77
N VAL A 133 5.89 -33.99 -23.19
CA VAL A 133 6.41 -32.65 -23.41
C VAL A 133 5.56 -31.72 -22.60
N ARG A 134 6.23 -30.91 -21.75
CA ARG A 134 5.64 -30.02 -20.76
C ARG A 134 4.96 -30.98 -19.80
N ASN A 135 3.62 -30.96 -19.64
CA ASN A 135 2.97 -31.93 -18.74
C ASN A 135 2.09 -32.94 -19.51
N THR A 136 1.92 -32.71 -20.83
CA THR A 136 1.09 -33.50 -21.73
C THR A 136 1.84 -34.61 -22.48
N PRO A 137 1.26 -35.83 -22.60
CA PRO A 137 1.96 -36.90 -23.33
C PRO A 137 1.63 -36.90 -24.82
N VAL A 138 2.67 -36.74 -25.67
CA VAL A 138 2.58 -36.70 -27.14
C VAL A 138 2.19 -38.09 -27.71
N VAL A 139 3.09 -39.08 -27.63
CA VAL A 139 2.86 -40.44 -28.14
C VAL A 139 3.03 -41.49 -27.06
N SER A 140 2.51 -42.72 -27.30
CA SER A 140 2.61 -43.83 -26.36
C SER A 140 2.47 -45.16 -27.09
N ALA A 141 3.44 -46.08 -26.89
CA ALA A 141 3.42 -47.39 -27.51
C ALA A 141 3.94 -48.46 -26.56
N PRO A 142 3.22 -49.61 -26.39
CA PRO A 142 3.72 -50.66 -25.49
C PRO A 142 5.03 -51.27 -25.98
N LEU A 143 6.01 -51.37 -25.06
CA LEU A 143 7.39 -51.85 -25.23
C LEU A 143 7.56 -53.08 -26.12
N GLU A 144 6.52 -53.92 -26.21
CA GLU A 144 6.48 -55.11 -27.08
C GLU A 144 6.44 -54.62 -28.52
N GLN A 145 5.36 -53.88 -28.90
CA GLN A 145 5.14 -53.28 -30.22
C GLN A 145 6.24 -52.31 -30.64
N VAL A 146 7.05 -51.82 -29.66
CA VAL A 146 8.17 -50.90 -29.89
C VAL A 146 9.32 -51.67 -30.54
N LEU A 147 9.66 -52.86 -30.00
CA LEU A 147 10.79 -53.68 -30.47
C LEU A 147 10.42 -54.90 -31.30
N SER A 148 9.46 -55.70 -30.84
CA SER A 148 9.02 -56.97 -31.43
C SER A 148 8.70 -56.97 -32.96
N PRO A 149 8.07 -55.95 -33.60
CA PRO A 149 7.79 -56.08 -35.05
C PRO A 149 9.01 -55.86 -35.95
N ASP A 150 10.03 -55.12 -35.43
CA ASP A 150 11.32 -54.78 -36.08
C ASP A 150 11.19 -53.90 -37.34
N CYS A 151 10.05 -53.20 -37.51
CA CYS A 151 9.82 -52.30 -38.64
C CYS A 151 9.44 -50.88 -38.14
N ARG A 152 10.01 -50.47 -36.98
CA ARG A 152 9.69 -49.19 -36.36
C ARG A 152 10.91 -48.33 -35.99
N TYR A 153 10.66 -47.02 -35.75
CA TYR A 153 11.57 -45.94 -35.29
C TYR A 153 10.73 -44.74 -34.84
N LEU A 154 11.16 -44.05 -33.77
CA LEU A 154 10.43 -42.91 -33.23
C LEU A 154 11.00 -41.55 -33.63
N THR A 155 10.13 -40.67 -34.15
CA THR A 155 10.46 -39.31 -34.54
C THR A 155 9.62 -38.33 -33.75
N PHE A 156 10.19 -37.15 -33.46
CA PHE A 156 9.55 -36.10 -32.69
C PHE A 156 10.12 -34.72 -33.02
N THR A 157 9.26 -33.70 -33.17
CA THR A 157 9.66 -32.33 -33.47
C THR A 157 8.92 -31.31 -32.59
N ALA A 158 9.64 -30.25 -32.17
CA ALA A 158 9.11 -29.19 -31.32
C ALA A 158 9.12 -27.83 -31.99
N HIS A 159 7.91 -27.35 -32.31
CA HIS A 159 7.68 -26.06 -32.95
C HIS A 159 6.69 -25.26 -32.17
N ALA A 160 6.87 -23.93 -32.20
CA ALA A 160 6.01 -22.98 -31.50
C ALA A 160 4.51 -23.13 -31.78
N ASP A 161 4.15 -23.53 -33.01
CA ASP A 161 2.75 -23.70 -33.43
C ASP A 161 2.16 -25.06 -33.04
N LYS A 162 2.94 -26.15 -33.24
CA LYS A 162 2.50 -27.51 -32.90
C LYS A 162 3.66 -28.45 -32.59
N VAL A 163 3.49 -29.29 -31.54
CA VAL A 163 4.46 -30.29 -31.11
C VAL A 163 3.99 -31.69 -31.55
N THR A 164 4.84 -32.44 -32.26
CA THR A 164 4.44 -33.74 -32.78
C THR A 164 5.52 -34.81 -32.65
N GLY A 165 5.04 -36.04 -32.44
CA GLY A 165 5.82 -37.26 -32.32
C GLY A 165 5.07 -38.39 -32.98
N GLU A 166 5.78 -39.45 -33.41
CA GLU A 166 5.17 -40.58 -34.12
C GLU A 166 6.02 -41.84 -34.06
N PHE A 167 5.37 -42.99 -33.79
CA PHE A 167 5.97 -44.31 -33.80
C PHE A 167 5.71 -44.83 -35.21
N VAL A 168 6.60 -44.42 -36.13
CA VAL A 168 6.55 -44.72 -37.57
C VAL A 168 6.56 -46.22 -37.84
N GLY A 169 5.58 -46.68 -38.62
CA GLY A 169 5.46 -48.08 -39.00
C GLY A 169 4.56 -48.91 -38.11
N LEU A 170 4.11 -48.31 -37.00
CA LEU A 170 3.24 -48.93 -36.02
C LEU A 170 1.82 -48.39 -36.14
N THR A 171 0.82 -49.25 -35.96
CA THR A 171 -0.59 -48.89 -36.02
C THR A 171 -1.26 -49.38 -34.74
N GLN A 172 -2.08 -48.54 -34.10
CA GLN A 172 -2.73 -48.93 -32.85
C GLN A 172 -4.12 -49.53 -33.08
N GLY A 173 -4.41 -50.59 -32.34
CA GLY A 173 -5.65 -51.36 -32.42
C GLY A 173 -6.90 -50.68 -31.88
N PRO A 174 -7.87 -51.46 -31.33
CA PRO A 174 -9.11 -50.84 -30.84
C PRO A 174 -8.96 -49.99 -29.57
N ASP A 175 -8.92 -48.65 -29.76
CA ASP A 175 -8.78 -47.60 -28.72
C ASP A 175 -9.03 -46.17 -29.27
N ASP A 176 -8.42 -45.13 -28.64
CA ASP A 176 -8.53 -43.70 -28.98
C ASP A 176 -8.02 -43.39 -30.39
N ASP A 177 -6.89 -44.03 -30.76
CA ASP A 177 -6.25 -43.95 -32.08
C ASP A 177 -7.18 -44.69 -33.02
N ASP A 178 -7.63 -44.03 -34.12
CA ASP A 178 -8.50 -44.65 -35.14
C ASP A 178 -7.78 -45.91 -35.61
N PRO A 179 -8.30 -47.11 -35.28
CA PRO A 179 -7.55 -48.34 -35.58
C PRO A 179 -6.99 -48.43 -37.00
N GLY A 180 -5.70 -48.77 -37.07
CA GLY A 180 -4.98 -48.88 -38.34
C GLY A 180 -4.14 -47.67 -38.69
N GLU A 181 -4.56 -46.47 -38.21
CA GLU A 181 -3.82 -45.22 -38.46
C GLU A 181 -2.55 -45.23 -37.64
N ALA A 182 -1.48 -44.62 -38.16
CA ALA A 182 -0.16 -44.55 -37.53
C ALA A 182 -0.21 -44.10 -36.07
N VAL A 183 0.65 -44.71 -35.22
CA VAL A 183 0.75 -44.38 -33.80
C VAL A 183 1.43 -43.00 -33.74
N ARG A 184 0.61 -41.96 -33.89
CA ARG A 184 1.01 -40.56 -33.91
C ARG A 184 0.25 -39.83 -32.81
N GLY A 185 0.74 -38.63 -32.51
CA GLY A 185 0.18 -37.72 -31.53
C GLY A 185 0.74 -36.35 -31.84
N GLU A 186 -0.14 -35.35 -31.96
CA GLU A 186 0.28 -33.96 -32.17
C GLU A 186 -0.60 -32.99 -31.39
N ARG A 187 0.01 -31.93 -30.84
CA ARG A 187 -0.72 -30.93 -30.06
C ARG A 187 -0.38 -29.52 -30.52
N SER A 188 -1.41 -28.73 -30.80
CA SER A 188 -1.27 -27.33 -31.24
C SER A 188 -2.05 -26.39 -30.33
N GLY A 189 -2.09 -25.11 -30.70
CA GLY A 189 -2.80 -24.08 -29.97
C GLY A 189 -2.17 -23.75 -28.62
N TYR A 190 -0.85 -23.92 -28.53
CA TYR A 190 0.00 -23.66 -27.36
C TYR A 190 1.46 -23.93 -27.74
N ASP A 191 2.39 -23.05 -27.29
CA ASP A 191 3.82 -23.26 -27.51
C ASP A 191 4.27 -24.34 -26.52
N PHE A 192 4.44 -25.58 -27.03
CA PHE A 192 4.82 -26.72 -26.20
C PHE A 192 6.31 -27.01 -26.18
N ARG A 193 7.12 -26.19 -26.90
CA ARG A 193 8.58 -26.35 -26.99
C ARG A 193 9.21 -26.68 -25.62
N PRO A 194 9.88 -27.85 -25.46
CA PRO A 194 10.45 -28.18 -24.15
C PRO A 194 11.64 -27.29 -23.76
N GLN A 195 11.85 -27.13 -22.44
CA GLN A 195 12.98 -26.40 -21.89
C GLN A 195 14.19 -27.34 -21.99
N ILE A 196 15.29 -26.85 -22.58
CA ILE A 196 16.50 -27.65 -22.76
C ILE A 196 17.64 -27.18 -21.84
N VAL A 197 18.11 -28.10 -20.99
CA VAL A 197 19.27 -27.90 -20.10
C VAL A 197 20.36 -28.91 -20.52
N GLY A 198 20.13 -29.52 -21.68
CA GLY A 198 21.00 -30.51 -22.32
C GLY A 198 20.21 -31.68 -22.87
N VAL A 199 20.88 -32.84 -22.98
CA VAL A 199 20.29 -34.11 -23.44
C VAL A 199 20.79 -35.19 -22.49
N PHE A 200 19.87 -35.78 -21.74
CA PHE A 200 20.17 -36.73 -20.68
C PHE A 200 19.64 -38.11 -20.96
N THR A 201 20.54 -39.08 -20.86
CA THR A 201 20.27 -40.51 -21.05
C THR A 201 20.90 -41.30 -19.92
N ASP A 202 20.16 -42.25 -19.34
CA ASP A 202 20.74 -43.08 -18.31
C ASP A 202 21.22 -44.42 -18.92
N LEU A 203 21.16 -44.51 -20.27
CA LEU A 203 21.62 -45.62 -21.09
C LEU A 203 23.06 -45.33 -21.54
N SER A 204 23.89 -46.37 -21.67
CA SER A 204 25.29 -46.22 -22.08
C SER A 204 25.73 -47.30 -23.07
N GLY A 205 26.97 -47.16 -23.55
CA GLY A 205 27.58 -48.08 -24.48
C GLY A 205 27.66 -47.53 -25.90
N PRO A 206 27.67 -48.40 -26.93
CA PRO A 206 27.73 -47.89 -28.31
C PRO A 206 26.41 -47.24 -28.75
N ALA A 207 26.51 -46.19 -29.58
CA ALA A 207 25.37 -45.43 -30.09
C ALA A 207 25.00 -45.89 -31.52
N PRO A 208 23.71 -46.22 -31.80
CA PRO A 208 23.35 -46.71 -33.14
C PRO A 208 22.88 -45.64 -34.13
N GLU A 209 22.90 -45.98 -35.44
CA GLU A 209 22.45 -45.06 -36.49
C GLU A 209 20.94 -44.92 -36.49
N GLY A 210 20.52 -43.68 -36.35
CA GLY A 210 19.13 -43.26 -36.27
C GLY A 210 19.05 -42.13 -35.27
N LEU A 211 19.79 -42.27 -34.15
CA LEU A 211 19.87 -41.29 -33.07
C LEU A 211 20.51 -40.00 -33.56
N GLN A 212 19.66 -38.99 -33.76
CA GLN A 212 20.05 -37.67 -34.22
C GLN A 212 19.12 -36.63 -33.59
N LEU A 213 19.64 -35.88 -32.62
CA LEU A 213 18.93 -34.79 -31.98
C LEU A 213 19.53 -33.52 -32.58
N SER A 214 18.70 -32.70 -33.24
CA SER A 214 19.21 -31.49 -33.87
C SER A 214 18.37 -30.27 -33.51
N ALA A 215 18.69 -29.69 -32.35
CA ALA A 215 18.04 -28.50 -31.80
C ALA A 215 18.78 -27.24 -32.24
N THR A 216 18.07 -26.29 -32.89
CA THR A 216 18.64 -25.01 -33.31
C THR A 216 18.53 -24.08 -32.13
N ILE A 217 19.66 -23.72 -31.52
CA ILE A 217 19.71 -22.83 -30.35
C ILE A 217 19.19 -21.44 -30.79
N ASP A 218 18.49 -20.70 -29.89
CA ASP A 218 17.98 -19.37 -30.22
C ASP A 218 19.14 -18.38 -30.26
N THR A 219 19.78 -18.36 -31.42
CA THR A 219 20.98 -17.62 -31.78
C THR A 219 20.76 -16.11 -32.00
N ARG A 220 19.48 -15.62 -32.04
CA ARG A 220 19.19 -14.19 -32.22
C ARG A 220 19.81 -13.38 -31.02
N TYR A 221 20.01 -12.06 -31.20
CA TYR A 221 20.67 -11.18 -30.21
C TYR A 221 22.19 -11.38 -30.26
N SER A 222 22.65 -12.60 -30.64
CA SER A 222 24.06 -12.93 -30.83
C SER A 222 24.40 -12.56 -32.29
N THR A 223 24.51 -11.22 -32.53
CA THR A 223 24.79 -10.61 -33.83
C THR A 223 25.90 -9.56 -33.74
N SER A 224 26.49 -9.23 -34.92
CA SER A 224 27.56 -8.26 -35.17
C SER A 224 27.17 -7.43 -36.42
N PRO A 225 27.44 -6.10 -36.48
CA PRO A 225 26.99 -5.31 -37.64
C PRO A 225 27.57 -5.70 -38.99
N THR A 226 26.71 -5.68 -40.02
CA THR A 226 27.08 -5.96 -41.41
C THR A 226 27.87 -4.74 -41.91
N LEU A 227 28.80 -4.95 -42.86
CA LEU A 227 29.63 -3.90 -43.47
C LEU A 227 28.78 -2.69 -43.88
N LEU A 228 27.57 -2.96 -44.45
CA LEU A 228 26.59 -1.93 -44.84
C LEU A 228 26.05 -1.19 -43.60
N LYS A 229 25.65 -1.92 -42.53
CA LYS A 229 25.15 -1.34 -41.27
C LYS A 229 26.24 -0.51 -40.56
N LEU A 230 27.52 -0.93 -40.66
CA LEU A 230 28.65 -0.20 -40.08
C LEU A 230 28.97 1.03 -40.93
N LEU A 231 28.72 0.97 -42.25
CA LEU A 231 28.96 2.08 -43.18
C LEU A 231 28.06 3.27 -42.85
N ALA A 232 26.73 3.06 -42.88
CA ALA A 232 25.72 4.10 -42.58
C ALA A 232 25.88 4.70 -41.19
N MET A 233 26.44 3.93 -40.23
CA MET A 233 26.70 4.37 -38.86
C MET A 233 27.86 5.36 -38.81
N ILE A 234 29.06 4.94 -39.25
CA ILE A 234 30.28 5.76 -39.28
C ILE A 234 30.10 6.96 -40.21
N VAL A 235 29.45 6.75 -41.38
CA VAL A 235 29.16 7.80 -42.35
C VAL A 235 28.11 8.76 -41.79
N GLY A 236 27.00 8.20 -41.29
CA GLY A 236 25.88 8.95 -40.72
C GLY A 236 26.20 9.76 -39.48
N VAL A 237 27.05 9.24 -38.57
CA VAL A 237 27.43 9.95 -37.35
C VAL A 237 28.41 11.09 -37.69
N ALA A 238 29.32 10.88 -38.68
CA ALA A 238 30.25 11.89 -39.15
C ALA A 238 29.46 12.95 -39.93
N MET A 239 28.44 12.50 -40.70
CA MET A 239 27.49 13.32 -41.47
C MET A 239 26.76 14.30 -40.56
N THR A 240 26.40 13.86 -39.33
CA THR A 240 25.72 14.67 -38.32
C THR A 240 26.68 15.76 -37.83
N VAL A 241 27.98 15.42 -37.57
CA VAL A 241 29.02 16.37 -37.13
C VAL A 241 29.25 17.41 -38.23
N ILE A 242 29.15 16.97 -39.50
CA ILE A 242 29.26 17.78 -40.71
C ILE A 242 28.04 18.71 -40.82
N ALA A 243 26.84 18.20 -40.50
CA ALA A 243 25.58 18.96 -40.48
C ALA A 243 25.60 20.02 -39.37
N LEU A 244 26.07 19.63 -38.17
CA LEU A 244 26.19 20.47 -36.97
C LEU A 244 27.35 21.47 -37.05
N GLY A 245 28.38 21.13 -37.83
CA GLY A 245 29.51 22.02 -38.06
C GLY A 245 29.08 23.18 -38.93
N ALA A 246 28.13 22.90 -39.85
CA ALA A 246 27.51 23.86 -40.77
C ALA A 246 26.57 24.80 -40.00
N LEU A 247 25.96 24.29 -38.91
CA LEU A 247 25.06 25.06 -38.05
C LEU A 247 25.87 25.94 -37.09
N HIS A 248 27.08 25.50 -36.70
CA HIS A 248 28.00 26.23 -35.80
C HIS A 248 28.43 27.56 -36.38
N VAL A 249 28.70 27.59 -37.69
CA VAL A 249 29.14 28.79 -38.39
C VAL A 249 27.99 29.79 -38.68
N LEU A 250 26.74 29.43 -38.36
CA LEU A 250 25.58 30.26 -38.69
C LEU A 250 25.33 31.47 -37.76
N ASP A 251 25.89 31.51 -36.54
CA ASP A 251 25.78 32.72 -35.69
C ASP A 251 27.08 33.49 -35.90
N CYS A 252 28.16 32.76 -36.21
CA CYS A 252 29.47 33.28 -36.56
C CYS A 252 29.35 33.99 -37.92
N ALA A 253 28.32 33.61 -38.71
CA ALA A 253 27.96 34.21 -40.00
C ALA A 253 27.00 35.37 -39.77
N ASP A 254 26.17 35.29 -38.72
CA ASP A 254 25.22 36.36 -38.36
C ASP A 254 25.92 37.46 -37.55
N GLY A 255 27.13 37.18 -37.08
CA GLY A 255 27.96 38.09 -36.29
C GLY A 255 27.90 37.86 -34.80
N ARG A 256 28.95 38.34 -34.08
CA ARG A 256 29.18 38.34 -32.61
C ARG A 256 30.47 37.65 -32.17
N ARG A 257 31.01 38.11 -31.02
CA ARG A 257 32.21 37.60 -30.36
C ARG A 257 31.93 36.20 -29.81
N HIS A 258 32.98 35.35 -29.72
CA HIS A 258 32.88 33.97 -29.22
C HIS A 258 32.34 33.92 -27.79
N LYS A 259 31.57 32.83 -27.47
CA LYS A 259 30.92 32.54 -26.18
C LYS A 259 31.68 33.13 -24.99
N ARG A 260 31.03 34.07 -24.27
CA ARG A 260 31.59 34.88 -23.18
C ARG A 260 31.62 34.26 -21.77
N PHE A 261 30.71 33.30 -21.47
CA PHE A 261 30.56 32.63 -20.17
C PHE A 261 30.37 31.10 -20.30
N LEU A 262 29.72 30.65 -21.40
CA LEU A 262 29.40 29.24 -21.74
C LEU A 262 30.66 28.32 -21.88
N PRO A 263 31.87 28.74 -22.41
CA PRO A 263 32.99 27.78 -22.47
C PRO A 263 33.44 27.30 -21.09
N SER A 264 33.92 28.22 -20.21
CA SER A 264 34.37 27.87 -18.87
C SER A 264 34.29 29.06 -17.89
N ARG A 265 33.51 28.92 -16.81
CA ARG A 265 33.42 29.91 -15.74
C ARG A 265 34.61 29.64 -14.81
N TRP A 266 35.24 30.68 -14.24
CA TRP A 266 36.41 30.51 -13.36
C TRP A 266 36.14 29.57 -12.18
N TRP A 267 36.67 28.34 -12.32
CA TRP A 267 36.63 27.21 -11.39
C TRP A 267 37.62 27.47 -10.24
N SER A 268 37.22 27.14 -9.00
CA SER A 268 38.04 27.31 -7.78
C SER A 268 37.47 26.44 -6.62
N MET A 269 37.72 26.86 -5.37
CA MET A 269 37.20 26.23 -4.14
C MET A 269 36.45 27.28 -3.31
N THR A 270 35.73 26.82 -2.26
CA THR A 270 34.91 27.63 -1.37
C THR A 270 34.77 26.77 -0.10
N PRO A 271 34.61 27.33 1.14
CA PRO A 271 34.41 26.46 2.31
C PRO A 271 33.30 25.40 2.08
N LEU A 272 32.18 25.84 1.46
CA LEU A 272 31.03 25.03 1.08
C LEU A 272 31.44 23.94 0.05
N ASP A 273 32.26 24.30 -0.99
CA ASP A 273 32.75 23.39 -2.04
C ASP A 273 33.59 22.26 -1.48
N GLY A 274 34.24 22.54 -0.35
CA GLY A 274 35.06 21.55 0.36
C GLY A 274 34.17 20.54 1.07
N LEU A 275 33.26 21.04 1.93
CA LEU A 275 32.26 20.31 2.72
C LEU A 275 31.37 19.44 1.84
N VAL A 276 31.01 19.95 0.64
CA VAL A 276 30.19 19.22 -0.32
C VAL A 276 30.98 17.97 -0.76
N SER A 277 32.19 18.19 -1.33
CA SER A 277 33.11 17.18 -1.82
C SER A 277 33.63 16.26 -0.70
N ALA A 278 33.63 16.76 0.58
CA ALA A 278 34.01 16.00 1.78
C ALA A 278 32.95 14.90 1.96
N MET A 279 31.66 15.31 1.97
CA MET A 279 30.47 14.47 2.06
C MET A 279 30.49 13.50 0.90
N LEU A 280 30.61 14.01 -0.36
CA LEU A 280 30.69 13.21 -1.59
C LEU A 280 31.74 12.07 -1.49
N VAL A 281 33.01 12.43 -1.14
CA VAL A 281 34.16 11.52 -1.03
C VAL A 281 34.07 10.59 0.19
N TRP A 282 33.63 11.10 1.35
CA TRP A 282 33.48 10.25 2.53
C TRP A 282 32.42 9.18 2.33
N TRP A 283 31.27 9.56 1.71
CA TRP A 283 30.16 8.68 1.38
C TRP A 283 30.69 7.54 0.50
N HIS A 284 31.50 7.89 -0.53
CA HIS A 284 32.12 6.93 -1.44
C HIS A 284 32.77 5.74 -0.73
N PHE A 285 33.13 5.90 0.57
CA PHE A 285 33.73 4.84 1.39
C PHE A 285 32.79 4.31 2.47
N VAL A 286 32.25 5.21 3.32
CA VAL A 286 31.42 4.84 4.45
C VAL A 286 29.92 4.61 4.12
N GLY A 287 29.38 5.39 3.18
CA GLY A 287 27.98 5.36 2.81
C GLY A 287 27.48 4.16 2.04
N ALA A 288 26.12 4.00 2.07
CA ALA A 288 25.30 2.96 1.45
C ALA A 288 25.11 3.14 -0.05
N ASN A 289 25.29 2.04 -0.80
CA ASN A 289 25.14 2.00 -2.25
C ASN A 289 23.69 1.66 -2.71
N THR A 290 23.41 1.65 -4.06
CA THR A 290 22.07 1.28 -4.56
C THR A 290 21.85 -0.24 -4.46
N ALA A 291 20.59 -0.70 -4.53
CA ALA A 291 20.28 -2.13 -4.43
C ALA A 291 20.62 -2.91 -5.70
N ASP A 292 20.72 -2.20 -6.83
CA ASP A 292 20.95 -2.80 -8.13
C ASP A 292 22.38 -2.80 -8.64
N ASP A 293 23.31 -2.03 -8.01
CA ASP A 293 24.70 -1.98 -8.50
C ASP A 293 25.33 -3.36 -8.70
N GLY A 294 24.83 -4.38 -8.00
CA GLY A 294 25.29 -5.76 -8.16
C GLY A 294 24.83 -6.35 -9.49
N TYR A 295 23.52 -6.19 -9.78
CA TYR A 295 22.82 -6.62 -11.00
C TYR A 295 23.58 -6.04 -12.21
N ILE A 296 23.77 -4.69 -12.24
CA ILE A 296 24.43 -3.94 -13.30
C ILE A 296 25.89 -4.43 -13.51
N LEU A 297 26.64 -4.59 -12.38
CA LEU A 297 28.01 -5.07 -12.37
C LEU A 297 28.09 -6.40 -13.11
N THR A 298 27.43 -7.46 -12.56
CA THR A 298 27.39 -8.84 -13.09
C THR A 298 26.87 -8.90 -14.51
N MET A 299 26.02 -7.93 -14.90
CA MET A 299 25.48 -7.80 -16.24
C MET A 299 26.61 -7.39 -17.18
N ALA A 300 27.34 -6.29 -16.81
CA ALA A 300 28.48 -5.72 -17.53
C ALA A 300 29.67 -6.67 -17.54
N ARG A 301 29.85 -7.43 -16.45
CA ARG A 301 30.91 -8.41 -16.26
C ARG A 301 30.91 -9.50 -17.34
N VAL A 302 29.71 -10.04 -17.67
CA VAL A 302 29.52 -11.12 -18.65
C VAL A 302 29.24 -10.60 -20.08
N SER A 303 29.03 -9.26 -20.21
CA SER A 303 28.68 -8.50 -21.42
C SER A 303 29.54 -8.80 -22.65
N GLU A 304 30.87 -8.78 -22.47
CA GLU A 304 31.89 -8.96 -23.54
C GLU A 304 31.87 -10.33 -24.22
N HIS A 305 32.00 -11.43 -23.44
CA HIS A 305 32.00 -12.81 -23.95
C HIS A 305 30.67 -13.14 -24.64
N ALA A 306 29.54 -12.64 -24.07
CA ALA A 306 28.17 -12.81 -24.55
C ALA A 306 27.95 -12.38 -26.00
N GLY A 307 28.60 -11.29 -26.41
CA GLY A 307 28.49 -10.73 -27.75
C GLY A 307 27.42 -9.66 -27.87
N TYR A 308 26.73 -9.40 -26.73
CA TYR A 308 25.64 -8.43 -26.57
C TYR A 308 25.28 -8.18 -25.08
N MET A 309 24.53 -7.07 -24.83
CA MET A 309 24.10 -6.63 -23.49
C MET A 309 22.80 -7.32 -23.04
N ALA A 310 22.91 -8.59 -22.70
CA ALA A 310 21.74 -9.35 -22.25
C ALA A 310 21.40 -9.02 -20.81
N ASN A 311 20.09 -9.01 -20.53
CA ASN A 311 19.63 -8.87 -19.16
C ASN A 311 19.86 -10.28 -18.65
N TYR A 312 20.87 -10.39 -17.81
CA TYR A 312 21.38 -11.64 -17.30
C TYR A 312 20.41 -12.40 -16.36
N TYR A 313 19.76 -11.70 -15.45
CA TYR A 313 18.91 -12.33 -14.46
C TYR A 313 17.44 -12.53 -14.81
N ARG A 314 16.99 -12.08 -16.00
CA ARG A 314 15.57 -12.14 -16.38
C ARG A 314 15.28 -12.01 -17.88
N TRP A 315 14.02 -12.28 -18.22
CA TRP A 315 13.41 -12.18 -19.52
C TRP A 315 14.02 -13.08 -20.58
N PHE A 316 14.47 -14.30 -20.16
CA PHE A 316 15.01 -15.37 -21.04
C PHE A 316 16.22 -14.89 -21.86
N GLY A 317 17.12 -14.19 -21.15
CA GLY A 317 18.34 -13.60 -21.70
C GLY A 317 18.15 -12.53 -22.77
N THR A 318 16.94 -11.90 -22.87
CA THR A 318 16.70 -10.83 -23.87
C THR A 318 17.55 -9.62 -23.52
N PRO A 319 17.96 -8.76 -24.51
CA PRO A 319 18.89 -7.66 -24.18
C PRO A 319 18.31 -6.51 -23.38
N GLU A 320 19.11 -5.45 -23.18
CA GLU A 320 18.66 -4.22 -22.56
C GLU A 320 18.06 -3.35 -23.66
N SER A 321 18.23 -3.81 -24.93
CA SER A 321 17.75 -3.26 -26.19
C SER A 321 18.00 -1.75 -26.31
N PRO A 322 17.13 -0.76 -25.93
CA PRO A 322 17.56 0.63 -26.10
C PRO A 322 18.47 1.11 -24.96
N PHE A 323 18.18 0.65 -23.74
CA PHE A 323 18.82 1.05 -22.49
C PHE A 323 20.19 0.44 -22.17
N GLY A 324 20.88 1.08 -21.21
CA GLY A 324 22.18 0.68 -20.67
C GLY A 324 23.36 0.70 -21.60
N TRP A 325 23.61 1.85 -22.26
CA TRP A 325 24.77 2.00 -23.15
C TRP A 325 26.05 2.18 -22.34
N TYR A 326 25.92 2.79 -21.15
CA TYR A 326 27.04 3.02 -20.24
C TYR A 326 27.40 1.73 -19.51
N TYR A 327 26.57 0.67 -19.64
CA TYR A 327 26.84 -0.64 -19.06
C TYR A 327 28.06 -1.22 -19.81
N ASP A 328 28.13 -0.95 -21.15
CA ASP A 328 29.23 -1.33 -22.06
C ASP A 328 30.49 -0.60 -21.62
N LEU A 329 30.33 0.65 -21.14
CA LEU A 329 31.43 1.49 -20.65
C LEU A 329 31.89 0.99 -19.26
N LEU A 330 30.94 0.52 -18.42
CA LEU A 330 31.23 -0.04 -17.10
C LEU A 330 31.95 -1.36 -17.25
N ALA A 331 31.62 -2.12 -18.32
CA ALA A 331 32.20 -3.41 -18.70
C ALA A 331 33.71 -3.25 -18.95
N LEU A 332 34.09 -2.16 -19.66
CA LEU A 332 35.47 -1.77 -19.99
C LEU A 332 36.21 -1.34 -18.73
N TRP A 333 35.52 -0.60 -17.85
CA TRP A 333 36.04 -0.09 -16.58
C TRP A 333 36.37 -1.19 -15.58
N ALA A 334 35.63 -2.32 -15.64
CA ALA A 334 35.81 -3.50 -14.78
C ALA A 334 37.19 -4.13 -15.02
N HIS A 335 37.72 -4.00 -16.27
CA HIS A 335 39.03 -4.51 -16.68
C HIS A 335 40.14 -4.01 -15.80
N VAL A 336 40.04 -2.74 -15.34
CA VAL A 336 40.99 -2.12 -14.42
C VAL A 336 40.84 -2.87 -13.09
N SER A 337 39.70 -2.69 -12.39
CA SER A 337 39.37 -3.40 -11.15
C SER A 337 37.87 -3.47 -10.94
N THR A 338 37.44 -4.34 -10.02
CA THR A 338 36.05 -4.59 -9.63
C THR A 338 36.04 -4.43 -8.11
N ALA A 339 35.75 -3.22 -7.66
CA ALA A 339 35.67 -2.86 -6.25
C ALA A 339 34.64 -1.75 -6.17
N SER A 340 33.80 -1.73 -5.10
CA SER A 340 32.77 -0.69 -4.92
C SER A 340 33.37 0.70 -5.19
N VAL A 341 34.59 0.96 -4.65
CA VAL A 341 35.36 2.21 -4.78
C VAL A 341 35.82 2.49 -6.22
N TRP A 342 36.24 1.44 -6.97
CA TRP A 342 36.64 1.66 -8.35
C TRP A 342 35.43 1.87 -9.24
N MET A 343 34.50 0.89 -9.26
CA MET A 343 33.29 0.86 -10.08
C MET A 343 32.37 2.09 -9.87
N ARG A 344 32.22 2.56 -8.62
CA ARG A 344 31.38 3.73 -8.29
C ARG A 344 32.15 5.06 -8.44
N PHE A 345 33.41 5.00 -8.89
CA PHE A 345 34.24 6.18 -9.07
C PHE A 345 33.75 7.13 -10.18
N PRO A 346 33.21 6.70 -11.37
CA PRO A 346 32.70 7.70 -12.32
C PRO A 346 31.50 8.42 -11.71
N THR A 347 30.76 7.69 -10.85
CA THR A 347 29.60 8.15 -10.07
C THR A 347 30.03 9.14 -8.99
N LEU A 348 31.29 9.02 -8.49
CA LEU A 348 31.86 9.95 -7.51
C LEU A 348 32.18 11.25 -8.23
N LEU A 349 32.78 11.13 -9.42
CA LEU A 349 33.14 12.26 -10.29
C LEU A 349 31.90 12.97 -10.81
N MET A 350 30.82 12.21 -11.05
CA MET A 350 29.53 12.75 -11.49
C MET A 350 28.90 13.65 -10.43
N GLY A 351 28.99 13.24 -9.16
CA GLY A 351 28.47 13.99 -8.01
C GLY A 351 29.16 15.33 -7.88
N LEU A 352 30.50 15.31 -8.08
CA LEU A 352 31.40 16.47 -8.07
C LEU A 352 31.07 17.36 -9.26
N ALA A 353 30.98 16.76 -10.47
CA ALA A 353 30.63 17.45 -11.71
C ALA A 353 29.28 18.12 -11.53
N CYS A 354 28.37 17.45 -10.80
CA CYS A 354 27.02 17.92 -10.51
C CYS A 354 27.04 19.17 -9.64
N TRP A 355 27.75 19.14 -8.48
CA TRP A 355 27.82 20.32 -7.62
C TRP A 355 28.37 21.48 -8.39
N TRP A 356 29.44 21.21 -9.16
CA TRP A 356 30.10 22.16 -10.03
C TRP A 356 29.05 22.86 -10.94
N VAL A 357 28.33 22.07 -11.75
CA VAL A 357 27.31 22.57 -12.67
C VAL A 357 26.29 23.44 -11.93
N ILE A 358 25.76 22.96 -10.78
CA ILE A 358 24.77 23.72 -9.99
C ILE A 358 25.34 25.06 -9.53
N SER A 359 26.43 25.02 -8.75
CA SER A 359 27.05 26.18 -8.14
C SER A 359 27.66 27.22 -9.11
N ARG A 360 28.23 26.76 -10.23
CA ARG A 360 28.91 27.63 -11.19
C ARG A 360 28.12 27.94 -12.47
N GLU A 361 27.26 27.02 -12.92
CA GLU A 361 26.53 27.27 -14.16
C GLU A 361 25.05 27.60 -13.92
N VAL A 362 24.40 26.84 -13.01
CA VAL A 362 22.97 27.01 -12.73
C VAL A 362 22.67 28.25 -11.89
N ILE A 363 23.15 28.30 -10.62
CA ILE A 363 22.88 29.38 -9.68
C ILE A 363 23.25 30.77 -10.24
N PRO A 364 24.46 31.03 -10.83
CA PRO A 364 24.72 32.37 -11.37
C PRO A 364 23.71 32.80 -12.43
N ARG A 365 23.15 31.84 -13.19
CA ARG A 365 22.16 32.05 -14.25
C ARG A 365 20.75 32.33 -13.69
N LEU A 366 20.44 31.76 -12.52
CA LEU A 366 19.14 31.83 -11.86
C LEU A 366 18.68 33.25 -11.44
N GLY A 367 19.59 34.19 -11.29
CA GLY A 367 19.25 35.56 -10.94
C GLY A 367 20.27 36.26 -10.07
N ALA A 368 19.99 37.52 -9.68
CA ALA A 368 20.90 38.30 -8.82
C ALA A 368 20.79 37.78 -7.39
N ALA A 369 19.56 37.66 -6.83
CA ALA A 369 19.35 37.15 -5.47
C ALA A 369 19.89 35.75 -5.29
N ALA A 370 19.78 34.87 -6.31
CA ALA A 370 20.31 33.50 -6.30
C ALA A 370 21.86 33.49 -6.23
N LYS A 371 22.48 34.24 -7.15
CA LYS A 371 23.91 34.45 -7.32
C LYS A 371 24.52 35.09 -6.07
N HIS A 372 23.84 36.07 -5.46
CA HIS A 372 24.34 36.81 -4.31
C HIS A 372 24.06 36.18 -2.94
N SER A 373 22.91 35.49 -2.78
CA SER A 373 22.52 34.84 -1.50
C SER A 373 23.36 33.61 -1.22
N ARG A 374 24.00 33.60 -0.03
CA ARG A 374 24.80 32.46 0.38
C ARG A 374 23.91 31.31 0.87
N ALA A 375 22.74 31.65 1.46
CA ALA A 375 21.74 30.66 1.91
C ALA A 375 21.20 29.88 0.70
N ALA A 376 21.14 30.54 -0.47
CA ALA A 376 20.71 29.94 -1.73
C ALA A 376 21.74 28.92 -2.20
N ALA A 377 23.02 29.12 -1.85
CA ALA A 377 24.06 28.15 -2.20
C ALA A 377 24.13 27.02 -1.17
N TRP A 378 23.74 27.32 0.08
CA TRP A 378 23.72 26.37 1.19
C TRP A 378 22.56 25.45 1.11
N THR A 379 21.39 25.95 0.67
CA THR A 379 20.18 25.14 0.46
C THR A 379 20.42 24.27 -0.78
N ALA A 380 20.98 24.88 -1.87
CA ALA A 380 21.32 24.20 -3.12
C ALA A 380 22.19 22.95 -2.88
N ALA A 381 23.23 23.08 -2.04
CA ALA A 381 24.14 22.01 -1.65
C ALA A 381 23.42 21.01 -0.73
N GLY A 382 22.68 21.54 0.23
CA GLY A 382 21.92 20.79 1.21
C GLY A 382 20.92 19.83 0.61
N LEU A 383 20.08 20.33 -0.33
CA LEU A 383 19.08 19.50 -1.01
C LEU A 383 19.73 18.57 -2.01
N PHE A 384 20.71 19.06 -2.82
CA PHE A 384 21.42 18.23 -3.78
C PHE A 384 22.07 17.02 -3.09
N LEU A 385 22.77 17.25 -1.96
CA LEU A 385 23.42 16.17 -1.20
C LEU A 385 22.43 15.19 -0.55
N ALA A 386 21.22 15.69 -0.15
CA ALA A 386 20.11 14.94 0.47
C ALA A 386 19.50 13.94 -0.53
N PHE A 387 19.79 14.18 -1.82
CA PHE A 387 19.38 13.37 -2.95
C PHE A 387 20.56 12.49 -3.36
N TRP A 388 21.68 13.12 -3.77
CA TRP A 388 22.86 12.38 -4.24
C TRP A 388 23.33 11.26 -3.31
N LEU A 389 23.50 11.54 -2.01
CA LEU A 389 24.04 10.56 -1.08
C LEU A 389 23.14 9.33 -0.93
N PRO A 390 21.87 9.39 -0.43
CA PRO A 390 21.12 8.14 -0.30
C PRO A 390 20.71 7.45 -1.60
N LEU A 391 20.32 8.22 -2.65
CA LEU A 391 19.77 7.67 -3.92
C LEU A 391 20.74 7.36 -5.09
N ASN A 392 21.93 8.04 -5.16
CA ASN A 392 22.84 7.85 -6.30
C ASN A 392 24.21 7.19 -6.01
N ASN A 393 24.44 6.57 -4.84
CA ASN A 393 25.75 5.94 -4.59
C ASN A 393 25.92 4.56 -5.26
N GLY A 394 25.85 4.47 -6.59
CA GLY A 394 25.97 3.16 -7.24
C GLY A 394 25.99 3.13 -8.76
N LEU A 395 25.82 1.91 -9.32
CA LEU A 395 25.92 1.67 -10.78
C LEU A 395 24.61 1.91 -11.56
N ARG A 396 23.55 2.36 -10.89
CA ARG A 396 22.26 2.67 -11.52
C ARG A 396 22.33 3.91 -12.45
N PRO A 397 21.39 4.10 -13.42
CA PRO A 397 21.49 5.24 -14.34
C PRO A 397 21.19 6.60 -13.73
N GLU A 398 20.45 6.66 -12.57
CA GLU A 398 20.09 7.90 -11.85
C GLU A 398 21.19 8.97 -11.87
N PRO A 399 22.47 8.74 -11.40
CA PRO A 399 23.50 9.81 -11.46
C PRO A 399 23.72 10.40 -12.85
N ILE A 400 23.79 9.54 -13.89
CA ILE A 400 23.97 9.91 -15.30
C ILE A 400 22.80 10.82 -15.74
N ILE A 401 21.56 10.47 -15.33
CA ILE A 401 20.36 11.24 -15.68
C ILE A 401 20.29 12.56 -14.89
N ALA A 402 20.53 12.51 -13.56
CA ALA A 402 20.51 13.65 -12.64
C ALA A 402 21.40 14.78 -13.09
N LEU A 403 22.54 14.43 -13.70
CA LEU A 403 23.54 15.36 -14.21
C LEU A 403 23.27 15.70 -15.67
N GLY A 404 22.67 14.75 -16.38
CA GLY A 404 22.29 14.90 -17.77
C GLY A 404 21.20 15.93 -17.97
N ILE A 405 20.20 15.96 -17.05
CA ILE A 405 19.10 16.94 -17.08
C ILE A 405 19.64 18.37 -16.81
N LEU A 406 20.75 18.49 -16.05
CA LEU A 406 21.38 19.79 -15.77
C LEU A 406 22.12 20.30 -16.98
N LEU A 407 22.78 19.39 -17.71
CA LEU A 407 23.55 19.70 -18.92
C LEU A 407 22.63 20.08 -20.06
N THR A 408 21.49 19.38 -20.21
CA THR A 408 20.49 19.72 -21.22
C THR A 408 20.06 21.17 -20.96
N TRP A 409 19.60 21.46 -19.71
CA TRP A 409 19.13 22.77 -19.28
C TRP A 409 20.15 23.85 -19.54
N CYS A 410 21.40 23.65 -19.07
CA CYS A 410 22.51 24.58 -19.25
C CYS A 410 22.75 24.92 -20.73
N SER A 411 22.84 23.89 -21.60
CA SER A 411 23.05 24.06 -23.05
C SER A 411 21.97 24.91 -23.72
N VAL A 412 20.67 24.69 -23.37
CA VAL A 412 19.55 25.50 -23.90
C VAL A 412 19.69 26.93 -23.32
N GLU A 413 19.78 27.02 -21.98
CA GLU A 413 19.91 28.24 -21.19
C GLU A 413 21.02 29.13 -21.68
N ARG A 414 22.12 28.53 -22.14
CA ARG A 414 23.29 29.27 -22.62
C ARG A 414 23.18 29.55 -24.14
N GLY A 415 22.49 28.68 -24.88
CA GLY A 415 22.25 28.86 -26.30
C GLY A 415 21.05 29.74 -26.62
N VAL A 416 20.29 30.12 -25.58
CA VAL A 416 19.11 30.98 -25.66
C VAL A 416 19.54 32.44 -25.46
N ALA A 417 20.56 32.63 -24.62
CA ALA A 417 21.14 33.90 -24.29
C ALA A 417 22.12 34.37 -25.38
N THR A 418 22.64 33.42 -26.18
CA THR A 418 23.61 33.69 -27.26
C THR A 418 23.01 33.55 -28.66
N SER A 419 21.67 33.33 -28.75
CA SER A 419 20.90 33.13 -29.99
C SER A 419 21.55 32.11 -30.97
N ARG A 420 22.42 31.26 -30.44
CA ARG A 420 23.14 30.21 -31.14
C ARG A 420 22.31 28.91 -31.11
N LEU A 421 22.07 28.31 -32.28
CA LEU A 421 21.29 27.09 -32.36
C LEU A 421 22.07 25.84 -32.03
N LEU A 422 23.40 25.82 -32.25
CA LEU A 422 24.23 24.66 -31.92
C LEU A 422 24.03 24.22 -30.45
N PRO A 423 24.11 25.13 -29.42
CA PRO A 423 23.90 24.68 -28.02
C PRO A 423 22.51 24.05 -27.75
N VAL A 424 21.47 24.45 -28.52
CA VAL A 424 20.12 23.89 -28.44
C VAL A 424 20.16 22.46 -29.02
N ALA A 425 20.94 22.28 -30.11
CA ALA A 425 21.13 20.96 -30.74
C ALA A 425 21.96 20.04 -29.85
N VAL A 426 22.94 20.61 -29.10
CA VAL A 426 23.81 19.88 -28.16
C VAL A 426 22.94 19.34 -27.02
N ALA A 427 22.05 20.20 -26.49
CA ALA A 427 21.10 19.85 -25.44
C ALA A 427 20.29 18.62 -25.82
N ILE A 428 19.71 18.61 -27.06
CA ILE A 428 18.93 17.51 -27.65
C ILE A 428 19.70 16.18 -27.54
N ILE A 429 21.00 16.20 -27.92
CA ILE A 429 21.91 15.04 -27.88
C ILE A 429 22.10 14.56 -26.44
N ILE A 430 22.31 15.51 -25.48
CA ILE A 430 22.47 15.21 -24.05
C ILE A 430 21.18 14.56 -23.52
N GLY A 431 20.03 15.11 -23.94
CA GLY A 431 18.70 14.65 -23.56
C GLY A 431 18.36 13.29 -24.12
N ALA A 432 18.80 13.03 -25.37
CA ALA A 432 18.60 11.77 -26.09
C ALA A 432 19.45 10.63 -25.46
N LEU A 433 20.67 10.97 -25.03
CA LEU A 433 21.60 10.04 -24.40
C LEU A 433 21.16 9.69 -23.00
N THR A 434 20.67 10.67 -22.24
CA THR A 434 20.18 10.42 -20.89
C THR A 434 18.85 9.68 -20.90
N LEU A 435 18.03 9.87 -21.96
CA LEU A 435 16.73 9.19 -22.06
C LEU A 435 16.93 7.68 -22.11
N PHE A 436 17.90 7.24 -22.93
CA PHE A 436 18.23 5.84 -23.13
C PHE A 436 19.34 5.34 -22.19
N SER A 437 19.55 6.08 -21.08
CA SER A 437 20.48 5.75 -20.00
C SER A 437 19.90 4.50 -19.29
N GLY A 438 18.63 4.61 -18.90
CA GLY A 438 17.81 3.59 -18.26
C GLY A 438 16.35 3.91 -18.55
N PRO A 439 15.36 3.05 -18.18
CA PRO A 439 13.94 3.40 -18.45
C PRO A 439 13.53 4.68 -17.71
N THR A 440 14.11 4.88 -16.51
CA THR A 440 13.94 6.06 -15.66
C THR A 440 14.46 7.36 -16.36
N GLY A 441 14.92 7.21 -17.60
CA GLY A 441 15.46 8.28 -18.43
C GLY A 441 14.44 9.27 -18.92
N ILE A 442 13.13 8.89 -18.93
CA ILE A 442 12.02 9.76 -19.35
C ILE A 442 11.92 11.07 -18.58
N ALA A 443 12.55 11.17 -17.38
CA ALA A 443 12.57 12.40 -16.61
C ALA A 443 13.26 13.50 -17.45
N ALA A 444 14.19 13.08 -18.36
CA ALA A 444 14.93 13.91 -19.34
C ALA A 444 13.99 14.56 -20.33
N VAL A 445 12.80 13.98 -20.57
CA VAL A 445 11.75 14.56 -21.40
C VAL A 445 11.36 15.93 -20.81
N GLY A 446 11.44 16.05 -19.47
CA GLY A 446 11.22 17.30 -18.74
C GLY A 446 12.09 18.41 -19.31
N ALA A 447 13.43 18.19 -19.30
CA ALA A 447 14.45 19.08 -19.87
C ALA A 447 14.29 19.32 -21.37
N LEU A 448 13.86 18.28 -22.11
CA LEU A 448 13.68 18.29 -23.56
C LEU A 448 12.47 19.09 -24.01
N LEU A 449 11.29 18.81 -23.47
CA LEU A 449 10.07 19.53 -23.87
C LEU A 449 10.20 21.03 -23.63
N VAL A 450 10.84 21.37 -22.51
CA VAL A 450 11.09 22.75 -22.10
C VAL A 450 11.99 23.47 -23.16
N ALA A 451 12.92 22.69 -23.83
CA ALA A 451 13.84 23.15 -24.88
C ALA A 451 13.11 23.58 -26.19
N ILE A 452 11.87 23.09 -26.41
CA ILE A 452 11.01 23.41 -27.56
C ILE A 452 10.72 24.92 -27.65
N GLY A 453 10.20 25.49 -26.56
CA GLY A 453 9.91 26.92 -26.44
C GLY A 453 11.07 27.80 -26.89
N PRO A 454 12.27 27.71 -26.25
CA PRO A 454 13.42 28.51 -26.69
C PRO A 454 13.91 28.15 -28.10
N LEU A 455 13.70 26.89 -28.59
CA LEU A 455 14.13 26.51 -29.93
C LEU A 455 13.35 27.27 -30.99
N LYS A 456 12.02 27.40 -30.83
CA LYS A 456 11.20 28.18 -31.77
C LYS A 456 11.56 29.67 -31.66
N THR A 457 12.04 30.11 -30.48
CA THR A 457 12.45 31.48 -30.19
C THR A 457 13.78 31.75 -30.91
N ILE A 458 14.77 30.84 -30.77
CA ILE A 458 16.10 30.97 -31.39
C ILE A 458 16.01 30.82 -32.90
N VAL A 459 15.23 29.82 -33.37
CA VAL A 459 15.07 29.57 -34.80
C VAL A 459 14.26 30.67 -35.48
N ALA A 460 13.30 31.32 -34.81
CA ALA A 460 12.50 32.37 -35.45
C ALA A 460 13.12 33.76 -35.39
N ALA A 461 13.99 34.01 -34.40
CA ALA A 461 14.63 35.32 -34.24
C ALA A 461 15.91 35.45 -35.09
N HIS A 462 16.66 34.33 -35.19
CA HIS A 462 17.92 34.19 -35.91
C HIS A 462 17.66 33.47 -37.26
N VAL A 463 16.37 33.36 -37.66
CA VAL A 463 15.95 32.77 -38.93
C VAL A 463 16.51 33.58 -40.09
N SER A 464 16.63 34.93 -39.92
CA SER A 464 17.16 35.99 -40.82
C SER A 464 17.10 35.65 -42.33
N ARG A 465 15.97 35.03 -42.74
CA ARG A 465 15.65 34.53 -44.09
C ARG A 465 16.76 33.57 -44.58
N PHE A 466 16.90 32.42 -43.86
CA PHE A 466 17.86 31.33 -44.08
C PHE A 466 17.15 30.06 -44.52
N GLY A 467 15.83 30.04 -44.37
CA GLY A 467 14.99 28.90 -44.71
C GLY A 467 14.93 27.93 -43.55
N TYR A 468 13.76 27.31 -43.35
CA TYR A 468 13.54 26.37 -42.26
C TYR A 468 14.48 25.15 -42.38
N TRP A 469 14.62 24.62 -43.61
CA TRP A 469 15.46 23.47 -43.98
C TRP A 469 16.94 23.61 -43.59
N ALA A 470 17.48 24.83 -43.57
CA ALA A 470 18.89 25.08 -43.26
C ALA A 470 19.24 25.01 -41.78
N LEU A 471 18.33 25.49 -40.91
CA LEU A 471 18.54 25.54 -39.46
C LEU A 471 17.97 24.32 -38.73
N LEU A 472 16.93 23.65 -39.30
CA LEU A 472 16.27 22.50 -38.68
C LEU A 472 16.80 21.13 -39.07
N ALA A 473 17.30 20.95 -40.32
CA ALA A 473 17.88 19.68 -40.75
C ALA A 473 19.04 19.25 -39.84
N PRO A 474 20.02 20.12 -39.46
CA PRO A 474 21.08 19.67 -38.53
C PRO A 474 20.58 19.29 -37.13
N ILE A 475 19.47 19.92 -36.63
CA ILE A 475 18.88 19.57 -35.31
C ILE A 475 18.06 18.25 -35.45
N ALA A 476 17.46 18.01 -36.63
CA ALA A 476 16.73 16.78 -36.94
C ALA A 476 17.73 15.62 -36.99
N ALA A 477 18.99 15.90 -37.39
CA ALA A 477 20.09 14.95 -37.42
C ALA A 477 20.59 14.69 -36.00
N ALA A 478 20.62 15.78 -35.17
CA ALA A 478 21.04 15.78 -33.77
C ALA A 478 20.09 14.97 -32.92
N GLY A 479 18.83 14.93 -33.33
CA GLY A 479 17.80 14.14 -32.68
C GLY A 479 18.00 12.65 -32.91
N THR A 480 18.03 12.27 -34.20
CA THR A 480 18.19 10.91 -34.69
C THR A 480 19.59 10.27 -34.41
N VAL A 481 20.61 11.11 -34.08
CA VAL A 481 21.99 10.66 -33.85
C VAL A 481 22.15 9.56 -32.73
N THR A 482 21.16 9.40 -31.83
CA THR A 482 21.25 8.38 -30.78
C THR A 482 20.83 6.99 -31.33
N ILE A 483 20.07 6.95 -32.45
CA ILE A 483 19.64 5.70 -33.12
C ILE A 483 20.86 4.90 -33.64
N PHE A 484 22.03 5.54 -33.73
CA PHE A 484 23.30 4.90 -34.12
C PHE A 484 23.81 4.14 -32.93
N LEU A 485 23.67 4.74 -31.72
CA LEU A 485 24.10 4.15 -30.45
C LEU A 485 23.15 3.05 -29.98
N ILE A 486 21.84 3.36 -29.86
CA ILE A 486 20.78 2.43 -29.41
C ILE A 486 20.85 1.12 -30.19
N PHE A 487 20.88 1.23 -31.53
CA PHE A 487 20.87 0.11 -32.47
C PHE A 487 22.27 -0.30 -33.01
N ARG A 488 23.36 0.06 -32.27
CA ARG A 488 24.75 -0.27 -32.65
C ARG A 488 24.99 -1.79 -32.85
N ASP A 489 24.30 -2.66 -32.06
CA ASP A 489 24.47 -4.10 -32.21
C ASP A 489 23.17 -4.86 -32.50
N GLN A 490 22.00 -4.37 -32.00
CA GLN A 490 20.73 -5.07 -32.21
C GLN A 490 19.85 -4.45 -33.29
N THR A 491 19.11 -5.32 -34.01
CA THR A 491 18.23 -4.94 -35.12
C THR A 491 16.88 -4.45 -34.59
N LEU A 492 16.16 -3.57 -35.37
CA LEU A 492 14.85 -3.02 -34.98
C LEU A 492 13.91 -4.08 -34.46
N ALA A 493 13.71 -5.16 -35.25
CA ALA A 493 12.84 -6.29 -34.88
C ALA A 493 13.30 -6.82 -33.54
N ALA A 494 14.57 -7.25 -33.41
CA ALA A 494 15.14 -7.77 -32.16
C ALA A 494 14.74 -6.99 -30.91
N GLU A 495 14.97 -5.64 -30.94
CA GLU A 495 14.70 -4.68 -29.86
C GLU A 495 13.24 -4.52 -29.56
N LEU A 496 12.42 -4.28 -30.63
CA LEU A 496 10.97 -4.12 -30.53
C LEU A 496 10.31 -5.36 -29.95
N GLN A 497 10.62 -6.54 -30.53
CA GLN A 497 10.12 -7.86 -30.15
C GLN A 497 10.49 -8.18 -28.73
N ALA A 498 11.76 -7.88 -28.34
CA ALA A 498 12.26 -8.10 -27.00
C ALA A 498 11.55 -7.20 -26.00
N SER A 499 11.39 -5.89 -26.31
CA SER A 499 10.70 -4.97 -25.40
C SER A 499 9.22 -5.33 -25.17
N SER A 500 8.51 -5.69 -26.25
CA SER A 500 7.12 -6.14 -26.18
C SER A 500 7.01 -7.46 -25.38
N PHE A 501 8.11 -8.26 -25.33
CA PHE A 501 8.12 -9.49 -24.56
C PHE A 501 8.40 -9.14 -23.14
N LYS A 502 9.54 -8.45 -22.84
CA LYS A 502 9.97 -8.02 -21.50
C LYS A 502 8.83 -7.40 -20.69
N SER A 503 7.89 -6.75 -21.39
CA SER A 503 6.71 -6.16 -20.78
C SER A 503 5.72 -7.28 -20.42
N ALA A 504 5.31 -8.08 -21.44
CA ALA A 504 4.42 -9.22 -21.29
C ALA A 504 4.87 -10.14 -20.14
N VAL A 505 6.09 -10.69 -20.22
CA VAL A 505 6.65 -11.61 -19.20
C VAL A 505 6.80 -10.94 -17.81
N GLY A 506 7.83 -10.14 -17.62
CA GLY A 506 8.18 -9.55 -16.33
C GLY A 506 7.26 -8.51 -15.76
N PRO A 507 7.76 -7.78 -14.73
CA PRO A 507 6.94 -6.74 -14.10
C PRO A 507 6.95 -5.43 -14.86
N SER A 508 5.77 -5.07 -15.35
CA SER A 508 5.46 -3.89 -16.14
C SER A 508 4.25 -3.27 -15.46
N LEU A 509 4.27 -1.94 -15.26
CA LEU A 509 3.17 -1.17 -14.64
C LEU A 509 2.76 -0.01 -15.55
N ALA A 510 1.59 0.61 -15.27
CA ALA A 510 1.00 1.65 -16.13
C ALA A 510 1.12 3.07 -15.63
N TRP A 511 0.88 4.09 -16.53
CA TRP A 511 0.91 5.52 -16.16
C TRP A 511 0.12 5.79 -14.84
N PHE A 512 -1.02 5.11 -14.68
CA PHE A 512 -1.94 5.28 -13.55
C PHE A 512 -1.53 4.50 -12.34
N ASP A 513 -0.36 3.82 -12.40
CA ASP A 513 0.17 3.03 -11.31
C ASP A 513 1.20 3.76 -10.47
N GLU A 514 1.65 4.92 -10.96
CA GLU A 514 2.61 5.77 -10.27
C GLU A 514 2.22 6.08 -8.80
N HIS A 515 0.97 5.82 -8.38
CA HIS A 515 0.65 6.04 -6.98
C HIS A 515 1.52 5.11 -6.12
N ILE A 516 1.81 3.87 -6.59
CA ILE A 516 2.67 2.85 -5.94
C ILE A 516 4.01 3.47 -5.53
N ARG A 517 4.74 4.12 -6.49
CA ARG A 517 6.02 4.79 -6.25
C ARG A 517 5.97 5.61 -4.96
N TYR A 518 4.87 6.33 -4.71
CA TYR A 518 4.69 7.19 -3.55
C TYR A 518 4.15 6.43 -2.35
N SER A 519 3.44 5.34 -2.60
CA SER A 519 2.90 4.54 -1.53
C SER A 519 4.05 3.74 -0.89
N ARG A 520 5.11 3.42 -1.71
CA ARG A 520 6.35 2.72 -1.34
C ARG A 520 7.17 3.65 -0.48
N LEU A 521 7.21 4.94 -0.85
CA LEU A 521 7.91 5.98 -0.13
C LEU A 521 7.38 6.14 1.30
N PHE A 522 6.16 5.73 1.57
CA PHE A 522 5.67 5.89 2.92
C PHE A 522 5.69 4.60 3.70
N THR A 523 6.56 3.67 3.30
CA THR A 523 6.61 2.41 4.04
C THR A 523 7.72 2.45 5.08
N THR A 524 7.53 1.78 6.22
CA THR A 524 8.56 1.68 7.24
C THR A 524 9.50 0.61 6.70
N SER A 525 10.38 0.97 5.75
CA SER A 525 11.21 0.05 5.01
C SER A 525 12.44 0.79 4.44
N PRO A 526 13.37 0.14 3.63
CA PRO A 526 14.49 0.89 3.04
C PRO A 526 14.07 1.83 1.91
N ASP A 527 12.83 1.68 1.38
CA ASP A 527 12.25 2.48 0.30
C ASP A 527 11.45 3.61 0.86
N GLY A 528 11.11 3.47 2.12
CA GLY A 528 10.41 4.50 2.87
C GLY A 528 11.26 5.12 3.96
N SER A 529 12.58 4.91 3.85
CA SER A 529 13.61 5.41 4.77
C SER A 529 13.53 6.92 4.99
N VAL A 530 13.91 7.42 6.21
CA VAL A 530 13.94 8.85 6.58
C VAL A 530 14.61 9.64 5.45
N ALA A 531 15.78 9.14 5.01
CA ALA A 531 16.62 9.67 3.95
C ALA A 531 15.87 9.96 2.68
N ARG A 532 15.08 8.98 2.22
CA ARG A 532 14.28 8.98 0.98
C ARG A 532 13.02 9.83 1.05
N ARG A 533 12.29 9.76 2.21
CA ARG A 533 11.08 10.56 2.48
C ARG A 533 11.47 12.03 2.41
N PHE A 534 12.41 12.45 3.28
CA PHE A 534 12.94 13.80 3.35
C PHE A 534 13.34 14.40 1.97
N ALA A 535 14.12 13.66 1.16
CA ALA A 535 14.56 14.15 -0.14
C ALA A 535 13.40 14.62 -0.98
N VAL A 536 12.43 13.70 -1.26
CA VAL A 536 11.21 13.92 -2.05
C VAL A 536 10.37 15.03 -1.43
N LEU A 537 9.89 14.82 -0.18
CA LEU A 537 9.06 15.75 0.60
C LEU A 537 9.54 17.19 0.56
N THR A 538 10.87 17.40 0.73
CA THR A 538 11.52 18.72 0.73
C THR A 538 11.57 19.32 -0.71
N LEU A 539 11.84 18.50 -1.75
CA LEU A 539 11.85 18.97 -3.14
C LEU A 539 10.45 19.39 -3.53
N LEU A 540 9.42 18.71 -2.99
CA LEU A 540 8.02 19.06 -3.24
C LEU A 540 7.74 20.40 -2.59
N LEU A 541 8.21 20.61 -1.34
CA LEU A 541 8.07 21.90 -0.62
C LEU A 541 8.80 23.01 -1.35
N ALA A 542 10.02 22.74 -1.85
CA ALA A 542 10.81 23.67 -2.63
C ALA A 542 10.04 24.05 -3.89
N LEU A 543 9.49 23.05 -4.60
CA LEU A 543 8.70 23.24 -5.80
C LEU A 543 7.45 24.04 -5.52
N ALA A 544 6.72 23.68 -4.44
CA ALA A 544 5.48 24.34 -4.00
C ALA A 544 5.64 25.82 -3.70
N VAL A 545 6.64 26.18 -2.88
CA VAL A 545 6.91 27.59 -2.53
C VAL A 545 7.35 28.36 -3.79
N SER A 546 8.04 27.70 -4.72
CA SER A 546 8.48 28.30 -5.97
C SER A 546 7.31 28.57 -6.91
N ILE A 547 6.36 27.60 -7.05
CA ILE A 547 5.14 27.78 -7.83
C ILE A 547 4.37 28.97 -7.21
N ALA A 548 3.98 28.82 -5.92
CA ALA A 548 3.23 29.79 -5.14
C ALA A 548 3.75 31.23 -5.27
N MET A 549 5.10 31.42 -5.25
CA MET A 549 5.76 32.72 -5.40
C MET A 549 5.60 33.29 -6.82
N THR A 550 5.84 32.43 -7.83
CA THR A 550 5.72 32.70 -9.26
C THR A 550 4.26 33.03 -9.62
N LEU A 551 3.33 32.75 -8.68
CA LEU A 551 1.91 33.08 -8.84
C LEU A 551 1.67 34.44 -8.21
N ARG A 552 2.00 34.63 -6.92
CA ARG A 552 1.77 35.90 -6.23
C ARG A 552 2.43 37.07 -6.97
N LYS A 553 3.76 36.96 -7.19
CA LYS A 553 4.59 37.90 -7.95
C LYS A 553 4.74 37.25 -9.34
N GLY A 554 5.31 37.96 -10.31
CA GLY A 554 5.43 37.45 -11.67
C GLY A 554 6.34 36.25 -11.80
N ARG A 555 7.41 36.31 -11.04
CA ARG A 555 8.46 35.32 -10.88
C ARG A 555 8.96 35.53 -9.45
N ILE A 556 9.94 34.71 -9.02
CA ILE A 556 10.54 34.85 -7.69
C ILE A 556 11.29 36.22 -7.68
N PRO A 557 10.93 37.16 -6.78
CA PRO A 557 11.54 38.49 -6.79
C PRO A 557 13.00 38.65 -7.29
N GLY A 558 14.01 38.14 -6.60
CA GLY A 558 15.38 38.37 -7.07
C GLY A 558 15.88 37.50 -8.20
N THR A 559 14.95 36.82 -8.88
CA THR A 559 15.22 35.83 -9.91
C THR A 559 15.20 36.36 -11.37
N ALA A 560 16.02 35.71 -12.22
CA ALA A 560 16.09 35.95 -13.66
C ALA A 560 14.85 35.23 -14.20
N LEU A 561 13.98 35.94 -14.95
CA LEU A 561 12.69 35.40 -15.45
C LEU A 561 12.77 34.00 -16.09
N GLY A 562 13.30 33.91 -17.31
CA GLY A 562 13.45 32.69 -18.11
C GLY A 562 14.08 31.50 -17.41
N PRO A 563 15.32 31.60 -16.84
CA PRO A 563 15.94 30.42 -16.17
C PRO A 563 15.07 29.78 -15.08
N SER A 564 14.63 30.59 -14.08
CA SER A 564 13.78 30.13 -12.97
C SER A 564 12.51 29.39 -13.44
N ARG A 565 11.78 29.98 -14.40
CA ARG A 565 10.55 29.38 -14.94
C ARG A 565 10.86 28.05 -15.58
N ARG A 566 12.04 27.95 -16.24
CA ARG A 566 12.43 26.72 -16.93
C ARG A 566 12.95 25.66 -16.00
N ILE A 567 13.36 26.04 -14.80
CA ILE A 567 13.79 25.07 -13.81
C ILE A 567 12.54 24.43 -13.21
N ILE A 568 11.53 25.25 -12.82
CA ILE A 568 10.23 24.81 -12.30
C ILE A 568 9.54 23.95 -13.38
N GLY A 569 9.64 24.40 -14.63
CA GLY A 569 9.11 23.70 -15.80
C GLY A 569 9.61 22.28 -15.89
N ILE A 570 10.94 22.11 -16.05
CA ILE A 570 11.65 20.82 -16.10
C ILE A 570 11.29 19.94 -14.90
N THR A 571 11.19 20.52 -13.67
CA THR A 571 10.79 19.75 -12.49
C THR A 571 9.32 19.24 -12.58
N ILE A 572 8.36 20.12 -12.95
CA ILE A 572 6.95 19.74 -13.12
C ILE A 572 6.84 18.63 -14.18
N ILE A 573 7.29 18.90 -15.42
CA ILE A 573 7.28 17.92 -16.52
C ILE A 573 7.97 16.61 -16.09
N SER A 574 9.18 16.67 -15.48
CA SER A 574 9.92 15.51 -15.02
C SER A 574 9.13 14.60 -14.09
N PHE A 575 8.48 15.18 -13.05
CA PHE A 575 7.67 14.48 -12.06
C PHE A 575 6.53 13.75 -12.73
N LEU A 576 5.88 14.38 -13.73
CA LEU A 576 4.79 13.76 -14.48
C LEU A 576 5.31 12.68 -15.42
N ALA A 577 6.37 12.99 -16.18
CA ALA A 577 7.01 12.06 -17.10
C ALA A 577 7.32 10.76 -16.40
N MET A 578 7.76 10.82 -15.13
CA MET A 578 8.10 9.66 -14.31
C MET A 578 7.03 8.58 -14.21
N MET A 579 5.74 8.97 -14.36
CA MET A 579 4.61 8.07 -14.25
C MET A 579 4.63 6.98 -15.27
N PHE A 580 5.31 7.20 -16.39
CA PHE A 580 5.39 6.24 -17.46
C PHE A 580 6.41 5.09 -17.25
N THR A 581 7.35 5.16 -16.25
CA THR A 581 8.29 4.04 -15.94
C THR A 581 7.56 2.65 -15.69
N PRO A 582 8.13 1.50 -16.17
CA PRO A 582 7.47 0.19 -15.99
C PRO A 582 7.46 -0.36 -14.58
N THR A 583 8.32 0.20 -13.71
CA THR A 583 8.53 -0.20 -12.30
C THR A 583 8.54 1.02 -11.40
N LYS A 584 7.85 0.93 -10.26
CA LYS A 584 7.65 2.05 -9.36
C LYS A 584 8.44 1.98 -8.07
N TRP A 585 9.77 2.23 -8.13
CA TRP A 585 10.66 2.27 -6.98
C TRP A 585 10.97 3.69 -6.55
N THR A 586 11.35 3.85 -5.29
CA THR A 586 11.70 5.14 -4.73
C THR A 586 13.16 5.51 -5.06
N HIS A 587 14.00 4.50 -5.33
CA HIS A 587 15.38 4.78 -5.68
C HIS A 587 15.48 5.50 -7.03
N HIS A 588 14.34 5.77 -7.66
CA HIS A 588 14.24 6.48 -8.93
C HIS A 588 14.20 7.96 -8.66
N PHE A 589 13.84 8.35 -7.44
CA PHE A 589 13.81 9.77 -7.10
C PHE A 589 15.19 10.45 -7.29
N GLY A 590 16.27 9.65 -7.28
CA GLY A 590 17.65 10.06 -7.53
C GLY A 590 17.87 10.72 -8.88
N VAL A 591 16.81 10.73 -9.71
CA VAL A 591 16.79 11.39 -11.01
C VAL A 591 16.68 12.93 -10.78
N PHE A 592 15.99 13.30 -9.70
CA PHE A 592 15.73 14.67 -9.27
C PHE A 592 16.91 15.40 -8.63
N ALA A 593 18.05 14.68 -8.36
CA ALA A 593 19.29 15.19 -7.73
C ALA A 593 19.80 16.56 -8.28
N GLY A 594 19.76 16.73 -9.61
CA GLY A 594 20.15 17.96 -10.30
C GLY A 594 19.19 19.11 -10.05
N LEU A 595 17.93 18.90 -10.44
CA LEU A 595 16.84 19.86 -10.25
C LEU A 595 16.57 20.20 -8.76
N ALA A 596 17.04 19.34 -7.84
CA ALA A 596 16.91 19.54 -6.40
C ALA A 596 17.78 20.73 -5.96
N GLY A 597 19.02 20.77 -6.46
CA GLY A 597 19.97 21.83 -6.18
C GLY A 597 19.42 23.16 -6.63
N CYS A 598 18.97 23.20 -7.89
CA CYS A 598 18.37 24.36 -8.56
C CYS A 598 17.13 24.85 -7.84
N LEU A 599 16.28 23.93 -7.35
CA LEU A 599 15.10 24.33 -6.59
C LEU A 599 15.43 24.77 -5.17
N GLY A 600 16.54 24.24 -4.62
CA GLY A 600 17.06 24.61 -3.31
C GLY A 600 17.41 26.09 -3.32
N ALA A 601 18.16 26.51 -4.36
CA ALA A 601 18.54 27.89 -4.62
C ALA A 601 17.30 28.80 -4.69
N LEU A 602 16.35 28.48 -5.58
CA LEU A 602 15.10 29.19 -5.81
C LEU A 602 14.22 29.34 -4.57
N ALA A 603 13.93 28.22 -3.86
CA ALA A 603 13.09 28.19 -2.67
C ALA A 603 13.62 29.11 -1.56
N ALA A 604 14.96 29.08 -1.33
CA ALA A 604 15.68 29.90 -0.36
C ALA A 604 15.51 31.40 -0.69
N VAL A 605 15.72 31.76 -1.98
CA VAL A 605 15.58 33.10 -2.54
C VAL A 605 14.13 33.57 -2.43
N ALA A 606 13.16 32.66 -2.64
CA ALA A 606 11.72 32.96 -2.56
C ALA A 606 11.22 33.21 -1.13
N VAL A 607 11.93 32.63 -0.14
CA VAL A 607 11.55 32.66 1.27
C VAL A 607 12.37 33.70 2.09
N THR A 608 13.31 34.43 1.44
CA THR A 608 14.10 35.48 2.11
C THR A 608 13.24 36.70 2.40
N THR A 609 13.51 37.32 3.56
CA THR A 609 12.94 38.55 4.14
C THR A 609 12.48 39.62 3.08
N THR A 610 13.31 39.81 2.03
CA THR A 610 13.16 40.74 0.91
C THR A 610 12.09 40.27 -0.07
N ALA A 611 12.13 38.97 -0.45
CA ALA A 611 11.18 38.33 -1.36
C ALA A 611 9.84 38.06 -0.64
N MET A 612 9.86 37.19 0.40
CA MET A 612 8.68 36.92 1.20
C MET A 612 8.68 37.96 2.30
N LYS A 613 7.84 38.98 2.14
CA LYS A 613 7.80 40.12 3.04
C LYS A 613 7.06 39.86 4.36
N SER A 614 5.98 39.02 4.38
CA SER A 614 5.29 38.74 5.64
C SER A 614 6.08 37.77 6.54
N ARG A 615 6.30 38.20 7.83
CA ARG A 615 6.98 37.41 8.85
C ARG A 615 6.12 36.16 9.13
N ARG A 616 4.78 36.35 9.29
CA ARG A 616 3.76 35.31 9.49
C ARG A 616 3.84 34.26 8.37
N ASN A 617 4.02 34.73 7.12
CA ASN A 617 4.16 33.83 5.98
C ASN A 617 5.47 33.07 6.03
N ARG A 618 6.57 33.72 6.44
CA ARG A 618 7.85 33.06 6.56
C ARG A 618 7.83 32.05 7.69
N THR A 619 7.01 32.33 8.73
CA THR A 619 6.84 31.45 9.89
C THR A 619 6.09 30.19 9.49
N VAL A 620 4.95 30.32 8.73
CA VAL A 620 4.24 29.13 8.29
C VAL A 620 5.12 28.27 7.37
N PHE A 621 5.92 28.90 6.50
CA PHE A 621 6.82 28.13 5.65
C PHE A 621 7.76 27.29 6.48
N GLY A 622 8.27 27.86 7.58
CA GLY A 622 9.17 27.17 8.50
C GLY A 622 8.47 25.98 9.11
N ALA A 623 7.23 26.21 9.61
CA ALA A 623 6.35 25.17 10.18
C ALA A 623 6.23 24.00 9.17
N ALA A 624 6.11 24.30 7.84
CA ALA A 624 6.07 23.28 6.79
C ALA A 624 7.37 22.47 6.72
N VAL A 625 8.56 23.13 6.78
CA VAL A 625 9.89 22.48 6.76
C VAL A 625 10.08 21.57 7.98
N LEU A 626 9.60 22.03 9.14
CA LEU A 626 9.62 21.25 10.37
C LEU A 626 8.75 20.00 10.18
N PHE A 627 7.50 20.16 9.61
CA PHE A 627 6.53 19.09 9.32
C PHE A 627 7.02 18.07 8.32
N VAL A 628 7.63 18.46 7.17
CA VAL A 628 8.14 17.44 6.24
C VAL A 628 9.16 16.57 6.95
N THR A 629 9.98 17.18 7.84
CA THR A 629 10.98 16.47 8.65
C THR A 629 10.31 15.65 9.76
N ALA A 630 9.17 16.15 10.31
CA ALA A 630 8.37 15.42 11.32
C ALA A 630 7.91 14.11 10.66
N LEU A 631 7.35 14.23 9.43
CA LEU A 631 6.87 13.12 8.63
C LEU A 631 8.01 12.25 8.15
N SER A 632 9.19 12.83 7.85
CA SER A 632 10.37 12.06 7.42
C SER A 632 10.93 11.16 8.53
N PHE A 633 10.86 11.60 9.81
CA PHE A 633 11.39 10.83 10.95
C PHE A 633 10.40 9.79 11.48
N ALA A 634 9.35 9.50 10.67
CA ALA A 634 8.33 8.50 10.99
C ALA A 634 8.58 7.21 10.18
N THR A 635 9.87 6.76 10.15
CA THR A 635 10.30 5.51 9.53
C THR A 635 11.54 4.96 10.16
N VAL A 636 12.20 4.15 9.38
CA VAL A 636 13.37 3.52 9.83
C VAL A 636 14.49 4.15 9.12
N ASN A 637 15.61 4.28 9.80
CA ASN A 637 16.79 4.88 9.22
C ASN A 637 17.44 3.80 8.44
N GLY A 638 16.66 3.06 7.69
CA GLY A 638 17.19 1.92 7.00
C GLY A 638 17.64 1.96 5.59
N TRP A 639 18.79 1.36 5.36
CA TRP A 639 19.40 1.24 4.04
C TRP A 639 19.27 -0.19 3.61
N TRP A 640 19.34 -0.47 2.33
CA TRP A 640 19.16 -1.85 1.96
C TRP A 640 20.26 -2.61 1.39
N TYR A 641 20.30 -3.82 1.95
CA TYR A 641 21.16 -4.99 1.82
C TYR A 641 22.17 -4.99 2.94
N VAL A 642 23.44 -5.09 2.56
CA VAL A 642 24.60 -5.22 3.34
C VAL A 642 24.99 -3.84 3.73
N SER A 643 24.35 -2.90 3.06
CA SER A 643 24.55 -1.50 3.42
C SER A 643 23.79 -1.11 4.69
N ASN A 644 23.03 -2.05 5.31
CA ASN A 644 22.26 -1.79 6.52
C ASN A 644 22.92 -2.25 7.81
N PHE A 645 24.15 -2.79 7.70
CA PHE A 645 24.94 -3.34 8.80
C PHE A 645 25.22 -2.32 9.90
N GLY A 646 24.71 -2.63 11.09
CA GLY A 646 24.86 -1.87 12.33
C GLY A 646 24.68 -0.35 12.28
N VAL A 647 23.87 0.16 11.34
CA VAL A 647 23.62 1.60 11.24
C VAL A 647 22.58 2.04 12.32
N PRO A 648 22.73 3.24 12.94
CA PRO A 648 21.74 3.66 13.96
C PRO A 648 20.30 3.72 13.44
N TRP A 649 19.39 3.06 14.16
CA TRP A 649 17.96 2.91 13.85
C TRP A 649 17.70 2.32 12.45
N SER A 650 18.56 1.39 12.00
CA SER A 650 18.44 0.74 10.70
C SER A 650 17.09 0.05 10.50
N ASN A 651 16.40 -0.27 11.59
CA ASN A 651 15.10 -0.94 11.57
C ASN A 651 14.21 -0.39 12.68
N SER A 652 14.34 0.89 13.03
CA SER A 652 13.52 1.49 14.09
C SER A 652 13.27 2.98 13.83
N PHE A 653 12.29 3.58 14.54
CA PHE A 653 12.00 5.00 14.39
C PHE A 653 13.05 5.81 15.11
N PRO A 654 13.91 6.62 14.41
CA PRO A 654 14.91 7.41 15.14
C PRO A 654 14.26 8.17 16.29
N GLU A 655 14.64 7.76 17.51
CA GLU A 655 14.08 8.34 18.73
C GLU A 655 15.13 8.49 19.79
N PHE A 656 15.04 9.58 20.55
CA PHE A 656 15.98 9.78 21.63
C PHE A 656 15.29 9.54 22.96
N LYS A 657 14.25 10.34 23.25
CA LYS A 657 13.50 10.18 24.49
C LYS A 657 12.00 10.19 24.19
N PHE A 658 11.65 10.62 22.98
CA PHE A 658 10.25 10.70 22.58
C PHE A 658 10.03 10.41 21.11
N GLY A 659 11.10 10.30 20.32
CA GLY A 659 10.97 10.11 18.89
C GLY A 659 11.01 11.44 18.16
N PHE A 660 11.89 11.52 17.16
CA PHE A 660 12.12 12.72 16.37
C PHE A 660 10.85 13.24 15.75
N THR A 661 10.04 12.32 15.17
CA THR A 661 8.75 12.59 14.53
C THR A 661 7.79 13.44 15.46
N THR A 662 7.70 13.08 16.75
CA THR A 662 6.86 13.74 17.75
C THR A 662 7.39 15.13 18.15
N MET A 663 8.72 15.21 18.37
CA MET A 663 9.45 16.43 18.76
C MET A 663 9.34 17.45 17.62
N LEU A 664 9.62 17.01 16.38
CA LEU A 664 9.54 17.83 15.17
C LEU A 664 8.10 18.31 14.90
N LEU A 665 7.08 17.44 15.10
CA LEU A 665 5.67 17.82 14.94
C LEU A 665 5.25 18.88 15.99
N GLY A 666 5.78 18.78 17.21
CA GLY A 666 5.52 19.73 18.28
C GLY A 666 6.11 21.10 17.99
N LEU A 667 7.35 21.12 17.47
CA LEU A 667 8.07 22.32 17.06
C LEU A 667 7.33 22.94 15.89
N SER A 668 6.84 22.08 14.98
CA SER A 668 6.04 22.40 13.79
C SER A 668 4.72 23.04 14.20
N VAL A 669 4.09 22.57 15.30
CA VAL A 669 2.87 23.19 15.82
C VAL A 669 3.22 24.49 16.57
N LEU A 670 4.41 24.51 17.24
CA LEU A 670 4.93 25.68 17.98
C LEU A 670 5.15 26.86 17.01
N ALA A 671 5.74 26.58 15.83
CA ALA A 671 6.01 27.57 14.78
C ALA A 671 4.69 28.17 14.29
N LEU A 672 3.64 27.37 14.22
CA LEU A 672 2.33 27.81 13.80
C LEU A 672 1.71 28.75 14.77
N LEU A 673 1.90 28.51 16.07
CA LEU A 673 1.32 29.40 17.07
C LEU A 673 2.01 30.78 17.05
N VAL A 674 3.32 30.81 16.78
CA VAL A 674 4.16 32.00 16.62
C VAL A 674 3.66 32.73 15.37
N ALA A 675 3.42 31.99 14.27
CA ALA A 675 2.90 32.48 13.00
C ALA A 675 1.52 33.07 13.21
N ALA A 676 0.65 32.38 13.99
CA ALA A 676 -0.71 32.83 14.28
C ALA A 676 -0.69 34.07 15.15
N TRP A 677 0.34 34.20 16.01
CA TRP A 677 0.53 35.38 16.85
C TRP A 677 0.89 36.60 16.03
N PHE A 678 1.72 36.43 14.98
CA PHE A 678 2.11 37.48 14.04
C PHE A 678 0.91 37.97 13.22
N HIS A 679 -0.04 37.03 12.91
CA HIS A 679 -1.27 37.29 12.15
C HIS A 679 -2.20 38.21 12.91
N PHE A 680 -2.12 38.21 14.25
CA PHE A 680 -2.95 39.05 15.10
C PHE A 680 -2.17 40.23 15.66
N SER A 681 -0.84 40.12 15.78
CA SER A 681 0.03 41.19 16.29
C SER A 681 0.44 42.20 15.21
N GLY A 682 0.57 41.73 13.96
CA GLY A 682 1.00 42.56 12.84
C GLY A 682 2.48 42.84 12.92
N ARG A 683 3.31 41.79 12.72
CA ARG A 683 4.76 41.87 12.83
C ARG A 683 5.50 41.92 11.47
N ASP A 684 6.57 42.76 11.42
CA ASP A 684 7.47 43.01 10.29
C ASP A 684 8.89 42.42 10.48
N VAL A 685 9.72 42.54 9.43
CA VAL A 685 11.11 42.06 9.33
C VAL A 685 12.05 42.67 10.40
N SER A 686 11.88 43.98 10.70
CA SER A 686 12.72 44.75 11.64
C SER A 686 12.32 44.70 13.16
N PRO A 687 11.03 44.78 13.59
CA PRO A 687 10.75 44.83 15.03
C PRO A 687 10.69 43.51 15.81
N ASP A 688 10.66 42.31 15.13
CA ASP A 688 10.57 41.02 15.84
C ASP A 688 11.84 40.67 16.65
N ARG A 689 13.05 40.91 16.09
CA ARG A 689 14.37 40.70 16.72
C ARG A 689 15.50 41.45 15.92
N PRO A 690 16.67 41.86 16.54
CA PRO A 690 17.66 42.65 15.79
C PRO A 690 18.86 41.93 15.10
N GLN A 691 18.61 41.46 13.85
CA GLN A 691 19.51 40.85 12.84
C GLN A 691 20.73 39.99 13.35
N ARG A 692 20.57 39.20 14.43
CA ARG A 692 21.65 38.36 14.95
C ARG A 692 21.84 37.10 14.12
N ARG A 693 22.92 36.32 14.40
CA ARG A 693 23.27 35.08 13.70
C ARG A 693 22.25 33.94 13.86
N TRP A 694 21.62 33.82 15.06
CA TRP A 694 20.61 32.79 15.33
C TRP A 694 19.35 33.06 14.52
N GLN A 695 19.03 34.36 14.32
CA GLN A 695 17.89 34.84 13.53
C GLN A 695 18.18 34.58 12.07
N ARG A 696 19.42 34.92 11.63
CA ARG A 696 19.93 34.77 10.25
C ARG A 696 19.72 33.33 9.77
N LEU A 697 20.12 32.36 10.60
CA LEU A 697 20.02 30.91 10.36
C LEU A 697 18.55 30.47 10.13
N LEU A 698 17.68 30.89 11.05
CA LEU A 698 16.24 30.60 11.09
C LEU A 698 15.44 31.04 9.83
N VAL A 699 15.94 32.07 9.10
CA VAL A 699 15.27 32.58 7.89
C VAL A 699 15.67 31.75 6.63
N ALA A 700 16.60 30.78 6.82
CA ALA A 700 17.06 29.79 5.84
C ALA A 700 16.70 28.39 6.41
N PRO A 701 15.39 28.01 6.52
CA PRO A 701 15.05 26.74 7.18
C PRO A 701 15.38 25.51 6.36
N LEU A 702 15.43 25.67 5.04
CA LEU A 702 15.72 24.57 4.14
C LEU A 702 17.15 24.14 4.25
N ALA A 703 18.09 25.11 4.38
CA ALA A 703 19.53 24.84 4.51
C ALA A 703 19.81 24.17 5.82
N VAL A 704 19.10 24.59 6.90
CA VAL A 704 19.19 24.03 8.25
C VAL A 704 18.75 22.57 8.15
N ALA A 705 17.45 22.32 7.80
CA ALA A 705 16.82 21.01 7.63
C ALA A 705 17.60 20.09 6.70
N THR A 706 17.96 20.57 5.48
CA THR A 706 18.70 19.72 4.54
C THR A 706 20.05 19.33 5.03
N TRP A 707 20.87 20.29 5.53
CA TRP A 707 22.21 19.97 6.05
C TRP A 707 22.13 19.04 7.22
N ALA A 708 21.13 19.28 8.13
CA ALA A 708 20.85 18.46 9.31
C ALA A 708 20.78 17.00 8.89
N LEU A 709 20.04 16.75 7.80
CA LEU A 709 19.85 15.40 7.28
C LEU A 709 21.08 14.87 6.55
N VAL A 710 21.81 15.74 5.79
CA VAL A 710 23.04 15.31 5.09
C VAL A 710 24.00 14.79 6.13
N ILE A 711 24.22 15.57 7.22
CA ILE A 711 25.07 15.19 8.35
C ILE A 711 24.61 13.84 8.94
N PHE A 712 23.31 13.76 9.37
CA PHE A 712 22.67 12.59 9.97
C PHE A 712 22.87 11.31 9.19
N GLU A 713 22.84 11.40 7.86
CA GLU A 713 22.99 10.23 6.99
C GLU A 713 24.42 9.76 6.90
N VAL A 714 25.39 10.72 6.84
CA VAL A 714 26.84 10.41 6.82
C VAL A 714 27.29 9.91 8.19
N VAL A 715 26.87 10.59 9.27
CA VAL A 715 27.10 10.21 10.67
C VAL A 715 26.58 8.77 10.92
N SER A 716 25.36 8.45 10.41
CA SER A 716 24.70 7.14 10.55
C SER A 716 25.41 6.01 9.85
N LEU A 717 25.92 6.26 8.64
CA LEU A 717 26.64 5.20 7.97
C LEU A 717 28.13 5.13 8.39
N THR A 718 28.66 6.19 9.06
CA THR A 718 30.01 6.11 9.61
C THR A 718 29.86 5.29 10.85
N LEU A 719 28.96 5.72 11.77
CA LEU A 719 28.56 5.04 13.00
C LEU A 719 28.08 3.57 12.76
N GLY A 720 27.90 3.20 11.50
CA GLY A 720 27.54 1.85 11.12
C GLY A 720 28.79 1.01 11.08
N MET A 721 29.82 1.53 10.37
CA MET A 721 31.18 0.96 10.21
C MET A 721 31.85 0.86 11.56
N ILE A 722 31.73 1.94 12.39
CA ILE A 722 32.21 2.03 13.76
C ILE A 722 31.63 0.86 14.59
N ASN A 723 30.28 0.64 14.56
CA ASN A 723 29.62 -0.44 15.30
C ASN A 723 29.87 -1.84 14.73
N GLN A 724 30.49 -1.92 13.55
CA GLN A 724 30.94 -3.16 12.91
C GLN A 724 32.50 -3.08 12.98
N TYR A 725 33.03 -2.91 14.23
CA TYR A 725 34.46 -2.70 14.61
C TYR A 725 35.43 -3.60 13.82
N PRO A 726 35.66 -4.90 14.17
CA PRO A 726 36.56 -5.71 13.34
C PRO A 726 35.80 -6.45 12.23
N ALA A 727 34.47 -6.63 12.43
CA ALA A 727 33.55 -7.33 11.54
C ALA A 727 33.27 -6.48 10.33
N TRP A 728 32.86 -7.12 9.22
CA TRP A 728 32.56 -6.48 7.93
C TRP A 728 31.49 -5.40 7.94
N SER A 729 31.80 -4.33 7.21
CA SER A 729 30.96 -3.18 6.93
C SER A 729 31.37 -2.66 5.56
N VAL A 730 30.48 -1.86 4.94
CA VAL A 730 30.70 -1.25 3.62
C VAL A 730 31.92 -0.35 3.72
N GLY A 731 31.99 0.43 4.82
CA GLY A 731 33.12 1.30 5.15
C GLY A 731 34.42 0.54 5.35
N ARG A 732 34.44 -0.36 6.36
CA ARG A 732 35.59 -1.23 6.62
C ARG A 732 36.04 -1.82 5.29
N SER A 733 35.10 -2.28 4.45
CA SER A 733 35.43 -2.85 3.15
C SER A 733 36.07 -1.83 2.22
N ASN A 734 35.41 -0.70 1.99
CA ASN A 734 35.87 0.29 1.03
C ASN A 734 37.18 1.01 1.43
N LEU A 735 37.49 1.09 2.74
CA LEU A 735 38.76 1.69 3.14
C LEU A 735 39.85 0.61 3.00
N ASN A 736 39.56 -0.62 3.42
CA ASN A 736 40.46 -1.77 3.28
C ASN A 736 40.65 -2.17 1.81
N ALA A 737 39.99 -1.45 0.89
CA ALA A 737 40.07 -1.70 -0.54
C ALA A 737 41.26 -0.99 -1.15
N LEU A 738 41.58 0.22 -0.61
CA LEU A 738 42.71 1.06 -1.02
C LEU A 738 44.02 0.38 -0.64
N THR A 739 43.96 -0.48 0.40
CA THR A 739 45.03 -1.31 0.93
C THR A 739 45.49 -2.31 -0.16
N GLY A 740 44.55 -3.07 -0.71
CA GLY A 740 44.80 -4.05 -1.75
C GLY A 740 43.65 -5.03 -1.94
N LYS A 741 43.12 -5.57 -0.82
CA LYS A 741 42.02 -6.54 -0.84
C LYS A 741 40.69 -5.93 -1.32
N THR A 742 40.30 -6.33 -2.54
CA THR A 742 39.09 -5.83 -3.22
C THR A 742 38.07 -6.98 -3.46
N CYS A 743 37.95 -7.89 -2.47
CA CYS A 743 37.06 -9.05 -2.52
C CYS A 743 35.79 -8.90 -1.65
N GLY A 744 35.67 -7.74 -1.02
CA GLY A 744 34.55 -7.34 -0.19
C GLY A 744 34.27 -8.27 0.97
N LEU A 745 33.14 -8.96 0.88
CA LEU A 745 32.64 -9.87 1.90
C LEU A 745 33.25 -11.26 1.79
N ALA A 746 33.76 -11.63 0.61
CA ALA A 746 34.35 -12.94 0.34
C ALA A 746 35.41 -13.34 1.37
N ASN A 747 36.16 -12.32 1.85
CA ASN A 747 37.23 -12.40 2.85
C ASN A 747 36.66 -12.64 4.24
N ASP A 748 35.46 -12.10 4.53
CA ASP A 748 34.84 -12.16 5.85
C ASP A 748 33.89 -13.35 6.10
N VAL A 749 33.35 -13.98 5.06
CA VAL A 749 32.46 -15.13 5.29
C VAL A 749 33.30 -16.44 5.31
N LEU A 750 33.35 -17.08 6.48
CA LEU A 750 34.11 -18.32 6.71
C LEU A 750 33.21 -19.56 6.59
N VAL A 751 33.49 -20.36 5.55
CA VAL A 751 32.74 -21.56 5.20
C VAL A 751 33.35 -22.80 5.83
N GLU A 752 32.57 -23.88 5.95
CA GLU A 752 33.07 -25.19 6.38
C GLU A 752 32.69 -26.24 5.35
N GLN A 753 33.65 -26.51 4.42
CA GLN A 753 33.48 -27.46 3.30
C GLN A 753 32.91 -28.78 3.80
N ASN A 754 33.59 -29.44 4.75
CA ASN A 754 33.11 -30.66 5.41
C ASN A 754 32.52 -30.29 6.77
N ALA A 755 31.26 -30.68 7.00
CA ALA A 755 30.51 -30.39 8.23
C ALA A 755 30.91 -31.32 9.38
N ASN A 756 31.20 -32.60 9.07
CA ASN A 756 31.63 -33.60 10.05
C ASN A 756 33.09 -33.34 10.49
N ALA A 757 33.85 -32.50 9.73
CA ALA A 757 35.28 -32.16 9.86
C ALA A 757 35.81 -31.90 11.29
N GLY A 758 35.41 -30.78 11.90
CA GLY A 758 35.88 -30.43 13.22
C GLY A 758 35.02 -30.89 14.38
N MET A 759 34.37 -32.07 14.24
CA MET A 759 33.48 -32.62 15.26
C MET A 759 34.20 -33.06 16.53
N LEU A 760 33.67 -32.59 17.67
CA LEU A 760 34.20 -32.86 19.00
C LEU A 760 34.01 -34.30 19.43
N THR A 761 35.12 -34.96 19.79
CA THR A 761 35.18 -36.33 20.30
C THR A 761 34.95 -36.27 21.83
N PRO A 762 34.25 -37.24 22.46
CA PRO A 762 34.04 -37.13 23.91
C PRO A 762 35.24 -37.61 24.72
N ILE A 763 35.29 -37.29 26.04
CA ILE A 763 36.35 -37.71 26.97
C ILE A 763 36.37 -39.24 27.02
N GLY A 764 35.17 -39.82 27.08
CA GLY A 764 34.98 -41.27 27.01
C GLY A 764 35.18 -41.69 25.57
N GLU A 765 35.40 -43.00 25.34
CA GLU A 765 35.62 -43.49 23.99
C GLU A 765 34.32 -43.82 23.14
N PRO A 766 33.03 -43.51 23.50
CA PRO A 766 31.93 -43.88 22.57
C PRO A 766 31.96 -43.12 21.25
N ALA A 767 32.43 -43.79 20.17
CA ALA A 767 32.51 -43.25 18.82
C ALA A 767 31.06 -43.21 18.30
N GLY A 768 30.36 -42.12 18.69
CA GLY A 768 28.95 -41.91 18.44
C GLY A 768 28.17 -42.16 19.72
N GLN A 769 26.84 -41.88 19.70
CA GLN A 769 25.90 -42.08 20.83
C GLN A 769 26.37 -41.49 22.20
N ALA A 770 27.30 -40.51 22.17
CA ALA A 770 27.77 -39.82 23.37
C ALA A 770 26.75 -38.71 23.73
N LEU A 771 25.82 -38.42 22.78
CA LEU A 771 24.73 -37.43 22.86
C LEU A 771 23.78 -37.76 24.02
N GLY A 772 23.17 -38.94 23.99
CA GLY A 772 22.28 -39.40 25.05
C GLY A 772 23.11 -40.05 26.15
N ALA A 773 23.36 -39.30 27.24
CA ALA A 773 24.18 -39.82 28.32
C ALA A 773 23.52 -39.73 29.71
N VAL A 774 23.42 -38.52 30.29
CA VAL A 774 22.83 -38.34 31.62
C VAL A 774 21.31 -38.54 31.57
N THR A 775 20.61 -37.75 30.73
CA THR A 775 19.16 -37.87 30.58
C THR A 775 18.79 -37.88 29.10
N SER A 776 17.63 -38.47 28.78
CA SER A 776 17.07 -38.57 27.43
C SER A 776 15.53 -38.72 27.48
N LEU A 777 14.88 -37.90 28.33
CA LEU A 777 13.43 -37.84 28.51
C LEU A 777 12.81 -37.30 27.21
N GLY A 778 11.67 -37.86 26.81
CA GLY A 778 10.99 -37.49 25.57
C GLY A 778 11.85 -37.75 24.35
N PHE A 779 12.62 -38.87 24.40
CA PHE A 779 13.59 -39.37 23.42
C PHE A 779 13.06 -39.42 21.99
N GLY A 780 13.99 -39.29 21.04
CA GLY A 780 13.64 -39.33 19.63
C GLY A 780 14.79 -39.52 18.69
N PRO A 781 15.39 -40.74 18.60
CA PRO A 781 16.48 -40.94 17.61
C PRO A 781 15.97 -40.82 16.16
N ASN A 782 14.63 -40.78 16.02
CA ASN A 782 13.87 -40.60 14.80
C ASN A 782 12.58 -39.81 15.16
N GLY A 783 12.61 -39.15 16.31
CA GLY A 783 11.53 -38.34 16.87
C GLY A 783 11.54 -36.87 16.46
N ILE A 784 11.69 -36.63 15.16
CA ILE A 784 11.64 -35.33 14.51
C ILE A 784 10.84 -35.54 13.22
N PRO A 785 9.88 -34.66 12.88
CA PRO A 785 9.14 -34.88 11.64
C PRO A 785 10.01 -34.52 10.43
N SER A 786 10.72 -35.52 9.85
CA SER A 786 11.64 -35.38 8.71
C SER A 786 11.09 -34.58 7.52
N ASP A 787 9.76 -34.66 7.31
CA ASP A 787 9.00 -33.97 6.26
C ASP A 787 8.97 -32.45 6.50
N VAL A 788 8.85 -32.05 7.78
CA VAL A 788 8.82 -30.67 8.24
C VAL A 788 10.26 -30.09 8.21
N SER A 789 11.26 -30.90 8.61
CA SER A 789 12.67 -30.52 8.68
C SER A 789 13.38 -30.51 7.31
N ALA A 790 14.18 -29.46 7.05
CA ALA A 790 14.93 -29.28 5.81
C ALA A 790 16.24 -28.49 5.99
N ASP A 791 17.20 -28.73 5.09
CA ASP A 791 18.51 -28.06 5.08
C ASP A 791 18.61 -26.90 4.06
N PRO A 792 18.09 -26.94 2.78
CA PRO A 792 18.26 -25.77 1.91
C PRO A 792 17.27 -24.64 2.21
N ALA A 824 17.39 -47.76 5.43
CA ALA A 824 18.24 -46.63 5.74
C ALA A 824 18.23 -46.31 7.24
N ALA A 825 19.44 -46.22 7.85
CA ALA A 825 19.65 -45.91 9.28
C ALA A 825 21.09 -45.43 9.54
N GLY A 826 21.22 -44.45 10.42
CA GLY A 826 22.51 -43.88 10.80
C GLY A 826 23.15 -44.67 11.93
N ILE A 827 23.38 -44.00 13.08
CA ILE A 827 23.96 -44.63 14.28
C ILE A 827 22.83 -45.00 15.24
N ASN A 828 21.91 -44.05 15.53
CA ASN A 828 20.78 -44.26 16.44
C ASN A 828 19.51 -44.75 15.69
N GLY A 829 19.67 -45.10 14.42
CA GLY A 829 18.59 -45.59 13.58
C GLY A 829 17.69 -44.44 13.14
N SER A 830 18.29 -43.46 12.46
CA SER A 830 17.60 -42.25 12.01
C SER A 830 17.24 -42.26 10.53
N ARG A 831 15.95 -42.55 10.22
CA ARG A 831 15.37 -42.52 8.86
C ARG A 831 15.28 -41.06 8.39
N ALA A 832 15.35 -40.10 9.36
CA ALA A 832 15.31 -38.66 9.19
C ALA A 832 16.62 -38.13 8.60
N ARG A 833 16.52 -37.38 7.49
CA ARG A 833 17.62 -36.79 6.72
C ARG A 833 18.51 -35.84 7.56
N LEU A 834 19.80 -35.68 7.16
CA LEU A 834 20.75 -34.84 7.90
C LEU A 834 21.27 -33.60 7.13
N PRO A 835 21.36 -32.43 7.81
CA PRO A 835 21.79 -31.20 7.14
C PRO A 835 23.27 -31.06 6.83
N TYR A 836 23.58 -30.21 5.83
CA TYR A 836 24.90 -29.78 5.36
C TYR A 836 25.90 -30.92 5.08
N GLY A 837 25.37 -32.07 4.65
CA GLY A 837 26.18 -33.24 4.34
C GLY A 837 26.80 -33.92 5.54
N LEU A 838 26.07 -33.95 6.66
CA LEU A 838 26.50 -34.62 7.88
C LEU A 838 26.22 -36.11 7.71
N ASN A 839 27.29 -36.93 7.69
CA ASN A 839 27.22 -38.38 7.52
C ASN A 839 26.49 -39.04 8.73
N PRO A 840 25.31 -39.65 8.53
CA PRO A 840 24.57 -40.22 9.68
C PRO A 840 25.26 -41.43 10.27
N ALA A 841 26.08 -42.12 9.47
CA ALA A 841 26.88 -43.26 9.87
C ALA A 841 28.07 -42.81 10.74
N THR A 842 28.42 -41.50 10.69
CA THR A 842 29.52 -40.88 11.47
C THR A 842 29.01 -39.88 12.55
N THR A 843 27.71 -39.51 12.52
CA THR A 843 27.14 -38.56 13.49
C THR A 843 25.82 -39.04 14.12
N PRO A 844 25.74 -39.04 15.48
CA PRO A 844 24.46 -39.41 16.15
C PRO A 844 23.47 -38.24 16.16
N VAL A 845 22.16 -38.54 16.33
CA VAL A 845 21.10 -37.50 16.35
C VAL A 845 19.92 -37.91 17.28
N LEU A 846 19.39 -36.92 18.05
CA LEU A 846 18.26 -37.10 18.96
C LEU A 846 17.19 -36.02 18.76
N GLY A 847 15.97 -36.28 19.23
CA GLY A 847 14.84 -35.38 19.09
C GLY A 847 14.00 -35.18 20.33
N SER A 848 12.93 -34.36 20.19
CA SER A 848 11.99 -34.02 21.27
C SER A 848 10.55 -33.96 20.75
N TRP A 849 10.37 -34.00 19.42
CA TRP A 849 9.04 -33.97 18.82
C TRP A 849 8.30 -35.29 19.03
N ARG A 850 7.12 -35.21 19.67
CA ARG A 850 6.27 -36.37 19.95
C ARG A 850 5.05 -36.33 19.04
N SER A 851 4.69 -37.47 18.43
CA SER A 851 3.52 -37.57 17.55
C SER A 851 2.24 -37.68 18.38
N GLY A 852 2.30 -38.45 19.46
CA GLY A 852 1.19 -38.67 20.38
C GLY A 852 1.12 -37.61 21.45
N THR A 853 1.15 -38.04 22.72
CA THR A 853 1.11 -37.14 23.88
C THR A 853 2.43 -36.41 24.05
N GLN A 854 2.36 -35.09 24.29
CA GLN A 854 3.53 -34.24 24.49
C GLN A 854 3.90 -34.26 25.99
N GLN A 855 5.17 -34.56 26.30
CA GLN A 855 5.66 -34.64 27.67
C GLN A 855 6.95 -33.83 27.91
N PRO A 856 7.24 -33.39 29.18
CA PRO A 856 8.49 -32.62 29.43
C PRO A 856 9.77 -33.41 29.14
N ALA A 857 10.42 -33.06 28.03
CA ALA A 857 11.66 -33.68 27.55
C ALA A 857 12.89 -32.91 28.05
N VAL A 858 13.85 -33.61 28.67
CA VAL A 858 15.11 -33.02 29.18
C VAL A 858 16.30 -33.92 28.82
N LEU A 859 17.21 -33.42 27.96
CA LEU A 859 18.41 -34.14 27.50
C LEU A 859 19.70 -33.58 28.11
N ARG A 860 20.64 -34.48 28.46
CA ARG A 860 21.95 -34.16 29.03
C ARG A 860 23.00 -35.12 28.48
N SER A 861 24.06 -34.55 27.87
CA SER A 861 25.15 -35.29 27.21
C SER A 861 26.33 -35.63 28.09
N ALA A 862 27.29 -36.38 27.50
CA ALA A 862 28.54 -36.80 28.10
C ALA A 862 29.53 -35.65 27.99
N TRP A 863 30.68 -35.76 28.66
CA TRP A 863 31.72 -34.73 28.59
C TRP A 863 32.51 -34.88 27.29
N TYR A 864 32.60 -33.78 26.53
CA TYR A 864 33.28 -33.73 25.24
C TYR A 864 34.67 -33.11 25.33
N ARG A 865 35.66 -33.73 24.65
CA ARG A 865 37.07 -33.31 24.64
C ARG A 865 37.28 -32.00 23.91
N LEU A 866 37.48 -30.93 24.70
CA LEU A 866 37.74 -29.55 24.23
C LEU A 866 39.25 -29.36 24.03
N PRO A 867 39.72 -29.17 22.78
CA PRO A 867 41.18 -29.04 22.55
C PRO A 867 41.83 -27.72 23.00
N ASP A 868 43.17 -27.61 22.79
CA ASP A 868 43.95 -26.42 23.12
C ASP A 868 43.77 -25.39 22.01
N ARG A 869 43.59 -24.11 22.40
CA ARG A 869 43.32 -22.99 21.50
C ARG A 869 44.37 -22.80 20.38
N ASP A 870 44.04 -23.36 19.19
CA ASP A 870 44.82 -23.34 17.94
C ASP A 870 43.95 -23.88 16.77
N GLN A 871 42.85 -23.17 16.44
CA GLN A 871 41.93 -23.55 15.37
C GLN A 871 41.46 -22.35 14.51
N ALA A 872 41.30 -22.61 13.19
CA ALA A 872 40.85 -21.70 12.13
C ALA A 872 39.42 -21.15 12.39
N GLY A 873 38.59 -21.96 13.03
CA GLY A 873 37.23 -21.63 13.41
C GLY A 873 37.14 -21.08 14.82
N PRO A 874 36.90 -19.76 14.95
CA PRO A 874 36.85 -19.14 16.29
C PRO A 874 35.57 -19.38 17.12
N LEU A 875 34.67 -20.29 16.67
CA LEU A 875 33.41 -20.62 17.36
C LEU A 875 33.09 -22.13 17.42
N LEU A 876 32.21 -22.50 18.36
CA LEU A 876 31.69 -23.85 18.61
C LEU A 876 30.23 -23.89 18.12
N VAL A 877 29.86 -24.93 17.32
CA VAL A 877 28.50 -25.02 16.73
C VAL A 877 27.81 -26.40 16.84
N VAL A 878 26.46 -26.39 17.01
CA VAL A 878 25.62 -27.61 17.07
C VAL A 878 24.47 -27.51 16.07
N SER A 879 24.50 -28.31 14.99
CA SER A 879 23.47 -28.28 13.96
C SER A 879 22.11 -28.75 14.50
N ALA A 880 21.21 -27.81 14.83
CA ALA A 880 19.92 -28.13 15.44
C ALA A 880 18.69 -27.72 14.62
N ALA A 881 17.51 -28.23 15.02
CA ALA A 881 16.21 -27.97 14.41
C ALA A 881 15.12 -27.94 15.52
N GLY A 882 13.96 -27.39 15.19
CA GLY A 882 12.83 -27.30 16.09
C GLY A 882 12.33 -25.89 16.40
N ARG A 883 11.08 -25.80 16.89
CA ARG A 883 10.47 -24.53 17.27
C ARG A 883 10.71 -24.26 18.77
N PHE A 884 11.99 -24.27 19.17
CA PHE A 884 12.46 -24.03 20.54
C PHE A 884 12.89 -22.58 20.68
N ASP A 885 13.14 -22.16 21.93
CA ASP A 885 13.60 -20.80 22.24
C ASP A 885 15.09 -20.79 22.64
N GLN A 886 15.62 -19.59 22.93
CA GLN A 886 17.03 -19.38 23.31
C GLN A 886 17.40 -20.10 24.61
N GLY A 887 16.53 -20.02 25.61
CA GLY A 887 16.71 -20.62 26.92
C GLY A 887 16.79 -22.14 27.01
N GLU A 888 16.31 -22.86 25.96
CA GLU A 888 16.29 -24.32 25.91
C GLU A 888 17.70 -24.94 25.84
N VAL A 889 18.37 -24.84 24.67
CA VAL A 889 19.72 -25.39 24.44
C VAL A 889 20.76 -24.62 25.23
N GLU A 890 21.66 -25.35 25.92
CA GLU A 890 22.74 -24.78 26.74
C GLU A 890 23.99 -25.67 26.71
N VAL A 891 25.17 -25.03 26.80
CA VAL A 891 26.45 -25.73 26.91
C VAL A 891 26.99 -25.39 28.30
N GLN A 892 27.11 -26.42 29.15
CA GLN A 892 27.58 -26.25 30.53
C GLN A 892 29.09 -26.46 30.62
N TRP A 893 29.84 -25.33 30.69
CA TRP A 893 31.30 -25.36 30.78
C TRP A 893 31.73 -25.73 32.19
N ALA A 894 32.51 -26.80 32.31
CA ALA A 894 32.97 -27.29 33.60
C ALA A 894 34.42 -27.72 33.56
N THR A 895 35.12 -27.54 34.70
CA THR A 895 36.51 -27.96 34.89
C THR A 895 36.53 -29.49 34.99
N ASP A 896 37.59 -30.14 34.45
CA ASP A 896 37.75 -31.60 34.43
C ASP A 896 37.56 -32.25 35.81
N GLU A 897 37.95 -31.55 36.89
CA GLU A 897 37.81 -32.00 38.28
C GLU A 897 36.35 -31.92 38.77
N GLN A 898 35.60 -30.92 38.27
CA GLN A 898 34.18 -30.70 38.58
C GLN A 898 33.26 -31.52 37.66
N ALA A 899 33.84 -32.05 36.56
CA ALA A 899 33.14 -32.89 35.59
C ALA A 899 32.89 -34.28 36.19
N ALA A 900 33.86 -34.81 36.97
CA ALA A 900 33.79 -36.11 37.66
C ALA A 900 32.80 -36.05 38.83
N ALA A 901 32.68 -34.87 39.47
CA ALA A 901 31.77 -34.59 40.58
C ALA A 901 30.38 -34.19 40.05
N ASN A 902 30.24 -34.05 38.71
CA ASN A 902 29.04 -33.68 37.95
C ASN A 902 28.40 -32.37 38.44
N GLU A 903 29.25 -31.35 38.70
CA GLU A 903 28.85 -30.01 39.14
C GLU A 903 29.40 -28.96 38.16
N PRO A 904 28.57 -28.42 37.24
CA PRO A 904 29.09 -27.46 36.24
C PRO A 904 29.38 -26.07 36.80
N GLY A 905 30.51 -25.49 36.36
CA GLY A 905 30.94 -24.16 36.75
C GLY A 905 30.49 -23.09 35.79
N GLY A 906 29.17 -22.98 35.63
CA GLY A 906 28.54 -22.03 34.72
C GLY A 906 28.02 -22.66 33.44
N SER A 907 27.24 -21.88 32.66
CA SER A 907 26.64 -22.33 31.40
C SER A 907 26.44 -21.20 30.40
N ILE A 908 26.93 -21.39 29.16
CA ILE A 908 26.76 -20.43 28.07
C ILE A 908 25.62 -20.90 27.17
N THR A 909 24.72 -19.98 26.80
CA THR A 909 23.56 -20.28 25.97
C THR A 909 23.86 -20.05 24.49
N PHE A 910 23.52 -21.07 23.65
CA PHE A 910 23.71 -21.11 22.21
C PHE A 910 22.71 -20.20 21.50
N GLY A 911 23.23 -19.29 20.67
CA GLY A 911 22.44 -18.32 19.92
C GLY A 911 22.09 -18.77 18.53
N ASP A 912 20.78 -18.97 18.26
CA ASP A 912 20.26 -19.47 16.97
C ASP A 912 20.01 -18.39 15.93
N VAL A 913 20.43 -18.73 14.71
CA VAL A 913 20.30 -17.94 13.49
C VAL A 913 19.70 -18.90 12.47
N GLY A 914 18.62 -18.50 11.83
CA GLY A 914 17.97 -19.34 10.83
C GLY A 914 16.47 -19.46 10.97
N ALA A 915 15.89 -20.32 10.12
CA ALA A 915 14.46 -20.57 10.01
C ALA A 915 13.95 -21.72 10.86
N ALA A 916 12.93 -21.44 11.68
CA ALA A 916 12.27 -22.42 12.53
C ALA A 916 11.12 -23.10 11.75
N PRO A 917 10.89 -24.43 11.89
CA PRO A 917 11.59 -25.40 12.75
C PRO A 917 12.73 -26.14 12.03
N ALA A 918 13.09 -25.67 10.82
CA ALA A 918 14.11 -26.26 9.96
C ALA A 918 15.51 -26.32 10.58
N TRP A 919 16.41 -27.05 9.89
CA TRP A 919 17.80 -27.25 10.30
C TRP A 919 18.63 -25.98 10.11
N ARG A 920 19.39 -25.63 11.16
CA ARG A 920 20.28 -24.47 11.22
C ARG A 920 21.49 -24.84 12.10
N ASN A 921 22.56 -24.03 12.07
CA ASN A 921 23.72 -24.26 12.92
C ASN A 921 23.61 -23.32 14.11
N LEU A 922 23.43 -23.89 15.32
CA LEU A 922 23.35 -23.12 16.56
C LEU A 922 24.77 -22.68 16.85
N ARG A 923 25.00 -21.37 16.97
CA ARG A 923 26.33 -20.79 17.14
C ARG A 923 26.55 -20.03 18.44
N ALA A 924 27.81 -20.10 18.92
CA ALA A 924 28.36 -19.45 20.12
C ALA A 924 29.89 -19.44 19.97
N PRO A 925 30.63 -18.42 20.46
CA PRO A 925 32.09 -18.39 20.23
C PRO A 925 32.97 -19.11 21.26
N LEU A 926 34.22 -19.46 20.85
CA LEU A 926 35.22 -20.13 21.69
C LEU A 926 35.67 -19.22 22.82
N SER A 927 35.60 -17.89 22.57
CA SER A 927 35.94 -16.82 23.51
C SER A 927 34.98 -16.80 24.72
N SER A 928 33.73 -17.28 24.54
CA SER A 928 32.69 -17.34 25.56
C SER A 928 32.90 -18.46 26.60
N ILE A 929 33.90 -19.33 26.36
CA ILE A 929 34.30 -20.43 27.24
C ILE A 929 35.70 -20.09 27.79
N PRO A 930 35.89 -20.03 29.14
CA PRO A 930 37.21 -19.68 29.68
C PRO A 930 38.27 -20.77 29.47
N PRO A 931 39.60 -20.45 29.54
CA PRO A 931 40.61 -21.51 29.39
C PRO A 931 40.58 -22.49 30.56
N GLU A 932 39.87 -22.10 31.65
CA GLU A 932 39.63 -22.85 32.89
C GLU A 932 38.87 -24.15 32.59
N ALA A 933 37.85 -24.09 31.68
CA ALA A 933 37.04 -25.23 31.25
C ALA A 933 37.78 -26.10 30.24
N THR A 934 37.55 -27.43 30.31
CA THR A 934 38.21 -28.43 29.44
C THR A 934 37.25 -29.53 28.95
N GLN A 935 36.09 -29.70 29.62
CA GLN A 935 35.05 -30.70 29.30
C GLN A 935 33.71 -29.95 29.11
N ILE A 936 32.81 -30.45 28.22
CA ILE A 936 31.53 -29.77 27.94
C ILE A 936 30.31 -30.73 27.98
N ARG A 937 29.18 -30.20 28.51
CA ARG A 937 27.88 -30.88 28.65
C ARG A 937 26.81 -30.16 27.80
N LEU A 938 26.14 -30.90 26.89
CA LEU A 938 25.06 -30.35 26.05
C LEU A 938 23.72 -30.58 26.73
N VAL A 939 23.23 -29.61 27.53
CA VAL A 939 21.93 -29.76 28.20
C VAL A 939 20.83 -29.02 27.43
N ALA A 940 19.63 -29.58 27.37
CA ALA A 940 18.60 -28.89 26.57
C ALA A 940 17.20 -29.21 27.10
N SER A 941 16.68 -28.40 28.00
CA SER A 941 15.32 -28.65 28.55
C SER A 941 14.24 -28.26 27.54
N ASP A 942 13.04 -28.81 27.70
CA ASP A 942 11.87 -28.53 26.84
C ASP A 942 10.64 -28.79 27.69
N ASP A 943 9.59 -28.01 27.55
CA ASP A 943 8.44 -28.25 28.46
C ASP A 943 7.15 -27.84 27.75
N ASP A 944 7.22 -27.62 26.44
CA ASP A 944 5.94 -27.27 25.77
C ASP A 944 5.31 -28.53 25.21
N LEU A 945 4.07 -28.78 25.64
CA LEU A 945 3.29 -29.96 25.21
C LEU A 945 2.62 -29.65 23.88
N ALA A 946 2.58 -28.38 23.48
CA ALA A 946 1.96 -28.02 22.18
C ALA A 946 2.62 -28.80 21.04
N PRO A 947 1.83 -29.21 20.04
CA PRO A 947 2.30 -30.00 18.91
C PRO A 947 3.51 -29.48 18.13
N GLN A 948 3.73 -28.16 18.08
CA GLN A 948 4.86 -27.71 17.24
C GLN A 948 6.06 -27.17 18.04
N HIS A 949 6.01 -26.97 19.35
CA HIS A 949 7.27 -26.56 20.02
C HIS A 949 8.05 -27.86 20.19
N TRP A 950 9.29 -27.96 19.69
CA TRP A 950 10.13 -29.19 19.82
C TRP A 950 11.59 -28.87 19.48
N ILE A 951 12.53 -29.78 19.82
CA ILE A 951 13.99 -29.57 19.56
C ILE A 951 14.66 -30.85 19.03
N ALA A 952 15.64 -30.71 18.14
CA ALA A 952 16.51 -31.74 17.56
C ALA A 952 17.96 -31.30 17.83
N LEU A 953 18.93 -32.25 17.86
CA LEU A 953 20.35 -31.92 18.11
C LEU A 953 21.38 -32.87 17.50
N THR A 954 22.65 -32.42 17.45
CA THR A 954 23.82 -33.15 16.92
C THR A 954 25.02 -32.98 17.90
N PRO A 955 26.11 -33.81 17.84
CA PRO A 955 27.25 -33.59 18.75
C PRO A 955 28.00 -32.27 18.47
N PRO A 956 28.69 -31.65 19.48
CA PRO A 956 29.39 -30.38 19.23
C PRO A 956 30.51 -30.43 18.20
N ARG A 957 30.91 -29.25 17.71
CA ARG A 957 31.91 -29.09 16.65
C ARG A 957 32.62 -27.73 16.76
N ILE A 958 33.94 -27.73 16.50
CA ILE A 958 34.81 -26.55 16.38
C ILE A 958 35.08 -26.53 14.86
N PRO A 959 34.26 -25.81 14.07
CA PRO A 959 34.34 -25.91 12.60
C PRO A 959 35.65 -25.48 11.95
N GLU A 960 36.12 -26.30 11.00
CA GLU A 960 37.34 -26.00 10.27
C GLU A 960 37.00 -25.04 9.15
N LEU A 961 37.05 -23.75 9.50
CA LEU A 961 36.65 -22.62 8.68
C LEU A 961 37.77 -22.00 7.86
N ARG A 962 37.51 -21.86 6.55
CA ARG A 962 38.36 -21.22 5.54
C ARG A 962 37.47 -20.19 4.83
N THR A 963 37.95 -18.92 4.67
CA THR A 963 37.16 -17.83 4.06
C THR A 963 36.70 -18.18 2.65
N LEU A 964 35.49 -17.72 2.29
CA LEU A 964 34.83 -17.94 1.02
C LEU A 964 35.75 -17.72 -0.18
N GLN A 965 36.48 -16.59 -0.22
CA GLN A 965 37.40 -16.24 -1.29
C GLN A 965 38.36 -17.39 -1.66
N GLU A 966 39.07 -17.97 -0.66
CA GLU A 966 40.02 -19.08 -0.87
C GLU A 966 39.32 -20.40 -1.21
N VAL A 967 38.04 -20.55 -0.81
CA VAL A 967 37.23 -21.75 -1.04
C VAL A 967 36.59 -21.79 -2.45
N VAL A 968 35.84 -20.72 -2.83
CA VAL A 968 35.15 -20.65 -4.12
C VAL A 968 36.05 -20.20 -5.29
N GLY A 969 36.91 -19.20 -5.05
CA GLY A 969 37.81 -18.69 -6.07
C GLY A 969 37.23 -17.55 -6.88
N SER A 970 37.87 -17.27 -8.03
CA SER A 970 37.50 -16.20 -8.96
C SER A 970 37.70 -16.66 -10.41
N SER A 971 37.81 -17.99 -10.59
CA SER A 971 37.98 -18.71 -11.86
C SER A 971 36.84 -19.73 -12.04
N ASP A 972 36.10 -20.00 -10.95
CA ASP A 972 34.94 -20.91 -10.90
C ASP A 972 33.66 -20.15 -11.26
N PRO A 973 32.85 -20.63 -12.24
CA PRO A 973 31.59 -19.94 -12.56
C PRO A 973 30.60 -20.12 -11.40
N VAL A 974 30.00 -18.98 -10.95
CA VAL A 974 29.06 -18.95 -9.82
C VAL A 974 27.73 -18.28 -10.19
N MET A 975 26.66 -18.64 -9.47
CA MET A 975 25.34 -18.05 -9.62
C MET A 975 25.18 -17.01 -8.50
N LEU A 976 25.69 -15.80 -8.79
CA LEU A 976 25.63 -14.67 -7.89
C LEU A 976 24.23 -14.10 -8.02
N ASP A 977 23.45 -14.06 -6.93
CA ASP A 977 22.11 -13.48 -6.98
C ASP A 977 22.23 -12.03 -7.43
N TRP A 978 21.20 -11.46 -8.07
CA TRP A 978 21.32 -10.06 -8.54
C TRP A 978 21.66 -9.11 -7.34
N LEU A 979 21.22 -9.49 -6.10
CA LEU A 979 21.44 -8.71 -4.89
C LEU A 979 22.92 -8.69 -4.45
N VAL A 980 23.54 -9.88 -4.25
CA VAL A 980 24.96 -10.09 -3.86
C VAL A 980 25.85 -9.78 -5.08
N GLY A 981 26.47 -8.63 -5.14
CA GLY A 981 27.23 -8.35 -6.35
C GLY A 981 28.45 -7.51 -6.15
N LEU A 982 28.26 -6.34 -5.54
CA LEU A 982 29.30 -5.38 -5.17
C LEU A 982 29.94 -5.89 -3.87
N ALA A 983 29.26 -6.86 -3.20
CA ALA A 983 29.66 -7.51 -1.97
C ALA A 983 30.67 -8.64 -2.24
N PHE A 984 30.50 -9.37 -3.36
CA PHE A 984 31.35 -10.47 -3.82
C PHE A 984 31.92 -10.06 -5.18
N PRO A 985 32.80 -9.01 -5.22
CA PRO A 985 33.30 -8.53 -6.51
C PRO A 985 34.33 -9.43 -7.18
N CYS A 986 35.06 -10.22 -6.37
CA CYS A 986 36.11 -11.11 -6.83
C CYS A 986 35.60 -12.33 -7.57
N GLN A 987 34.62 -13.05 -6.98
CA GLN A 987 33.98 -14.27 -7.52
C GLN A 987 33.26 -13.96 -8.82
N ARG A 988 33.56 -14.75 -9.88
CA ARG A 988 33.04 -14.53 -11.23
C ARG A 988 31.69 -15.21 -11.55
N PRO A 989 30.69 -14.48 -12.11
CA PRO A 989 29.44 -15.15 -12.50
C PRO A 989 29.64 -15.96 -13.78
N PHE A 990 28.83 -16.98 -13.99
CA PHE A 990 28.91 -17.82 -15.18
C PHE A 990 28.68 -17.00 -16.46
N ASP A 991 29.65 -16.98 -17.39
CA ASP A 991 29.51 -16.24 -18.64
C ASP A 991 28.46 -16.93 -19.52
N HIS A 992 27.91 -16.24 -20.52
CA HIS A 992 26.97 -16.94 -21.39
C HIS A 992 27.52 -16.95 -22.79
N ARG A 993 27.52 -18.13 -23.39
CA ARG A 993 28.09 -18.42 -24.69
C ARG A 993 27.26 -17.88 -25.84
N TYR A 994 26.65 -18.76 -26.63
CA TYR A 994 25.90 -18.44 -27.84
C TYR A 994 24.48 -19.02 -27.73
N GLY A 995 23.82 -18.67 -26.64
CA GLY A 995 22.47 -19.13 -26.29
C GLY A 995 22.51 -20.07 -25.10
N VAL A 996 23.71 -20.60 -24.82
CA VAL A 996 24.04 -21.54 -23.75
C VAL A 996 24.78 -20.81 -22.62
N VAL A 997 24.60 -21.24 -21.37
CA VAL A 997 25.29 -20.66 -20.21
C VAL A 997 26.37 -21.58 -19.63
N GLU A 998 27.35 -20.99 -18.93
CA GLU A 998 28.37 -21.73 -18.21
C GLU A 998 27.65 -22.27 -16.98
N VAL A 999 27.79 -23.56 -16.69
CA VAL A 999 27.09 -24.15 -15.55
C VAL A 999 27.66 -23.63 -14.21
N PRO A 1000 26.84 -22.96 -13.36
CA PRO A 1000 27.37 -22.47 -12.07
C PRO A 1000 27.74 -23.59 -11.11
N LYS A 1001 28.83 -23.40 -10.36
CA LYS A 1001 29.29 -24.44 -9.43
C LYS A 1001 28.91 -24.10 -8.00
N TRP A 1002 28.61 -22.82 -7.75
CA TRP A 1002 28.24 -22.29 -6.44
C TRP A 1002 27.08 -21.29 -6.59
N ARG A 1003 26.42 -20.95 -5.45
CA ARG A 1003 25.36 -19.94 -5.39
C ARG A 1003 25.51 -19.14 -4.11
N ILE A 1004 25.87 -17.85 -4.26
CA ILE A 1004 25.97 -16.93 -3.13
C ILE A 1004 24.65 -16.21 -3.17
N LEU A 1005 24.03 -15.98 -2.01
CA LEU A 1005 22.70 -15.38 -1.98
C LEU A 1005 22.49 -14.48 -0.76
N PRO A 1006 21.54 -13.49 -0.82
CA PRO A 1006 21.30 -12.63 0.35
C PRO A 1006 20.69 -13.34 1.57
N ASP A 1007 20.41 -12.59 2.64
CA ASP A 1007 19.84 -13.11 3.88
C ASP A 1007 18.48 -13.78 3.62
N ARG A 1008 17.96 -14.62 4.56
CA ARG A 1008 16.66 -15.32 4.41
C ARG A 1008 15.59 -14.49 3.71
N PHE A 1009 15.14 -13.38 4.36
CA PHE A 1009 14.09 -12.51 3.84
C PHE A 1009 14.45 -11.87 2.55
N GLY A 1010 15.72 -11.57 2.38
CA GLY A 1010 16.24 -10.94 1.18
C GLY A 1010 16.15 -11.80 -0.06
N ALA A 1011 16.21 -13.12 0.11
CA ALA A 1011 16.13 -14.04 -1.01
C ALA A 1011 14.65 -14.47 -1.13
N GLU A 1012 13.98 -14.63 0.02
CA GLU A 1012 12.56 -15.01 0.13
C GLU A 1012 11.72 -14.04 -0.72
N ALA A 1013 12.12 -12.75 -0.73
CA ALA A 1013 11.42 -11.71 -1.43
C ALA A 1013 12.07 -11.20 -2.71
N ASN A 1014 13.36 -11.45 -2.93
CA ASN A 1014 14.00 -10.90 -4.13
C ASN A 1014 14.41 -11.95 -5.18
N SER A 1015 14.52 -13.24 -4.78
CA SER A 1015 14.84 -14.40 -5.68
C SER A 1015 13.84 -14.58 -6.87
N PRO A 1016 12.52 -14.28 -6.69
CA PRO A 1016 11.57 -14.38 -7.82
C PRO A 1016 11.92 -13.58 -9.07
N VAL A 1017 12.97 -12.76 -9.04
CA VAL A 1017 13.43 -12.00 -10.20
C VAL A 1017 13.98 -12.99 -11.23
N MET A 1018 14.62 -14.06 -10.74
CA MET A 1018 15.25 -15.07 -11.57
C MET A 1018 14.41 -16.33 -11.76
N ASP A 1019 13.19 -16.41 -11.18
CA ASP A 1019 12.30 -17.57 -11.29
C ASP A 1019 11.97 -17.94 -12.76
N TYR A 1020 11.52 -19.20 -12.98
CA TYR A 1020 11.20 -19.71 -14.31
C TYR A 1020 10.21 -18.82 -15.06
N LEU A 1021 9.22 -18.27 -14.33
CA LEU A 1021 8.20 -17.40 -14.89
C LEU A 1021 8.85 -16.18 -15.50
N GLY A 1022 9.86 -15.66 -14.81
CA GLY A 1022 10.63 -14.50 -15.25
C GLY A 1022 11.68 -14.84 -16.29
N GLY A 1023 11.99 -16.13 -16.46
CA GLY A 1023 12.99 -16.59 -17.41
C GLY A 1023 14.45 -16.44 -17.01
N GLY A 1024 14.66 -16.31 -15.70
CA GLY A 1024 15.99 -16.13 -15.09
C GLY A 1024 16.77 -17.40 -14.87
N PRO A 1025 18.10 -17.31 -14.57
CA PRO A 1025 18.91 -18.52 -14.39
C PRO A 1025 18.44 -19.47 -13.30
N LEU A 1026 17.84 -18.94 -12.23
CA LEU A 1026 17.30 -19.68 -11.10
C LEU A 1026 16.28 -20.72 -11.59
N GLY A 1027 15.85 -20.58 -12.83
CA GLY A 1027 14.91 -21.50 -13.48
C GLY A 1027 15.57 -22.58 -14.29
N ILE A 1028 16.80 -22.29 -14.79
CA ILE A 1028 17.67 -23.17 -15.59
C ILE A 1028 18.37 -24.14 -14.63
N THR A 1029 18.88 -23.59 -13.50
CA THR A 1029 19.57 -24.33 -12.45
C THR A 1029 18.63 -25.28 -11.68
N GLU A 1030 17.33 -24.90 -11.63
CA GLU A 1030 16.20 -25.60 -11.00
C GLU A 1030 15.95 -27.00 -11.63
N LEU A 1031 16.51 -27.20 -12.82
CA LEU A 1031 16.37 -28.39 -13.64
C LEU A 1031 17.68 -29.15 -13.77
N LEU A 1032 18.79 -28.42 -13.96
CA LEU A 1032 20.11 -29.00 -14.18
C LEU A 1032 20.86 -29.46 -12.93
N LEU A 1033 20.89 -28.63 -11.88
CA LEU A 1033 21.67 -28.91 -10.67
C LEU A 1033 20.85 -29.24 -9.43
N ARG A 1034 21.51 -29.87 -8.43
CA ARG A 1034 20.98 -30.23 -7.10
C ARG A 1034 21.68 -29.30 -6.10
N PRO A 1035 20.93 -28.47 -5.35
CA PRO A 1035 21.58 -27.50 -4.46
C PRO A 1035 21.82 -27.95 -3.01
N SER A 1036 23.10 -28.18 -2.69
CA SER A 1036 23.50 -28.55 -1.34
C SER A 1036 23.99 -27.30 -0.60
N SER A 1037 23.42 -27.05 0.57
CA SER A 1037 23.82 -25.90 1.37
C SER A 1037 25.08 -26.20 2.17
N VAL A 1038 26.14 -25.40 1.94
CA VAL A 1038 27.41 -25.46 2.67
C VAL A 1038 27.29 -24.46 3.86
N PRO A 1039 27.64 -24.84 5.11
CA PRO A 1039 27.49 -23.88 6.22
C PRO A 1039 28.50 -22.73 6.13
N THR A 1040 28.03 -21.51 6.43
CA THR A 1040 28.80 -20.27 6.35
C THR A 1040 28.60 -19.43 7.59
N TYR A 1041 29.63 -18.61 7.95
CA TYR A 1041 29.67 -17.74 9.14
C TYR A 1041 30.23 -16.34 8.87
N LEU A 1042 29.64 -15.32 9.51
CA LEU A 1042 30.10 -13.94 9.32
C LEU A 1042 31.27 -13.61 10.27
N LYS A 1043 32.38 -13.11 9.68
CA LYS A 1043 33.67 -12.71 10.26
C LYS A 1043 33.73 -12.71 11.78
N ASP A 1044 33.05 -11.72 12.40
CA ASP A 1044 33.02 -11.57 13.84
C ASP A 1044 31.58 -11.36 14.28
N ASP A 1045 30.70 -11.01 13.33
CA ASP A 1045 29.28 -10.87 13.59
C ASP A 1045 28.72 -12.27 13.46
N TRP A 1046 28.92 -13.08 14.51
CA TRP A 1046 28.55 -14.50 14.50
C TRP A 1046 27.06 -14.74 14.27
N TYR A 1047 26.20 -13.98 14.97
CA TYR A 1047 24.74 -14.13 14.94
C TYR A 1047 23.97 -13.42 13.78
N ARG A 1048 24.67 -12.82 12.79
CA ARG A 1048 24.01 -12.09 11.70
C ARG A 1048 23.93 -12.93 10.49
N ASP A 1049 22.71 -13.04 9.91
CA ASP A 1049 22.44 -13.74 8.64
C ASP A 1049 22.99 -12.83 7.55
N TRP A 1050 24.24 -13.11 7.14
CA TRP A 1050 24.95 -12.35 6.11
C TRP A 1050 24.33 -12.72 4.75
N GLY A 1051 23.90 -13.96 4.68
CA GLY A 1051 23.36 -14.58 3.50
C GLY A 1051 23.54 -16.07 3.58
N SER A 1052 23.83 -16.69 2.44
CA SER A 1052 23.95 -18.13 2.30
C SER A 1052 24.87 -18.52 1.13
N LEU A 1053 25.46 -19.73 1.20
CA LEU A 1053 26.32 -20.31 0.16
C LEU A 1053 25.81 -21.70 -0.17
N GLN A 1054 25.73 -21.98 -1.46
CA GLN A 1054 25.27 -23.26 -1.96
C GLN A 1054 26.23 -23.85 -2.95
N ARG A 1055 26.41 -25.16 -2.88
CA ARG A 1055 27.25 -25.95 -3.77
C ARG A 1055 26.31 -26.54 -4.83
N LEU A 1056 26.55 -26.27 -6.12
CA LEU A 1056 25.65 -26.77 -7.16
C LEU A 1056 26.26 -27.92 -7.97
N THR A 1057 25.74 -29.12 -7.72
CA THR A 1057 26.18 -30.38 -8.34
C THR A 1057 25.20 -30.89 -9.42
N PRO A 1058 25.65 -31.23 -10.66
CA PRO A 1058 24.69 -31.71 -11.67
C PRO A 1058 24.09 -33.07 -11.35
N TRP A 1059 22.91 -33.34 -11.91
CA TRP A 1059 22.19 -34.60 -11.71
C TRP A 1059 22.84 -35.73 -12.47
N TYR A 1060 23.40 -35.44 -13.65
CA TYR A 1060 24.11 -36.38 -14.52
C TYR A 1060 25.57 -35.85 -14.55
N PRO A 1061 26.42 -36.13 -13.53
CA PRO A 1061 27.77 -35.54 -13.51
C PRO A 1061 28.71 -36.04 -14.59
N ASP A 1062 28.42 -37.24 -15.16
CA ASP A 1062 29.19 -37.85 -16.26
C ASP A 1062 29.11 -36.95 -17.51
N ALA A 1063 28.04 -36.13 -17.59
CA ALA A 1063 27.77 -35.18 -18.67
C ALA A 1063 28.66 -33.96 -18.54
N GLN A 1064 29.20 -33.50 -19.68
CA GLN A 1064 30.10 -32.34 -19.77
C GLN A 1064 29.68 -31.38 -20.92
N PRO A 1065 30.11 -30.08 -20.90
CA PRO A 1065 29.73 -29.13 -21.97
C PRO A 1065 29.53 -29.66 -23.40
N ALA A 1066 28.47 -29.15 -24.01
CA ALA A 1066 27.91 -29.47 -25.32
C ALA A 1066 28.82 -29.31 -26.52
N ARG A 1067 28.41 -29.98 -27.60
CA ARG A 1067 29.05 -29.96 -28.92
C ARG A 1067 28.26 -28.95 -29.77
N LEU A 1068 28.63 -27.67 -29.62
CA LEU A 1068 27.99 -26.55 -30.32
C LEU A 1068 28.48 -26.39 -31.76
N ASP A 1069 27.65 -26.83 -32.73
CA ASP A 1069 27.99 -26.70 -34.14
C ASP A 1069 27.44 -25.38 -34.65
N LEU A 1070 28.19 -24.28 -34.38
CA LEU A 1070 27.78 -22.92 -34.74
C LEU A 1070 28.50 -22.37 -35.99
N GLY A 1071 27.72 -21.70 -36.84
CA GLY A 1071 28.18 -21.11 -38.09
C GLY A 1071 27.53 -19.77 -38.42
N THR A 1072 28.29 -18.90 -39.12
CA THR A 1072 27.89 -17.55 -39.54
C THR A 1072 26.80 -17.57 -40.63
N ALA A 1073 25.82 -16.64 -40.54
CA ALA A 1073 24.72 -16.45 -41.48
C ALA A 1073 24.05 -15.07 -41.27
N THR A 1074 24.26 -14.11 -42.20
CA THR A 1074 23.71 -12.74 -42.15
C THR A 1074 22.18 -12.73 -42.28
N ARG A 1075 21.50 -11.87 -41.48
CA ARG A 1075 20.02 -11.77 -41.50
C ARG A 1075 19.50 -10.30 -41.52
N SER A 1076 18.33 -10.09 -42.17
CA SER A 1076 17.67 -8.80 -42.39
C SER A 1076 17.22 -8.07 -41.13
N GLY A 1077 16.80 -6.82 -41.30
CA GLY A 1077 16.35 -5.94 -40.22
C GLY A 1077 15.13 -6.43 -39.46
N TRP A 1078 13.97 -6.39 -40.13
CA TRP A 1078 12.64 -6.80 -39.68
C TRP A 1078 12.54 -8.29 -39.34
N TRP A 1079 13.60 -9.08 -39.63
CA TRP A 1079 13.67 -10.53 -39.43
C TRP A 1079 13.57 -10.97 -37.96
N SER A 1080 12.75 -12.03 -37.76
CA SER A 1080 12.42 -12.71 -36.51
C SER A 1080 12.47 -14.24 -36.76
N PRO A 1081 13.28 -15.03 -35.98
CA PRO A 1081 13.32 -16.48 -36.21
C PRO A 1081 12.01 -17.18 -35.83
N ALA A 1082 11.78 -17.33 -34.51
CA ALA A 1082 10.60 -17.97 -33.94
C ALA A 1082 10.05 -17.06 -32.86
N PRO A 1083 8.77 -17.20 -32.43
CA PRO A 1083 8.29 -16.31 -31.34
C PRO A 1083 8.96 -16.59 -29.99
N LEU A 1084 8.99 -15.58 -29.10
CA LEU A 1084 9.57 -15.71 -27.77
C LEU A 1084 8.48 -16.32 -26.88
N ARG A 1085 8.76 -17.47 -26.24
CA ARG A 1085 7.78 -18.19 -25.42
C ARG A 1085 7.62 -17.58 -24.04
N LEU A 1086 6.37 -17.26 -23.66
CA LEU A 1086 6.03 -16.71 -22.34
C LEU A 1086 5.85 -17.87 -21.39
N SER A 1087 6.49 -17.82 -20.20
CA SER A 1087 6.38 -18.91 -19.22
C SER A 1087 5.08 -18.87 -18.41
N HIS A 1088 4.17 -19.84 -18.70
CA HIS A 1088 2.85 -20.03 -18.06
C HIS A 1088 2.09 -18.70 -17.86
N SER B 23 -26.96 54.12 26.33
CA SER B 23 -27.36 53.40 27.54
C SER B 23 -26.48 52.17 27.80
N ASN B 24 -25.67 52.23 28.88
CA ASN B 24 -24.78 51.13 29.30
C ASN B 24 -25.63 50.02 29.89
N HIS B 25 -25.73 48.89 29.17
CA HIS B 25 -26.53 47.74 29.56
C HIS B 25 -25.88 46.95 30.72
N ARG B 26 -25.78 47.57 31.91
CA ARG B 26 -25.21 46.96 33.12
C ARG B 26 -26.17 45.90 33.65
N THR B 27 -27.49 46.17 33.52
CA THR B 27 -28.61 45.32 33.94
C THR B 27 -28.68 44.02 33.10
N ALA B 28 -28.12 44.05 31.87
CA ALA B 28 -28.08 42.92 30.96
C ALA B 28 -26.71 42.26 30.89
N ARG B 29 -25.61 43.04 31.00
CA ARG B 29 -24.25 42.50 30.96
C ARG B 29 -23.87 41.75 32.24
N LEU B 30 -24.58 42.03 33.36
CA LEU B 30 -24.30 41.35 34.62
C LEU B 30 -24.79 39.89 34.60
N VAL B 31 -25.86 39.60 33.83
CA VAL B 31 -26.33 38.22 33.71
C VAL B 31 -25.48 37.47 32.66
N ALA B 32 -24.89 38.20 31.69
CA ALA B 32 -24.02 37.63 30.65
C ALA B 32 -22.70 37.14 31.24
N ILE B 33 -22.16 37.85 32.26
CA ILE B 33 -20.92 37.48 32.93
C ILE B 33 -21.14 36.33 33.95
N ILE B 34 -22.19 36.43 34.78
CA ILE B 34 -22.53 35.44 35.81
C ILE B 34 -23.00 34.12 35.16
N ALA B 35 -24.06 34.15 34.33
CA ALA B 35 -24.58 32.95 33.65
C ALA B 35 -23.57 32.35 32.67
N GLY B 36 -22.66 33.19 32.19
CA GLY B 36 -21.58 32.79 31.30
C GLY B 36 -20.56 31.93 32.04
N LEU B 37 -20.02 32.48 33.16
CA LEU B 37 -19.06 31.79 34.02
C LEU B 37 -19.62 30.51 34.63
N LEU B 38 -20.91 30.55 35.04
CA LEU B 38 -21.62 29.41 35.66
C LEU B 38 -21.89 28.26 34.68
N GLY B 39 -22.26 28.60 33.44
CA GLY B 39 -22.49 27.64 32.36
C GLY B 39 -21.22 26.99 31.85
N THR B 40 -20.05 27.54 32.24
CA THR B 40 -18.71 27.06 31.92
C THR B 40 -18.24 26.18 33.09
N LEU B 41 -18.34 26.69 34.35
CA LEU B 41 -17.93 25.99 35.55
C LEU B 41 -18.80 24.76 35.84
N MET B 42 -20.12 24.83 35.56
CA MET B 42 -21.02 23.69 35.74
C MET B 42 -20.80 22.62 34.66
N ALA B 43 -20.30 23.03 33.48
CA ALA B 43 -19.95 22.12 32.39
C ALA B 43 -18.66 21.38 32.73
N ILE B 44 -17.68 22.08 33.33
CA ILE B 44 -16.39 21.50 33.74
C ILE B 44 -16.56 20.54 34.94
N ALA B 45 -17.47 20.85 35.88
CA ALA B 45 -17.73 20.03 37.07
C ALA B 45 -18.60 18.77 36.82
N THR B 46 -19.51 18.79 35.80
CA THR B 46 -20.43 17.69 35.47
C THR B 46 -19.75 16.32 35.15
N PRO B 47 -18.63 16.17 34.37
CA PRO B 47 -18.06 14.83 34.18
C PRO B 47 -17.55 14.21 35.50
N LEU B 48 -16.98 15.06 36.38
CA LEU B 48 -16.41 14.71 37.69
C LEU B 48 -17.48 14.44 38.76
N LEU B 49 -18.71 14.93 38.53
CA LEU B 49 -19.87 14.79 39.44
C LEU B 49 -20.31 13.34 39.64
N PRO B 50 -20.51 12.91 40.91
CA PRO B 50 -20.88 11.50 41.19
C PRO B 50 -22.10 10.97 40.43
N VAL B 51 -21.95 9.73 39.94
CA VAL B 51 -22.91 8.94 39.17
C VAL B 51 -23.19 7.59 39.90
N GLU B 52 -24.45 7.11 39.92
CA GLU B 52 -24.77 5.85 40.61
C GLU B 52 -24.87 4.67 39.65
N GLN B 53 -24.08 3.62 39.92
CA GLN B 53 -23.98 2.41 39.11
C GLN B 53 -24.89 1.30 39.63
N THR B 54 -25.58 0.60 38.71
CA THR B 54 -26.40 -0.55 39.09
C THR B 54 -25.45 -1.75 39.09
N THR B 55 -24.69 -1.91 40.19
CA THR B 55 -23.67 -2.95 40.38
C THR B 55 -24.31 -4.35 40.42
N ALA B 56 -23.70 -5.32 39.71
CA ALA B 56 -24.19 -6.70 39.68
C ALA B 56 -23.11 -7.68 40.15
N GLU B 57 -23.54 -8.83 40.70
CA GLU B 57 -22.64 -9.88 41.22
C GLU B 57 -23.17 -11.28 40.87
N LEU B 58 -22.25 -12.14 40.40
CA LEU B 58 -22.54 -13.52 40.01
C LEU B 58 -22.35 -14.48 41.19
N ASN B 59 -23.37 -15.31 41.45
CA ASN B 59 -23.37 -16.33 42.50
C ASN B 59 -23.86 -17.65 41.92
N TRP B 60 -22.90 -18.56 41.66
CA TRP B 60 -23.10 -19.87 41.02
C TRP B 60 -23.95 -20.87 41.86
N PRO B 61 -23.71 -21.12 43.17
CA PRO B 61 -24.55 -22.08 43.88
C PRO B 61 -25.97 -21.58 44.22
N GLN B 62 -26.32 -20.33 43.84
CA GLN B 62 -27.62 -19.67 44.10
C GLN B 62 -28.84 -20.45 43.56
N ASN B 63 -28.63 -21.35 42.57
CA ASN B 63 -29.68 -22.20 42.00
C ASN B 63 -30.23 -23.18 43.05
N GLY B 64 -29.35 -23.99 43.64
CA GLY B 64 -29.69 -24.98 44.66
C GLY B 64 -28.91 -26.28 44.51
N VAL B 65 -28.96 -26.88 43.31
CA VAL B 65 -28.29 -28.13 42.96
C VAL B 65 -27.14 -27.85 41.96
N TRP B 66 -26.49 -28.90 41.40
CA TRP B 66 -25.39 -28.77 40.45
C TRP B 66 -25.80 -28.95 38.99
N GLN B 67 -25.75 -27.84 38.22
CA GLN B 67 -26.04 -27.77 36.78
C GLN B 67 -25.46 -26.49 36.19
N SER B 68 -24.71 -26.61 35.07
CA SER B 68 -24.06 -25.52 34.34
C SER B 68 -24.95 -24.28 34.14
N VAL B 69 -24.35 -23.08 34.24
CA VAL B 69 -25.07 -21.81 34.15
C VAL B 69 -24.44 -20.87 33.10
N ASP B 70 -25.29 -20.10 32.37
CA ASP B 70 -24.90 -19.17 31.31
C ASP B 70 -24.75 -17.74 31.83
N ALA B 71 -23.53 -17.22 31.79
CA ALA B 71 -23.23 -15.84 32.16
C ALA B 71 -22.11 -15.32 31.23
N PRO B 72 -22.38 -15.13 29.92
CA PRO B 72 -21.31 -14.68 29.01
C PRO B 72 -21.06 -13.18 29.17
N LEU B 73 -19.85 -12.83 29.60
CA LEU B 73 -19.43 -11.46 29.91
C LEU B 73 -19.05 -10.61 28.67
N ILE B 74 -19.57 -9.34 28.53
CA ILE B 74 -19.20 -8.45 27.42
C ILE B 74 -17.76 -8.09 27.60
N GLY B 75 -17.44 -7.63 28.81
CA GLY B 75 -16.10 -7.22 29.23
C GLY B 75 -15.12 -8.37 29.28
N TYR B 76 -15.64 -9.61 29.14
CA TYR B 76 -14.94 -10.90 29.14
C TYR B 76 -14.58 -11.38 30.54
N VAL B 77 -14.05 -10.48 31.36
CA VAL B 77 -13.49 -10.70 32.69
C VAL B 77 -14.27 -9.97 33.83
N ALA B 78 -14.22 -10.51 35.08
CA ALA B 78 -14.83 -9.95 36.28
C ALA B 78 -13.79 -9.04 37.00
N THR B 79 -14.26 -7.95 37.67
CA THR B 79 -13.37 -7.04 38.43
C THR B 79 -12.58 -7.83 39.48
N ASP B 80 -13.27 -8.77 40.18
CA ASP B 80 -12.73 -9.70 41.18
C ASP B 80 -13.60 -10.96 41.31
N LEU B 81 -12.97 -12.12 41.58
CA LEU B 81 -13.68 -13.39 41.73
C LEU B 81 -13.08 -14.26 42.84
N THR B 82 -13.96 -14.74 43.74
CA THR B 82 -13.58 -15.62 44.85
C THR B 82 -14.19 -17.02 44.65
N VAL B 83 -13.32 -18.02 44.52
CA VAL B 83 -13.70 -19.42 44.30
C VAL B 83 -13.30 -20.22 45.52
N THR B 84 -14.31 -20.66 46.29
CA THR B 84 -14.12 -21.47 47.49
C THR B 84 -14.88 -22.77 47.34
N VAL B 85 -14.16 -23.91 47.39
CA VAL B 85 -14.74 -25.25 47.22
C VAL B 85 -14.30 -26.23 48.32
N PRO B 86 -15.20 -27.11 48.83
CA PRO B 86 -14.75 -28.10 49.83
C PRO B 86 -13.93 -29.22 49.19
N CYS B 87 -12.88 -29.68 49.89
CA CYS B 87 -11.98 -30.72 49.42
C CYS B 87 -12.70 -32.05 49.14
N GLN B 88 -13.65 -32.45 50.02
CA GLN B 88 -14.42 -33.70 49.96
C GLN B 88 -15.40 -33.75 48.76
N ALA B 89 -15.70 -32.58 48.13
CA ALA B 89 -16.58 -32.48 46.97
C ALA B 89 -15.97 -33.13 45.71
N ALA B 90 -14.63 -33.26 45.66
CA ALA B 90 -13.88 -33.87 44.56
C ALA B 90 -14.25 -35.33 44.29
N ALA B 91 -14.94 -35.97 45.26
CA ALA B 91 -15.38 -37.38 45.24
C ALA B 91 -16.22 -37.77 44.03
N GLY B 92 -17.04 -36.84 43.54
CA GLY B 92 -17.91 -37.06 42.38
C GLY B 92 -17.21 -37.21 41.05
N LEU B 93 -15.86 -37.15 41.04
CA LEU B 93 -15.03 -37.24 39.84
C LEU B 93 -14.35 -38.61 39.65
N VAL B 94 -13.81 -39.21 40.74
CA VAL B 94 -13.15 -40.54 40.73
C VAL B 94 -14.17 -41.61 41.11
N GLY B 95 -14.94 -41.33 42.16
CA GLY B 95 -16.00 -42.18 42.72
C GLY B 95 -16.97 -42.83 41.76
N PRO B 96 -17.45 -42.13 40.68
CA PRO B 96 -18.40 -42.78 39.74
C PRO B 96 -17.91 -44.10 39.14
N GLU B 97 -16.64 -44.10 38.65
CA GLU B 97 -15.93 -45.19 37.95
C GLU B 97 -16.52 -45.49 36.58
N ASN B 98 -17.84 -45.28 36.42
CA ASN B 98 -18.58 -45.47 35.18
C ASN B 98 -18.81 -44.12 34.49
N ARG B 99 -19.08 -43.06 35.27
CA ARG B 99 -19.35 -41.71 34.76
C ARG B 99 -18.08 -40.95 34.40
N ASN B 100 -18.09 -40.34 33.19
CA ASN B 100 -17.00 -39.58 32.57
C ASN B 100 -17.00 -38.08 32.92
N ARG B 101 -17.21 -37.78 34.22
CA ARG B 101 -17.22 -36.43 34.79
C ARG B 101 -15.76 -35.99 34.97
N SER B 102 -15.40 -34.82 34.40
CA SER B 102 -14.01 -34.34 34.40
C SER B 102 -13.74 -33.04 35.17
N VAL B 103 -14.67 -32.06 35.14
CA VAL B 103 -14.48 -30.76 35.78
C VAL B 103 -15.48 -30.51 36.92
N LEU B 104 -14.99 -29.95 38.05
CA LEU B 104 -15.83 -29.56 39.19
C LEU B 104 -16.55 -28.28 38.77
N LEU B 105 -15.79 -27.21 38.46
CA LEU B 105 -16.33 -25.97 37.94
C LEU B 105 -15.38 -25.33 36.95
N SER B 106 -15.87 -25.13 35.73
CA SER B 106 -15.15 -24.53 34.61
C SER B 106 -15.75 -23.17 34.38
N THR B 107 -14.91 -22.14 34.11
CA THR B 107 -15.43 -20.80 33.86
C THR B 107 -15.66 -20.56 32.35
N VAL B 108 -15.29 -21.59 31.56
CA VAL B 108 -15.41 -21.72 30.10
C VAL B 108 -15.81 -23.18 29.79
N PRO B 109 -16.62 -23.50 28.75
CA PRO B 109 -16.94 -24.92 28.52
C PRO B 109 -15.70 -25.68 28.11
N LYS B 110 -15.38 -26.76 28.87
CA LYS B 110 -14.21 -27.63 28.71
C LYS B 110 -13.88 -28.00 27.24
N GLN B 111 -14.91 -28.44 26.51
CA GLN B 111 -14.88 -28.89 25.12
C GLN B 111 -14.45 -27.82 24.10
N ALA B 112 -14.59 -26.52 24.45
CA ALA B 112 -14.21 -25.39 23.58
C ALA B 112 -12.70 -25.36 23.29
N PRO B 113 -12.29 -25.17 22.01
CA PRO B 113 -10.86 -25.24 21.67
C PRO B 113 -10.00 -24.23 22.40
N LYS B 114 -10.39 -22.95 22.36
CA LYS B 114 -9.66 -21.91 23.07
C LYS B 114 -10.36 -21.69 24.42
N ALA B 115 -10.22 -22.66 25.33
CA ALA B 115 -10.85 -22.61 26.65
C ALA B 115 -9.79 -22.73 27.71
N ILE B 116 -9.00 -23.83 27.63
CA ILE B 116 -7.91 -24.21 28.53
C ILE B 116 -6.83 -23.12 28.66
N ASP B 117 -6.83 -22.15 27.71
CA ASP B 117 -5.90 -21.02 27.66
C ASP B 117 -6.59 -19.64 27.75
N ARG B 118 -7.85 -19.61 28.21
CA ARG B 118 -8.62 -18.36 28.34
C ARG B 118 -9.24 -18.27 29.73
N GLY B 119 -9.93 -19.33 30.12
CA GLY B 119 -10.63 -19.37 31.40
C GLY B 119 -9.91 -20.12 32.51
N LEU B 120 -10.67 -20.38 33.58
CA LEU B 120 -10.28 -21.10 34.78
C LEU B 120 -10.93 -22.46 34.80
N LEU B 121 -10.12 -23.50 34.99
CA LEU B 121 -10.57 -24.88 35.05
C LEU B 121 -10.03 -25.56 36.29
N ILE B 122 -10.93 -26.10 37.13
CA ILE B 122 -10.55 -26.87 38.32
C ILE B 122 -10.82 -28.38 37.98
N GLU B 123 -10.23 -28.78 36.84
CA GLU B 123 -10.31 -30.09 36.23
C GLU B 123 -9.35 -31.09 36.88
N ARG B 124 -9.63 -32.38 36.66
CA ARG B 124 -8.88 -33.49 37.20
C ARG B 124 -7.98 -34.08 36.10
N ILE B 125 -6.65 -34.00 36.30
CA ILE B 125 -5.69 -34.56 35.34
C ILE B 125 -5.03 -35.80 35.95
N ASN B 126 -5.34 -36.99 35.37
CA ASN B 126 -4.86 -38.31 35.78
C ASN B 126 -5.32 -38.60 37.21
N ASN B 127 -4.44 -38.38 38.21
CA ASN B 127 -4.78 -38.60 39.62
C ASN B 127 -4.47 -37.38 40.51
N ASP B 128 -4.23 -36.21 39.86
CA ASP B 128 -3.95 -34.95 40.56
C ASP B 128 -4.85 -33.81 40.07
N LEU B 129 -5.60 -33.20 41.00
CA LEU B 129 -6.52 -32.09 40.72
C LEU B 129 -5.74 -30.78 40.56
N THR B 130 -5.51 -30.37 39.30
CA THR B 130 -4.77 -29.14 38.96
C THR B 130 -5.74 -27.98 38.70
N VAL B 131 -5.39 -26.76 39.14
CA VAL B 131 -6.20 -25.56 38.91
C VAL B 131 -5.51 -24.76 37.83
N ILE B 132 -6.10 -24.69 36.63
CA ILE B 132 -5.48 -23.98 35.52
C ILE B 132 -6.25 -22.72 35.18
N VAL B 133 -5.61 -21.54 35.41
CA VAL B 133 -6.14 -20.23 35.07
C VAL B 133 -5.33 -19.74 33.86
N ARG B 134 -6.03 -19.40 32.76
CA ARG B 134 -5.41 -19.08 31.46
C ARG B 134 -4.69 -20.37 31.02
N ASN B 135 -3.55 -20.30 30.30
CA ASN B 135 -2.85 -21.52 29.86
C ASN B 135 -1.95 -22.15 30.94
N THR B 136 -1.59 -21.38 31.98
CA THR B 136 -0.68 -21.77 33.05
C THR B 136 -1.34 -22.43 34.26
N PRO B 137 -0.77 -23.54 34.79
CA PRO B 137 -1.35 -24.17 35.99
C PRO B 137 -0.92 -23.43 37.25
N VAL B 138 -1.82 -23.28 38.24
CA VAL B 138 -1.49 -22.54 39.44
C VAL B 138 -1.17 -23.47 40.64
N VAL B 139 -2.05 -24.47 40.98
CA VAL B 139 -1.84 -25.40 42.12
C VAL B 139 -2.27 -26.81 41.75
N SER B 140 -1.42 -27.80 42.07
CA SER B 140 -1.67 -29.22 41.81
C SER B 140 -1.48 -30.05 43.07
N ALA B 141 -2.42 -30.98 43.32
CA ALA B 141 -2.40 -31.88 44.47
C ALA B 141 -3.12 -33.20 44.16
N PRO B 142 -2.47 -34.37 44.35
CA PRO B 142 -3.12 -35.65 44.05
C PRO B 142 -4.33 -35.95 44.94
N LEU B 143 -5.38 -36.55 44.34
CA LEU B 143 -6.68 -36.92 44.95
C LEU B 143 -6.58 -37.77 46.22
N GLU B 144 -5.54 -38.64 46.31
CA GLU B 144 -5.24 -39.50 47.46
C GLU B 144 -4.99 -38.65 48.70
N GLN B 145 -4.32 -37.49 48.49
CA GLN B 145 -4.00 -36.50 49.53
C GLN B 145 -5.10 -35.45 49.71
N VAL B 146 -5.93 -35.24 48.67
CA VAL B 146 -7.01 -34.24 48.68
C VAL B 146 -8.20 -34.70 49.54
N LEU B 147 -8.82 -35.85 49.21
CA LEU B 147 -10.00 -36.37 49.91
C LEU B 147 -9.74 -36.88 51.35
N SER B 148 -8.50 -37.32 51.67
CA SER B 148 -8.10 -37.92 52.95
C SER B 148 -8.38 -37.06 54.25
N PRO B 149 -7.91 -35.80 54.44
CA PRO B 149 -8.19 -35.11 55.72
C PRO B 149 -9.64 -34.67 55.92
N ASP B 150 -10.05 -34.53 57.20
CA ASP B 150 -11.39 -34.17 57.63
C ASP B 150 -11.79 -32.71 57.36
N CYS B 151 -10.98 -31.74 57.82
CA CYS B 151 -11.28 -30.31 57.68
C CYS B 151 -10.34 -29.56 56.69
N ARG B 152 -10.74 -29.51 55.42
CA ARG B 152 -9.99 -28.84 54.34
C ARG B 152 -10.93 -28.24 53.30
N TYR B 153 -10.45 -27.22 52.55
CA TYR B 153 -11.16 -26.55 51.45
C TYR B 153 -10.16 -25.86 50.49
N LEU B 154 -10.64 -25.03 49.54
CA LEU B 154 -9.80 -24.34 48.57
C LEU B 154 -10.17 -22.86 48.45
N THR B 155 -9.17 -21.99 48.28
CA THR B 155 -9.36 -20.55 48.11
C THR B 155 -8.65 -20.06 46.84
N PHE B 156 -9.43 -19.61 45.85
CA PHE B 156 -8.91 -19.08 44.59
C PHE B 156 -9.33 -17.62 44.44
N THR B 157 -8.36 -16.75 44.16
CA THR B 157 -8.65 -15.32 44.01
C THR B 157 -8.19 -14.80 42.64
N ALA B 158 -9.17 -14.40 41.82
CA ALA B 158 -8.92 -13.82 40.51
C ALA B 158 -8.80 -12.32 40.74
N HIS B 159 -7.55 -11.82 40.66
CA HIS B 159 -7.25 -10.40 40.87
C HIS B 159 -6.24 -9.87 39.87
N ALA B 160 -6.48 -8.63 39.43
CA ALA B 160 -5.69 -7.87 38.45
C ALA B 160 -4.19 -8.01 38.57
N ASP B 161 -3.65 -7.84 39.79
CA ASP B 161 -2.22 -7.91 40.06
C ASP B 161 -1.70 -9.34 40.16
N LYS B 162 -2.20 -10.13 41.11
CA LYS B 162 -1.78 -11.52 41.31
C LYS B 162 -2.95 -12.48 41.49
N VAL B 163 -2.78 -13.70 40.95
CA VAL B 163 -3.78 -14.76 41.03
C VAL B 163 -3.34 -15.79 42.10
N THR B 164 -4.19 -15.99 43.13
CA THR B 164 -3.86 -16.91 44.22
C THR B 164 -4.69 -18.17 44.18
N GLY B 165 -4.06 -19.26 44.62
CA GLY B 165 -4.66 -20.58 44.72
C GLY B 165 -3.95 -21.36 45.81
N GLU B 166 -4.70 -22.08 46.66
CA GLU B 166 -4.14 -22.85 47.77
C GLU B 166 -5.06 -23.95 48.24
N PHE B 167 -4.49 -25.11 48.60
CA PHE B 167 -5.19 -26.24 49.16
C PHE B 167 -4.90 -26.20 50.66
N VAL B 168 -5.78 -25.53 51.43
CA VAL B 168 -5.60 -25.33 52.88
C VAL B 168 -5.72 -26.66 53.66
N GLY B 169 -4.70 -26.93 54.48
CA GLY B 169 -4.61 -28.13 55.31
C GLY B 169 -3.57 -29.12 54.82
N LEU B 170 -3.64 -29.47 53.52
CA LEU B 170 -2.73 -30.42 52.87
C LEU B 170 -1.39 -29.77 52.57
N THR B 171 -0.30 -30.40 53.04
CA THR B 171 1.08 -29.94 52.85
C THR B 171 1.85 -30.93 51.97
N GLN B 172 2.75 -30.42 51.11
CA GLN B 172 3.57 -31.25 50.21
C GLN B 172 4.70 -31.95 50.99
N GLY B 173 5.27 -33.00 50.39
CA GLY B 173 6.39 -33.73 50.95
C GLY B 173 7.72 -33.18 50.44
N PRO B 174 8.79 -34.01 50.37
CA PRO B 174 10.08 -33.49 49.87
C PRO B 174 10.08 -33.17 48.36
N ASP B 175 9.74 -31.91 48.02
CA ASP B 175 9.67 -31.43 46.64
C ASP B 175 9.99 -29.93 46.52
N ASP B 176 9.74 -29.33 45.33
CA ASP B 176 9.97 -27.92 44.98
C ASP B 176 9.31 -26.90 45.91
N ASP B 177 8.09 -27.21 46.39
CA ASP B 177 7.29 -26.36 47.29
C ASP B 177 7.96 -26.12 48.64
N ASP B 178 8.77 -27.09 49.11
CA ASP B 178 9.45 -27.18 50.40
C ASP B 178 8.44 -27.77 51.38
N PRO B 179 8.68 -29.00 51.89
CA PRO B 179 7.70 -29.65 52.78
C PRO B 179 7.17 -28.79 53.94
N GLY B 180 5.87 -28.92 54.18
CA GLY B 180 5.15 -28.22 55.24
C GLY B 180 4.86 -26.75 54.94
N GLU B 181 4.36 -26.46 53.73
CA GLU B 181 4.04 -25.10 53.33
C GLU B 181 2.65 -24.95 52.68
N ALA B 182 1.74 -25.93 52.96
CA ALA B 182 0.35 -26.01 52.51
C ALA B 182 0.10 -25.91 50.97
N VAL B 183 1.18 -25.86 50.15
CA VAL B 183 1.16 -25.75 48.67
C VAL B 183 0.38 -24.51 48.20
N ARG B 184 1.08 -23.36 48.17
CA ARG B 184 0.49 -22.09 47.76
C ARG B 184 0.99 -21.71 46.37
N GLY B 185 0.07 -21.23 45.54
CA GLY B 185 0.33 -20.80 44.17
C GLY B 185 -0.05 -19.35 43.94
N GLU B 186 0.94 -18.43 44.04
CA GLU B 186 0.78 -17.00 43.84
C GLU B 186 1.48 -16.61 42.54
N ARG B 187 0.71 -16.22 41.52
CA ARG B 187 1.29 -15.85 40.24
C ARG B 187 1.04 -14.38 39.89
N SER B 188 2.13 -13.61 39.81
CA SER B 188 2.09 -12.18 39.49
C SER B 188 2.89 -11.87 38.21
N GLY B 189 3.07 -10.58 37.93
CA GLY B 189 3.80 -10.12 36.75
C GLY B 189 2.88 -9.78 35.60
N TYR B 190 1.72 -10.47 35.53
CA TYR B 190 0.71 -10.25 34.49
C TYR B 190 -0.73 -10.27 35.05
N ASP B 191 -1.72 -10.27 34.14
CA ASP B 191 -3.14 -10.24 34.48
C ASP B 191 -3.66 -11.53 35.12
N PHE B 192 -3.82 -12.61 34.31
CA PHE B 192 -4.28 -13.97 34.67
C PHE B 192 -5.79 -14.10 34.98
N ARG B 193 -6.56 -12.99 35.08
CA ARG B 193 -8.01 -13.06 35.36
C ARG B 193 -8.70 -13.85 34.23
N PRO B 194 -9.52 -14.88 34.54
CA PRO B 194 -10.09 -15.70 33.48
C PRO B 194 -11.30 -15.11 32.79
N GLN B 195 -11.50 -15.48 31.51
CA GLN B 195 -12.66 -15.06 30.75
C GLN B 195 -13.84 -15.89 31.26
N ILE B 196 -14.92 -15.23 31.71
CA ILE B 196 -16.08 -15.91 32.28
C ILE B 196 -17.27 -15.93 31.32
N VAL B 197 -17.59 -17.11 30.77
CA VAL B 197 -18.76 -17.28 29.90
C VAL B 197 -19.88 -18.02 30.65
N GLY B 198 -19.70 -18.10 31.97
CA GLY B 198 -20.61 -18.77 32.90
C GLY B 198 -19.87 -19.79 33.74
N VAL B 199 -20.55 -20.35 34.74
CA VAL B 199 -19.97 -21.37 35.62
C VAL B 199 -20.54 -22.71 35.18
N PHE B 200 -19.68 -23.61 34.68
CA PHE B 200 -20.06 -24.91 34.12
C PHE B 200 -19.63 -26.08 34.99
N THR B 201 -20.39 -27.21 34.96
CA THR B 201 -20.09 -28.42 35.73
C THR B 201 -20.47 -29.72 35.04
N ASP B 202 -19.73 -30.80 35.36
CA ASP B 202 -19.96 -32.16 34.83
C ASP B 202 -20.78 -32.98 35.82
N LEU B 203 -21.05 -32.41 36.99
CA LEU B 203 -21.72 -33.08 38.10
C LEU B 203 -23.19 -32.72 38.29
N SER B 204 -23.98 -33.69 38.82
CA SER B 204 -25.43 -33.58 39.05
C SER B 204 -25.84 -33.64 40.54
N GLY B 205 -24.95 -34.11 41.42
CA GLY B 205 -25.18 -34.21 42.85
C GLY B 205 -25.31 -32.86 43.54
N PRO B 206 -26.12 -32.73 44.63
CA PRO B 206 -26.28 -31.40 45.27
C PRO B 206 -25.01 -30.78 45.84
N ALA B 207 -25.00 -29.42 45.93
CA ALA B 207 -23.88 -28.62 46.45
C ALA B 207 -23.59 -28.89 47.94
N PRO B 208 -22.30 -29.05 48.33
CA PRO B 208 -21.99 -29.33 49.74
C PRO B 208 -21.69 -28.06 50.55
N GLU B 209 -21.07 -28.20 51.74
CA GLU B 209 -20.68 -27.12 52.65
C GLU B 209 -19.78 -26.11 51.96
N GLY B 210 -20.03 -24.83 52.21
CA GLY B 210 -19.28 -23.75 51.57
C GLY B 210 -19.69 -23.62 50.11
N LEU B 211 -18.75 -23.93 49.18
CA LEU B 211 -18.90 -23.88 47.72
C LEU B 211 -19.68 -22.64 47.27
N GLN B 212 -19.03 -21.48 47.31
CA GLN B 212 -19.66 -20.22 46.94
C GLN B 212 -18.80 -19.41 45.96
N LEU B 213 -19.27 -19.33 44.70
CA LEU B 213 -18.56 -18.60 43.66
C LEU B 213 -19.11 -17.19 43.61
N SER B 214 -18.28 -16.21 43.97
CA SER B 214 -18.69 -14.83 43.97
C SER B 214 -17.81 -14.02 43.01
N ALA B 215 -18.35 -13.74 41.81
CA ALA B 215 -17.68 -12.98 40.77
C ALA B 215 -18.34 -11.61 40.70
N THR B 216 -17.59 -10.55 41.05
CA THR B 216 -18.11 -9.18 41.01
C THR B 216 -17.99 -8.72 39.55
N ILE B 217 -19.04 -9.00 38.76
CA ILE B 217 -19.11 -8.68 37.34
C ILE B 217 -19.06 -7.16 37.14
N ASP B 218 -18.29 -6.72 36.12
CA ASP B 218 -18.05 -5.30 35.77
C ASP B 218 -19.24 -4.64 35.07
N THR B 219 -19.88 -3.67 35.75
CA THR B 219 -21.03 -2.92 35.22
C THR B 219 -20.74 -1.40 35.27
N ARG B 220 -19.44 -1.02 35.31
CA ARG B 220 -18.96 0.37 35.38
C ARG B 220 -19.61 1.34 34.39
N TYR B 221 -20.03 0.84 33.22
CA TYR B 221 -20.64 1.68 32.18
C TYR B 221 -22.18 1.65 32.23
N SER B 222 -22.77 0.73 33.04
CA SER B 222 -24.22 0.63 33.25
C SER B 222 -24.56 1.57 34.41
N THR B 223 -24.65 2.89 34.11
CA THR B 223 -24.85 3.91 35.13
C THR B 223 -26.07 4.84 34.92
N SER B 224 -26.47 5.51 36.04
CA SER B 224 -27.57 6.46 36.21
C SER B 224 -27.03 7.92 36.33
N PRO B 225 -27.83 8.99 36.09
CA PRO B 225 -27.27 10.35 36.16
C PRO B 225 -26.93 10.87 37.55
N THR B 226 -27.78 10.62 38.58
CA THR B 226 -27.63 11.08 39.97
C THR B 226 -28.14 12.50 40.16
N LEU B 227 -28.97 12.70 41.20
CA LEU B 227 -29.60 13.96 41.60
C LEU B 227 -28.64 15.16 41.61
N LEU B 228 -27.40 14.96 42.13
CA LEU B 228 -26.35 16.00 42.22
C LEU B 228 -25.84 16.42 40.86
N LYS B 229 -25.52 15.44 39.98
CA LYS B 229 -25.02 15.66 38.62
C LYS B 229 -26.12 16.22 37.71
N LEU B 230 -27.33 15.60 37.72
CA LEU B 230 -28.50 16.01 36.95
C LEU B 230 -28.98 17.44 37.33
N LEU B 231 -28.67 17.89 38.57
CA LEU B 231 -29.00 19.23 39.06
C LEU B 231 -28.14 20.22 38.26
N ALA B 232 -26.80 20.12 38.40
CA ALA B 232 -25.84 20.97 37.72
C ALA B 232 -25.89 20.83 36.18
N MET B 233 -26.37 19.68 35.68
CA MET B 233 -26.53 19.41 34.24
C MET B 233 -27.67 20.28 33.65
N ILE B 234 -28.87 20.23 34.26
CA ILE B 234 -30.06 20.98 33.82
C ILE B 234 -29.87 22.47 34.12
N VAL B 235 -29.26 22.82 35.29
CA VAL B 235 -28.99 24.21 35.66
C VAL B 235 -27.92 24.80 34.73
N GLY B 236 -26.91 24.00 34.38
CA GLY B 236 -25.83 24.37 33.48
C GLY B 236 -26.25 24.69 32.06
N VAL B 237 -27.13 23.85 31.48
CA VAL B 237 -27.64 24.08 30.12
C VAL B 237 -28.52 25.33 30.13
N ALA B 238 -29.45 25.44 31.11
CA ALA B 238 -30.32 26.60 31.28
C ALA B 238 -29.52 27.89 31.45
N MET B 239 -28.41 27.86 32.27
CA MET B 239 -27.48 28.97 32.51
C MET B 239 -26.88 29.50 31.21
N THR B 240 -26.51 28.59 30.28
CA THR B 240 -25.96 28.92 28.95
C THR B 240 -27.06 29.58 28.13
N VAL B 241 -28.26 28.97 28.08
CA VAL B 241 -29.44 29.50 27.38
C VAL B 241 -29.70 30.95 27.88
N ILE B 242 -29.52 31.18 29.21
CA ILE B 242 -29.64 32.51 29.85
C ILE B 242 -28.51 33.43 29.32
N ALA B 243 -27.24 32.96 29.43
CA ALA B 243 -26.02 33.68 29.03
C ALA B 243 -26.03 34.11 27.54
N LEU B 244 -26.56 33.26 26.65
CA LEU B 244 -26.63 33.53 25.21
C LEU B 244 -27.67 34.58 24.88
N GLY B 245 -28.83 34.54 25.55
CA GLY B 245 -29.88 35.54 25.39
C GLY B 245 -29.41 36.90 25.88
N ALA B 246 -28.58 36.90 26.95
CA ALA B 246 -27.94 38.06 27.58
C ALA B 246 -26.84 38.64 26.68
N LEU B 247 -26.28 37.80 25.79
CA LEU B 247 -25.28 38.20 24.81
C LEU B 247 -26.06 38.84 23.65
N HIS B 248 -27.15 38.18 23.22
CA HIS B 248 -28.03 38.62 22.13
C HIS B 248 -28.55 40.01 22.36
N VAL B 249 -28.89 40.37 23.61
CA VAL B 249 -29.38 41.71 23.96
C VAL B 249 -28.26 42.75 23.81
N LEU B 250 -27.02 42.38 24.19
CA LEU B 250 -25.82 43.22 24.09
C LEU B 250 -25.41 43.43 22.63
N ASP B 251 -25.82 42.51 21.73
CA ASP B 251 -25.54 42.53 20.29
C ASP B 251 -26.43 43.54 19.59
N CYS B 252 -27.77 43.38 19.73
CA CYS B 252 -28.73 44.29 19.10
C CYS B 252 -28.88 45.61 19.87
N ALA B 253 -28.06 45.80 20.94
CA ALA B 253 -27.96 47.03 21.74
C ALA B 253 -27.47 48.15 20.84
N ASP B 254 -26.67 47.79 19.82
CA ASP B 254 -26.19 48.70 18.80
C ASP B 254 -27.30 48.66 17.73
N GLY B 255 -28.31 49.50 18.01
CA GLY B 255 -29.57 49.68 17.28
C GLY B 255 -29.63 49.43 15.79
N ARG B 256 -30.01 48.19 15.43
CA ARG B 256 -30.19 47.77 14.05
C ARG B 256 -31.29 46.72 13.97
N ARG B 257 -31.87 46.52 12.77
CA ARG B 257 -32.95 45.57 12.50
C ARG B 257 -32.53 44.11 12.70
N HIS B 258 -33.49 43.28 13.12
CA HIS B 258 -33.28 41.86 13.39
C HIS B 258 -33.34 41.00 12.14
N LYS B 259 -32.15 40.49 11.74
CA LYS B 259 -31.90 39.55 10.63
C LYS B 259 -32.43 40.04 9.27
N ARG B 260 -31.57 40.74 8.50
CA ARG B 260 -31.91 41.32 7.19
C ARG B 260 -32.15 40.26 6.09
N PHE B 261 -31.22 39.29 5.98
CA PHE B 261 -31.21 38.18 5.03
C PHE B 261 -31.02 36.86 5.80
N LEU B 262 -30.79 36.99 7.13
CA LEU B 262 -30.58 35.92 8.12
C LEU B 262 -31.83 35.01 8.40
N PRO B 263 -33.13 35.45 8.28
CA PRO B 263 -34.23 34.49 8.54
C PRO B 263 -34.24 33.40 7.47
N SER B 264 -34.34 33.79 6.17
CA SER B 264 -34.35 32.88 5.02
C SER B 264 -34.55 33.56 3.68
N ARG B 265 -33.81 33.08 2.68
CA ARG B 265 -33.92 33.48 1.28
C ARG B 265 -35.12 32.68 0.74
N TRP B 266 -36.24 33.37 0.35
CA TRP B 266 -37.49 32.74 -0.12
C TRP B 266 -37.26 31.52 -1.07
N TRP B 267 -37.53 30.32 -0.52
CA TRP B 267 -37.41 29.02 -1.17
C TRP B 267 -38.44 28.85 -2.31
N SER B 268 -37.95 28.28 -3.42
CA SER B 268 -38.69 27.93 -4.64
C SER B 268 -37.71 27.12 -5.48
N MET B 269 -38.23 26.04 -6.10
CA MET B 269 -37.43 25.12 -6.91
C MET B 269 -36.88 25.77 -8.19
N THR B 270 -36.01 25.03 -8.88
CA THR B 270 -35.35 25.39 -10.13
C THR B 270 -35.15 24.04 -10.82
N PRO B 271 -35.09 23.91 -12.18
CA PRO B 271 -34.80 22.60 -12.77
C PRO B 271 -33.59 21.90 -12.12
N LEU B 272 -32.53 22.67 -11.73
CA LEU B 272 -31.38 22.12 -11.03
C LEU B 272 -31.82 21.66 -9.64
N ASP B 273 -32.51 22.54 -8.88
CA ASP B 273 -33.03 22.27 -7.53
C ASP B 273 -33.92 21.04 -7.49
N GLY B 274 -34.55 20.72 -8.62
CA GLY B 274 -35.37 19.53 -8.77
C GLY B 274 -34.54 18.32 -9.12
N LEU B 275 -33.59 18.49 -10.10
CA LEU B 275 -32.67 17.45 -10.59
C LEU B 275 -31.83 16.88 -9.46
N VAL B 276 -31.33 17.76 -8.59
CA VAL B 276 -30.57 17.41 -7.40
C VAL B 276 -31.42 16.48 -6.52
N SER B 277 -32.66 16.90 -6.24
CA SER B 277 -33.64 16.17 -5.43
C SER B 277 -34.00 14.83 -6.04
N ALA B 278 -34.14 14.81 -7.40
CA ALA B 278 -34.45 13.62 -8.20
C ALA B 278 -33.39 12.56 -7.93
N MET B 279 -32.08 12.95 -8.13
CA MET B 279 -30.87 12.16 -7.90
C MET B 279 -30.83 11.71 -6.47
N LEU B 280 -30.82 12.66 -5.51
CA LEU B 280 -30.82 12.44 -4.06
C LEU B 280 -31.87 11.38 -3.61
N VAL B 281 -33.16 11.58 -4.03
CA VAL B 281 -34.29 10.70 -3.68
C VAL B 281 -34.23 9.32 -4.39
N TRP B 282 -33.87 9.30 -5.69
CA TRP B 282 -33.75 8.05 -6.42
C TRP B 282 -32.58 7.23 -5.92
N TRP B 283 -31.45 7.91 -5.56
CA TRP B 283 -30.25 7.27 -5.00
C TRP B 283 -30.60 6.75 -3.62
N HIS B 284 -31.55 7.40 -2.91
CA HIS B 284 -31.98 6.90 -1.60
C HIS B 284 -32.56 5.46 -1.75
N PHE B 285 -33.31 5.21 -2.82
CA PHE B 285 -33.88 3.90 -3.10
C PHE B 285 -32.87 2.95 -3.72
N VAL B 286 -32.48 3.18 -4.97
CA VAL B 286 -31.53 2.31 -5.69
C VAL B 286 -30.04 2.77 -5.50
N GLY B 287 -29.72 3.22 -4.30
CA GLY B 287 -28.39 3.72 -3.97
C GLY B 287 -27.68 2.94 -2.89
N ALA B 288 -26.37 2.67 -3.15
CA ALA B 288 -25.43 1.93 -2.33
C ALA B 288 -25.16 2.61 -1.01
N ASN B 289 -25.41 1.89 0.07
CA ASN B 289 -25.25 2.37 1.43
C ASN B 289 -23.80 2.29 1.89
N THR B 290 -23.46 2.98 3.02
CA THR B 290 -22.12 2.94 3.61
C THR B 290 -21.82 1.55 4.22
N ALA B 291 -20.54 1.16 4.31
CA ALA B 291 -20.14 -0.15 4.82
C ALA B 291 -20.42 -0.34 6.30
N ASP B 292 -20.34 0.72 7.10
CA ASP B 292 -20.49 0.66 8.55
C ASP B 292 -21.89 0.89 9.09
N ASP B 293 -22.89 1.19 8.23
CA ASP B 293 -24.25 1.48 8.73
C ASP B 293 -24.94 0.28 9.41
N GLY B 294 -24.55 -0.94 9.03
CA GLY B 294 -25.01 -2.18 9.65
C GLY B 294 -24.51 -2.24 11.09
N TYR B 295 -23.19 -1.97 11.28
CA TYR B 295 -22.46 -1.87 12.56
C TYR B 295 -23.16 -0.83 13.42
N ILE B 296 -23.71 0.23 12.79
CA ILE B 296 -24.38 1.34 13.45
C ILE B 296 -25.83 1.03 13.84
N LEU B 297 -26.62 0.40 12.94
CA LEU B 297 -28.02 0.06 13.21
C LEU B 297 -28.14 -0.84 14.47
N THR B 298 -27.39 -1.97 14.47
CA THR B 298 -27.35 -2.97 15.55
C THR B 298 -26.70 -2.40 16.80
N MET B 299 -25.93 -1.31 16.67
CA MET B 299 -25.32 -0.66 17.83
C MET B 299 -26.42 0.06 18.59
N ALA B 300 -27.28 0.82 17.83
CA ALA B 300 -28.43 1.61 18.30
C ALA B 300 -29.57 0.72 18.74
N ARG B 301 -29.73 -0.45 18.08
CA ARG B 301 -30.78 -1.43 18.38
C ARG B 301 -30.68 -1.99 19.81
N VAL B 302 -29.47 -2.36 20.24
CA VAL B 302 -29.20 -2.94 21.56
C VAL B 302 -29.02 -1.85 22.66
N SER B 303 -28.70 -0.61 22.25
CA SER B 303 -28.40 0.60 23.03
C SER B 303 -29.34 0.91 24.20
N GLU B 304 -30.63 1.17 23.91
CA GLU B 304 -31.64 1.59 24.89
C GLU B 304 -31.94 0.50 25.92
N HIS B 305 -31.88 -0.79 25.51
CA HIS B 305 -32.09 -1.93 26.39
C HIS B 305 -30.93 -2.10 27.39
N ALA B 306 -29.71 -1.74 26.97
CA ALA B 306 -28.46 -1.86 27.73
C ALA B 306 -28.24 -0.80 28.80
N GLY B 307 -28.67 0.42 28.53
CA GLY B 307 -28.55 1.56 29.44
C GLY B 307 -27.45 2.55 29.09
N TYR B 308 -26.65 2.20 28.05
CA TYR B 308 -25.53 3.00 27.56
C TYR B 308 -25.16 2.66 26.09
N MET B 309 -24.60 3.66 25.36
CA MET B 309 -24.20 3.54 23.95
C MET B 309 -22.87 2.81 23.81
N ALA B 310 -22.93 1.49 23.98
CA ALA B 310 -21.77 0.61 23.91
C ALA B 310 -21.39 0.27 22.50
N ASN B 311 -20.06 0.21 22.24
CA ASN B 311 -19.57 -0.30 20.99
C ASN B 311 -19.68 -1.81 21.25
N TYR B 312 -20.64 -2.39 20.54
CA TYR B 312 -21.11 -3.75 20.69
C TYR B 312 -20.20 -4.79 20.04
N TYR B 313 -19.63 -4.47 18.86
CA TYR B 313 -18.78 -5.39 18.10
C TYR B 313 -17.31 -5.40 18.47
N ARG B 314 -16.84 -4.49 19.32
CA ARG B 314 -15.41 -4.45 19.66
C ARG B 314 -15.14 -3.80 21.04
N TRP B 315 -13.90 -3.96 21.52
CA TRP B 315 -13.31 -3.39 22.73
C TRP B 315 -13.98 -3.81 24.02
N PHE B 316 -14.26 -5.12 24.16
CA PHE B 316 -14.77 -5.71 25.39
C PHE B 316 -15.98 -4.92 25.95
N GLY B 317 -16.91 -4.57 25.06
CA GLY B 317 -18.13 -3.83 25.39
C GLY B 317 -17.98 -2.47 26.06
N THR B 318 -16.92 -1.72 25.74
CA THR B 318 -16.76 -0.37 26.28
C THR B 318 -17.69 0.52 25.43
N PRO B 319 -18.01 1.78 25.82
CA PRO B 319 -18.90 2.58 24.97
C PRO B 319 -18.17 3.42 23.90
N GLU B 320 -18.95 4.17 23.07
CA GLU B 320 -18.45 5.15 22.11
C GLU B 320 -18.32 6.37 23.04
N SER B 321 -17.20 6.41 23.80
CA SER B 321 -16.90 7.32 24.90
C SER B 321 -17.42 8.74 24.67
N PRO B 322 -16.80 9.66 23.87
CA PRO B 322 -17.43 10.99 23.69
C PRO B 322 -18.31 11.06 22.44
N PHE B 323 -17.91 10.36 21.37
CA PHE B 323 -18.58 10.34 20.08
C PHE B 323 -19.88 9.58 20.13
N GLY B 324 -20.74 9.84 19.16
CA GLY B 324 -22.01 9.13 18.99
C GLY B 324 -23.24 9.53 19.77
N TRP B 325 -23.45 10.84 19.92
CA TRP B 325 -24.63 11.40 20.59
C TRP B 325 -25.90 11.12 19.76
N TYR B 326 -25.77 11.18 18.42
CA TYR B 326 -26.88 10.99 17.51
C TYR B 326 -27.32 9.54 17.39
N TYR B 327 -26.45 8.58 17.77
CA TYR B 327 -26.76 7.14 17.71
C TYR B 327 -27.93 6.80 18.62
N ASP B 328 -28.05 7.54 19.74
CA ASP B 328 -29.12 7.41 20.71
C ASP B 328 -30.45 7.89 20.10
N LEU B 329 -30.41 8.96 19.25
CA LEU B 329 -31.58 9.50 18.53
C LEU B 329 -31.99 8.51 17.44
N LEU B 330 -30.98 7.89 16.81
CA LEU B 330 -31.13 6.86 15.78
C LEU B 330 -31.87 5.64 16.35
N ALA B 331 -31.63 5.34 17.65
CA ALA B 331 -32.24 4.26 18.42
C ALA B 331 -33.70 4.58 18.69
N LEU B 332 -33.98 5.88 18.94
CA LEU B 332 -35.33 6.38 19.17
C LEU B 332 -36.09 6.37 17.87
N TRP B 333 -35.40 6.70 16.76
CA TRP B 333 -35.92 6.71 15.39
C TRP B 333 -36.24 5.30 14.95
N ALA B 334 -35.46 4.32 15.45
CA ALA B 334 -35.60 2.89 15.16
C ALA B 334 -36.83 2.28 15.77
N HIS B 335 -37.37 2.90 16.84
CA HIS B 335 -38.60 2.45 17.47
C HIS B 335 -39.71 2.49 16.43
N VAL B 336 -39.75 3.56 15.59
CA VAL B 336 -40.70 3.74 14.49
C VAL B 336 -40.58 2.57 13.48
N SER B 337 -39.34 2.28 13.03
CA SER B 337 -39.03 1.22 12.07
C SER B 337 -37.55 0.93 12.03
N THR B 338 -37.22 -0.34 11.75
CA THR B 338 -35.86 -0.85 11.55
C THR B 338 -35.87 -1.26 10.08
N ALA B 339 -35.69 -0.27 9.19
CA ALA B 339 -35.70 -0.48 7.73
C ALA B 339 -34.84 0.59 7.10
N SER B 340 -33.92 0.17 6.20
CA SER B 340 -32.93 0.99 5.48
C SER B 340 -33.48 2.34 5.03
N VAL B 341 -34.69 2.32 4.46
CA VAL B 341 -35.36 3.49 3.91
C VAL B 341 -35.84 4.44 5.00
N TRP B 342 -36.35 3.90 6.12
CA TRP B 342 -36.79 4.73 7.25
C TRP B 342 -35.57 5.25 8.02
N MET B 343 -34.60 4.36 8.26
CA MET B 343 -33.38 4.61 9.01
C MET B 343 -32.46 5.65 8.35
N ARG B 344 -32.44 5.69 7.00
CA ARG B 344 -31.62 6.65 6.27
C ARG B 344 -32.38 7.93 5.90
N PHE B 345 -33.72 7.97 6.12
CA PHE B 345 -34.54 9.16 5.88
C PHE B 345 -33.90 10.44 6.45
N PRO B 346 -33.42 10.49 7.74
CA PRO B 346 -32.76 11.72 8.22
C PRO B 346 -31.49 12.13 7.47
N THR B 347 -30.76 11.17 6.86
CA THR B 347 -29.55 11.52 6.11
C THR B 347 -29.93 12.04 4.72
N LEU B 348 -31.10 11.60 4.17
CA LEU B 348 -31.63 12.09 2.88
C LEU B 348 -32.08 13.52 3.09
N LEU B 349 -32.72 13.78 4.25
CA LEU B 349 -33.16 15.12 4.65
C LEU B 349 -31.92 16.00 4.70
N MET B 350 -30.85 15.55 5.44
CA MET B 350 -29.54 16.22 5.54
C MET B 350 -28.92 16.46 4.17
N GLY B 351 -29.20 15.52 3.24
CA GLY B 351 -28.76 15.57 1.85
C GLY B 351 -29.29 16.80 1.15
N LEU B 352 -30.63 16.96 1.18
CA LEU B 352 -31.37 18.06 0.57
C LEU B 352 -31.08 19.34 1.34
N ALA B 353 -30.98 19.24 2.68
CA ALA B 353 -30.66 20.34 3.61
C ALA B 353 -29.31 20.93 3.27
N CYS B 354 -28.36 20.07 2.90
CA CYS B 354 -27.02 20.48 2.53
C CYS B 354 -27.03 21.31 1.27
N TRP B 355 -27.65 20.78 0.18
CA TRP B 355 -27.78 21.48 -1.09
C TRP B 355 -28.53 22.80 -0.93
N TRP B 356 -29.63 22.78 -0.15
CA TRP B 356 -30.42 23.97 0.12
C TRP B 356 -29.47 25.06 0.65
N VAL B 357 -28.74 24.76 1.74
CA VAL B 357 -27.74 25.63 2.36
C VAL B 357 -26.66 26.12 1.35
N ILE B 358 -26.26 25.26 0.38
CA ILE B 358 -25.26 25.59 -0.66
C ILE B 358 -25.85 26.64 -1.61
N SER B 359 -26.98 26.31 -2.27
CA SER B 359 -27.67 27.13 -3.26
C SER B 359 -28.35 28.41 -2.73
N ARG B 360 -28.71 28.43 -1.44
CA ARG B 360 -29.42 29.55 -0.84
C ARG B 360 -28.58 30.37 0.12
N GLU B 361 -27.70 29.75 0.88
CA GLU B 361 -26.98 30.49 1.90
C GLU B 361 -25.46 30.57 1.70
N VAL B 362 -24.88 29.74 0.82
CA VAL B 362 -23.43 29.78 0.61
C VAL B 362 -23.09 30.56 -0.67
N ILE B 363 -23.51 30.03 -1.84
CA ILE B 363 -23.28 30.61 -3.17
C ILE B 363 -23.60 32.14 -3.20
N PRO B 364 -24.79 32.64 -2.75
CA PRO B 364 -25.01 34.09 -2.78
C PRO B 364 -24.04 34.91 -1.93
N ARG B 365 -23.61 34.36 -0.78
CA ARG B 365 -22.64 35.02 0.10
C ARG B 365 -21.20 34.97 -0.46
N LEU B 366 -20.94 34.08 -1.43
CA LEU B 366 -19.62 33.97 -2.03
C LEU B 366 -19.28 35.10 -2.98
N GLY B 367 -20.25 35.95 -3.29
CA GLY B 367 -20.03 37.07 -4.19
C GLY B 367 -20.96 37.07 -5.37
N ALA B 368 -20.82 38.09 -6.23
CA ALA B 368 -21.68 38.28 -7.38
C ALA B 368 -21.53 37.22 -8.45
N ALA B 369 -20.28 36.89 -8.87
CA ALA B 369 -20.08 35.91 -9.94
C ALA B 369 -20.58 34.55 -9.56
N ALA B 370 -20.46 34.17 -8.28
CA ALA B 370 -20.97 32.92 -7.75
C ALA B 370 -22.51 32.90 -7.84
N LYS B 371 -23.16 33.92 -7.23
CA LYS B 371 -24.60 34.15 -7.17
C LYS B 371 -25.24 34.21 -8.56
N HIS B 372 -24.58 34.90 -9.51
CA HIS B 372 -25.10 35.12 -10.84
C HIS B 372 -24.60 34.12 -11.91
N SER B 373 -23.67 33.22 -11.55
CA SER B 373 -23.19 32.20 -12.49
C SER B 373 -24.00 30.93 -12.26
N ARG B 374 -24.63 30.43 -13.32
CA ARG B 374 -25.40 29.20 -13.21
C ARG B 374 -24.52 27.97 -13.42
N ALA B 375 -23.34 28.20 -14.01
CA ALA B 375 -22.31 27.19 -14.20
C ALA B 375 -21.77 26.91 -12.79
N ALA B 376 -21.55 27.98 -12.00
CA ALA B 376 -21.10 27.88 -10.61
C ALA B 376 -22.16 27.23 -9.70
N ALA B 377 -23.42 27.15 -10.18
CA ALA B 377 -24.55 26.52 -9.49
C ALA B 377 -24.62 25.06 -9.87
N TRP B 378 -24.24 24.73 -11.13
CA TRP B 378 -24.25 23.37 -11.64
C TRP B 378 -23.02 22.58 -11.26
N THR B 379 -21.80 23.20 -11.36
CA THR B 379 -20.53 22.60 -10.95
C THR B 379 -20.61 22.33 -9.44
N ALA B 380 -21.24 23.26 -8.67
CA ALA B 380 -21.44 23.13 -7.21
C ALA B 380 -22.31 21.92 -6.89
N ALA B 381 -23.48 21.78 -7.57
CA ALA B 381 -24.42 20.67 -7.39
C ALA B 381 -23.76 19.35 -7.79
N GLY B 382 -23.17 19.32 -8.99
CA GLY B 382 -22.44 18.17 -9.54
C GLY B 382 -21.37 17.70 -8.57
N LEU B 383 -20.43 18.59 -8.19
CA LEU B 383 -19.38 18.22 -7.25
C LEU B 383 -19.93 17.87 -5.85
N PHE B 384 -20.96 18.60 -5.34
CA PHE B 384 -21.55 18.26 -4.03
C PHE B 384 -22.08 16.82 -4.06
N LEU B 385 -22.92 16.50 -5.08
CA LEU B 385 -23.55 15.19 -5.27
C LEU B 385 -22.52 14.08 -5.48
N ALA B 386 -21.40 14.39 -6.23
CA ALA B 386 -20.30 13.47 -6.54
C ALA B 386 -19.59 12.91 -5.29
N PHE B 387 -19.92 13.45 -4.10
CA PHE B 387 -19.46 13.13 -2.76
C PHE B 387 -20.56 12.56 -1.91
N TRP B 388 -21.76 13.18 -1.92
CA TRP B 388 -22.92 12.74 -1.10
C TRP B 388 -23.42 11.38 -1.52
N LEU B 389 -23.64 11.20 -2.83
CA LEU B 389 -24.16 9.94 -3.34
C LEU B 389 -23.22 8.74 -3.06
N PRO B 390 -21.90 8.76 -3.43
CA PRO B 390 -21.07 7.56 -3.14
C PRO B 390 -20.70 7.36 -1.66
N LEU B 391 -20.30 8.44 -0.98
CA LEU B 391 -19.79 8.36 0.39
C LEU B 391 -20.83 8.55 1.53
N ASN B 392 -22.05 9.15 1.28
CA ASN B 392 -22.95 9.41 2.42
C ASN B 392 -24.34 8.77 2.42
N ASN B 393 -24.58 7.67 1.63
CA ASN B 393 -25.92 7.04 1.64
C ASN B 393 -26.16 6.04 2.80
N GLY B 394 -25.88 6.45 4.02
CA GLY B 394 -26.05 5.57 5.16
C GLY B 394 -26.13 6.22 6.52
N LEU B 395 -25.98 5.39 7.57
CA LEU B 395 -26.09 5.80 8.98
C LEU B 395 -24.80 6.34 9.60
N ARG B 396 -23.72 6.47 8.80
CA ARG B 396 -22.44 7.00 9.27
C ARG B 396 -22.56 8.49 9.66
N PRO B 397 -21.66 9.03 10.54
CA PRO B 397 -21.79 10.46 10.90
C PRO B 397 -21.40 11.48 9.81
N GLU B 398 -20.71 11.07 8.70
CA GLU B 398 -20.30 11.97 7.61
C GLU B 398 -21.45 12.88 7.09
N PRO B 399 -22.69 12.41 6.73
CA PRO B 399 -23.75 13.34 6.30
C PRO B 399 -24.10 14.43 7.33
N ILE B 400 -23.97 14.11 8.63
CA ILE B 400 -24.19 15.00 9.75
C ILE B 400 -23.09 16.06 9.67
N ILE B 401 -21.80 15.64 9.76
CA ILE B 401 -20.62 16.53 9.76
C ILE B 401 -20.45 17.29 8.42
N ALA B 402 -20.81 16.68 7.27
CA ALA B 402 -20.70 17.29 5.92
C ALA B 402 -21.50 18.54 5.85
N LEU B 403 -22.66 18.54 6.53
CA LEU B 403 -23.61 19.64 6.65
C LEU B 403 -23.22 20.61 7.76
N GLY B 404 -22.94 20.07 8.95
CA GLY B 404 -22.55 20.82 10.12
C GLY B 404 -21.50 21.90 9.90
N ILE B 405 -20.46 21.56 9.10
CA ILE B 405 -19.36 22.47 8.75
C ILE B 405 -19.88 23.68 7.97
N LEU B 406 -20.90 23.50 7.10
CA LEU B 406 -21.51 24.59 6.34
C LEU B 406 -22.31 25.48 7.28
N LEU B 407 -23.13 24.87 8.14
CA LEU B 407 -23.93 25.54 9.17
C LEU B 407 -23.03 26.32 10.12
N THR B 408 -21.82 25.81 10.35
CA THR B 408 -20.85 26.53 11.16
C THR B 408 -20.36 27.72 10.36
N TRP B 409 -19.90 27.51 9.10
CA TRP B 409 -19.42 28.58 8.21
C TRP B 409 -20.43 29.72 8.09
N CYS B 410 -21.70 29.37 7.75
CA CYS B 410 -22.85 30.25 7.62
C CYS B 410 -23.08 31.06 8.87
N SER B 411 -23.00 30.42 10.06
CA SER B 411 -23.18 31.11 11.35
C SER B 411 -22.05 32.13 11.65
N VAL B 412 -20.76 31.81 11.35
CA VAL B 412 -19.67 32.77 11.53
C VAL B 412 -19.71 33.85 10.44
N GLU B 413 -20.32 33.51 9.29
CA GLU B 413 -20.48 34.41 8.15
C GLU B 413 -21.52 35.51 8.48
N ARG B 414 -22.68 35.08 9.03
CA ARG B 414 -23.77 35.97 9.44
C ARG B 414 -23.33 36.83 10.61
N GLY B 415 -22.40 36.30 11.40
CA GLY B 415 -21.82 36.97 12.56
C GLY B 415 -20.88 38.10 12.23
N VAL B 416 -19.96 37.87 11.26
CA VAL B 416 -18.97 38.87 10.82
C VAL B 416 -19.66 40.02 10.01
N ALA B 417 -20.71 39.66 9.21
CA ALA B 417 -21.47 40.59 8.38
C ALA B 417 -22.30 41.59 9.19
N THR B 418 -23.11 41.10 10.13
CA THR B 418 -23.98 41.95 10.95
C THR B 418 -23.27 42.45 12.24
N SER B 419 -22.02 42.01 12.46
CA SER B 419 -21.16 42.34 13.60
C SER B 419 -21.80 42.06 14.97
N ARG B 420 -22.46 40.90 15.10
CA ARG B 420 -23.05 40.42 16.37
C ARG B 420 -22.42 39.07 16.77
N LEU B 421 -22.27 38.84 18.09
CA LEU B 421 -21.61 37.66 18.65
C LEU B 421 -22.48 36.42 18.87
N LEU B 422 -23.82 36.57 19.03
CA LEU B 422 -24.71 35.41 19.20
C LEU B 422 -24.53 34.38 18.06
N PRO B 423 -24.51 34.76 16.74
CA PRO B 423 -24.33 33.74 15.68
C PRO B 423 -23.01 32.95 15.73
N VAL B 424 -21.90 33.61 16.13
CA VAL B 424 -20.57 33.02 16.28
C VAL B 424 -20.60 31.99 17.44
N ALA B 425 -21.31 32.33 18.54
CA ALA B 425 -21.48 31.44 19.69
C ALA B 425 -22.31 30.20 19.29
N VAL B 426 -23.27 30.36 18.33
CA VAL B 426 -24.07 29.27 17.77
C VAL B 426 -23.13 28.44 16.89
N ALA B 427 -22.27 29.14 16.09
CA ALA B 427 -21.28 28.50 15.23
C ALA B 427 -20.38 27.62 16.08
N ILE B 428 -20.01 28.08 17.31
CA ILE B 428 -19.21 27.35 18.28
C ILE B 428 -19.96 26.07 18.75
N ILE B 429 -21.29 26.17 18.98
CA ILE B 429 -22.18 25.07 19.38
C ILE B 429 -22.29 24.03 18.26
N ILE B 430 -22.62 24.46 17.01
CA ILE B 430 -22.75 23.57 15.84
C ILE B 430 -21.41 22.83 15.59
N GLY B 431 -20.30 23.57 15.70
CA GLY B 431 -18.93 23.11 15.50
C GLY B 431 -18.47 22.09 16.50
N ALA B 432 -18.91 22.23 17.76
CA ALA B 432 -18.56 21.29 18.82
C ALA B 432 -19.36 19.99 18.70
N LEU B 433 -20.66 20.09 18.39
CA LEU B 433 -21.55 18.94 18.21
C LEU B 433 -21.07 18.00 17.11
N THR B 434 -20.65 18.56 15.96
CA THR B 434 -20.18 17.79 14.81
C THR B 434 -18.85 17.09 15.13
N LEU B 435 -17.96 17.80 15.88
CA LEU B 435 -16.65 17.30 16.34
C LEU B 435 -16.74 15.99 17.14
N PHE B 436 -17.91 15.74 17.79
CA PHE B 436 -18.24 14.57 18.59
C PHE B 436 -19.35 13.69 18.02
N SER B 437 -19.54 13.71 16.69
CA SER B 437 -20.55 12.89 16.04
C SER B 437 -19.96 11.49 15.84
N GLY B 438 -18.68 11.48 15.45
CA GLY B 438 -17.80 10.34 15.22
C GLY B 438 -16.35 10.81 15.33
N PRO B 439 -15.30 9.96 15.26
CA PRO B 439 -13.94 10.51 15.35
C PRO B 439 -13.53 11.24 14.07
N THR B 440 -14.35 11.07 13.03
CA THR B 440 -14.23 11.68 11.70
C THR B 440 -14.72 13.15 11.77
N GLY B 441 -15.18 13.55 12.96
CA GLY B 441 -15.67 14.89 13.23
C GLY B 441 -14.59 15.94 13.38
N ILE B 442 -13.29 15.57 13.34
CA ILE B 442 -12.20 16.56 13.47
C ILE B 442 -12.11 17.49 12.25
N ALA B 443 -12.77 17.13 11.13
CA ALA B 443 -12.87 17.99 9.96
C ALA B 443 -13.49 19.35 10.39
N ALA B 444 -14.43 19.30 11.39
CA ALA B 444 -15.12 20.43 12.01
C ALA B 444 -14.14 21.39 12.67
N VAL B 445 -12.91 20.94 13.00
CA VAL B 445 -11.88 21.82 13.55
C VAL B 445 -11.52 22.87 12.46
N GLY B 446 -11.76 22.53 11.18
CA GLY B 446 -11.59 23.41 10.04
C GLY B 446 -12.48 24.65 10.14
N ALA B 447 -13.78 24.40 10.41
CA ALA B 447 -14.83 25.43 10.57
C ALA B 447 -14.63 26.25 11.87
N LEU B 448 -14.11 25.61 12.91
CA LEU B 448 -13.89 26.24 14.21
C LEU B 448 -12.65 27.10 14.21
N LEU B 449 -11.54 26.62 13.66
CA LEU B 449 -10.26 27.35 13.61
C LEU B 449 -10.39 28.63 12.78
N VAL B 450 -11.12 28.52 11.65
CA VAL B 450 -11.39 29.60 10.68
C VAL B 450 -12.29 30.71 11.34
N ALA B 451 -13.19 30.31 12.28
CA ALA B 451 -14.12 31.16 13.04
C ALA B 451 -13.45 32.09 14.06
N ILE B 452 -12.25 31.72 14.55
CA ILE B 452 -11.44 32.46 15.53
C ILE B 452 -11.11 33.90 15.05
N GLY B 453 -10.74 34.04 13.77
CA GLY B 453 -10.42 35.32 13.15
C GLY B 453 -11.59 36.31 13.12
N PRO B 454 -12.76 35.97 12.45
CA PRO B 454 -13.91 36.88 12.44
C PRO B 454 -14.40 37.23 13.85
N LEU B 455 -14.41 36.23 14.77
CA LEU B 455 -14.79 36.43 16.17
C LEU B 455 -13.91 37.54 16.80
N LYS B 456 -12.55 37.45 16.62
CA LYS B 456 -11.54 38.41 17.12
C LYS B 456 -11.85 39.83 16.66
N THR B 457 -12.25 40.01 15.39
CA THR B 457 -12.60 41.35 14.93
C THR B 457 -13.97 41.79 15.49
N ILE B 458 -14.94 40.85 15.66
CA ILE B 458 -16.29 41.16 16.19
C ILE B 458 -16.22 41.48 17.70
N VAL B 459 -15.30 40.83 18.43
CA VAL B 459 -15.05 41.08 19.85
C VAL B 459 -14.38 42.46 20.01
N ALA B 460 -13.41 42.79 19.11
CA ALA B 460 -12.68 44.06 19.06
C ALA B 460 -13.59 45.26 18.74
N ALA B 461 -14.66 45.01 17.99
CA ALA B 461 -15.68 45.98 17.57
C ALA B 461 -16.60 46.38 18.74
N HIS B 462 -16.51 45.69 19.90
CA HIS B 462 -17.37 45.94 21.05
C HIS B 462 -16.65 46.00 22.42
N VAL B 463 -15.31 45.77 22.49
CA VAL B 463 -14.55 45.85 23.78
C VAL B 463 -14.41 47.30 24.25
N SER B 464 -14.68 48.23 23.32
CA SER B 464 -14.63 49.67 23.48
C SER B 464 -15.68 50.14 24.50
N ARG B 465 -16.94 49.64 24.40
CA ARG B 465 -18.03 50.03 25.29
C ARG B 465 -18.86 48.85 25.88
N PHE B 466 -18.23 47.69 26.14
CA PHE B 466 -18.88 46.52 26.74
C PHE B 466 -17.95 45.69 27.64
N GLY B 467 -16.67 45.67 27.30
CA GLY B 467 -15.66 44.93 28.06
C GLY B 467 -15.40 43.54 27.52
N TYR B 468 -14.27 42.95 27.96
CA TYR B 468 -13.84 41.61 27.55
C TYR B 468 -14.72 40.53 28.19
N TRP B 469 -14.77 40.48 29.54
CA TRP B 469 -15.53 39.50 30.33
C TRP B 469 -17.04 39.43 30.03
N ALA B 470 -17.62 40.50 29.46
CA ALA B 470 -19.04 40.54 29.16
C ALA B 470 -19.41 39.82 27.85
N LEU B 471 -18.48 39.78 26.89
CA LEU B 471 -18.65 39.17 25.57
C LEU B 471 -18.06 37.74 25.48
N LEU B 472 -16.91 37.52 26.15
CA LEU B 472 -16.19 36.25 26.13
C LEU B 472 -16.80 35.17 27.02
N ALA B 473 -17.46 35.55 28.13
CA ALA B 473 -18.10 34.57 29.02
C ALA B 473 -19.31 33.84 28.35
N PRO B 474 -20.27 34.53 27.66
CA PRO B 474 -21.37 33.77 27.03
C PRO B 474 -20.91 32.88 25.88
N ILE B 475 -19.72 33.15 25.29
CA ILE B 475 -19.16 32.29 24.24
C ILE B 475 -18.43 31.10 24.90
N ALA B 476 -17.82 31.34 26.09
CA ALA B 476 -17.14 30.29 26.87
C ALA B 476 -18.17 29.26 27.32
N ALA B 477 -19.39 29.71 27.69
CA ALA B 477 -20.48 28.82 28.07
C ALA B 477 -20.95 28.05 26.85
N ALA B 478 -21.04 28.73 25.68
CA ALA B 478 -21.43 28.17 24.38
C ALA B 478 -20.41 27.15 23.88
N GLY B 479 -19.16 27.29 24.33
CA GLY B 479 -18.08 26.37 24.02
C GLY B 479 -18.27 25.07 24.77
N THR B 480 -18.19 25.17 26.10
CA THR B 480 -18.31 24.08 27.07
C THR B 480 -19.71 23.39 27.14
N VAL B 481 -20.75 23.97 26.49
CA VAL B 481 -22.13 23.44 26.49
C VAL B 481 -22.30 21.99 25.91
N THR B 482 -21.34 21.50 25.10
CA THR B 482 -21.45 20.17 24.51
C THR B 482 -21.10 19.09 25.53
N ILE B 483 -20.31 19.43 26.58
CA ILE B 483 -19.92 18.50 27.65
C ILE B 483 -21.14 17.81 28.26
N PHE B 484 -22.20 18.58 28.57
CA PHE B 484 -23.48 18.10 29.13
C PHE B 484 -24.08 16.95 28.31
N LEU B 485 -24.14 17.09 26.97
CA LEU B 485 -24.65 16.06 26.08
C LEU B 485 -23.71 14.84 26.01
N ILE B 486 -22.39 15.09 26.09
CA ILE B 486 -21.34 14.06 26.01
C ILE B 486 -21.27 13.16 27.27
N PHE B 487 -21.17 13.77 28.47
CA PHE B 487 -21.03 13.07 29.75
C PHE B 487 -22.36 12.78 30.48
N ARG B 488 -23.51 12.90 29.77
CA ARG B 488 -24.87 12.68 30.31
C ARG B 488 -25.07 11.33 31.04
N ASP B 489 -24.44 10.23 30.56
CA ASP B 489 -24.57 8.89 31.15
C ASP B 489 -23.28 8.47 31.88
N GLN B 490 -22.12 8.48 31.18
CA GLN B 490 -20.83 8.06 31.74
C GLN B 490 -19.98 9.21 32.31
N THR B 491 -19.11 8.89 33.28
CA THR B 491 -18.22 9.86 33.98
C THR B 491 -16.99 10.20 33.16
N LEU B 492 -16.13 11.11 33.70
CA LEU B 492 -14.86 11.48 33.09
C LEU B 492 -14.00 10.22 33.03
N ALA B 493 -13.90 9.50 34.17
CA ALA B 493 -13.16 8.24 34.31
C ALA B 493 -13.62 7.29 33.21
N ALA B 494 -14.91 6.89 33.24
CA ALA B 494 -15.52 5.96 32.28
C ALA B 494 -15.08 6.22 30.84
N GLU B 495 -15.28 7.45 30.35
CA GLU B 495 -14.93 7.88 28.99
C GLU B 495 -13.42 7.96 28.71
N LEU B 496 -12.65 8.60 29.61
CA LEU B 496 -11.20 8.75 29.49
C LEU B 496 -10.49 7.39 29.47
N GLN B 497 -10.90 6.47 30.38
CA GLN B 497 -10.42 5.08 30.55
C GLN B 497 -10.67 4.26 29.29
N ALA B 498 -11.91 4.27 28.78
CA ALA B 498 -12.30 3.55 27.57
C ALA B 498 -11.47 3.99 26.39
N SER B 499 -11.34 5.31 26.17
CA SER B 499 -10.64 5.90 25.03
C SER B 499 -9.17 5.49 24.90
N SER B 500 -8.41 5.54 26.02
CA SER B 500 -6.98 5.20 25.99
C SER B 500 -6.81 3.72 25.73
N PHE B 501 -7.77 2.91 26.23
CA PHE B 501 -7.83 1.46 26.09
C PHE B 501 -8.18 1.07 24.63
N LYS B 502 -9.26 1.64 24.04
CA LYS B 502 -9.65 1.39 22.66
C LYS B 502 -8.49 1.73 21.71
N SER B 503 -7.62 2.61 22.18
CA SER B 503 -6.45 3.06 21.42
C SER B 503 -5.37 2.00 21.49
N ALA B 504 -5.29 1.29 22.63
CA ALA B 504 -4.31 0.23 22.80
C ALA B 504 -4.76 -0.99 22.00
N VAL B 505 -5.91 -1.56 22.39
CA VAL B 505 -6.57 -2.73 21.81
C VAL B 505 -6.69 -2.65 20.27
N GLY B 506 -7.67 -1.87 19.81
CA GLY B 506 -8.07 -1.72 18.42
C GLY B 506 -7.07 -1.12 17.45
N PRO B 507 -7.55 -0.90 16.20
CA PRO B 507 -6.68 -0.31 15.19
C PRO B 507 -6.57 1.21 15.36
N SER B 508 -5.40 1.66 15.84
CA SER B 508 -5.11 3.08 16.05
C SER B 508 -3.89 3.50 15.24
N LEU B 509 -4.09 4.43 14.31
CA LEU B 509 -3.05 4.93 13.42
C LEU B 509 -2.74 6.41 13.73
N ALA B 510 -1.43 6.74 13.83
CA ALA B 510 -0.96 8.09 14.14
C ALA B 510 -1.16 9.08 12.98
N TRP B 511 -1.02 10.41 13.26
CA TRP B 511 -1.11 11.48 12.25
C TRP B 511 -0.26 11.20 10.99
N PHE B 512 0.89 10.52 11.15
CA PHE B 512 1.82 10.18 10.05
C PHE B 512 1.34 9.01 9.20
N ASP B 513 0.28 8.34 9.63
CA ASP B 513 -0.30 7.22 8.91
C ASP B 513 -1.42 7.66 7.98
N GLU B 514 -1.56 8.97 7.75
CA GLU B 514 -2.57 9.52 6.88
C GLU B 514 -2.31 9.20 5.41
N HIS B 515 -1.07 8.88 5.07
CA HIS B 515 -0.74 8.48 3.70
C HIS B 515 -1.59 7.26 3.27
N ILE B 516 -1.92 6.36 4.24
CA ILE B 516 -2.70 5.14 4.08
C ILE B 516 -4.06 5.44 3.46
N ARG B 517 -4.77 6.48 3.96
CA ARG B 517 -6.09 6.92 3.45
C ARG B 517 -6.08 7.05 1.91
N TYR B 518 -4.99 7.60 1.40
CA TYR B 518 -4.72 7.88 0.00
C TYR B 518 -4.17 6.68 -0.70
N SER B 519 -3.36 5.88 0.00
CA SER B 519 -2.76 4.63 -0.49
C SER B 519 -3.91 3.70 -0.88
N ARG B 520 -4.97 3.72 0.00
CA ARG B 520 -6.24 2.99 -0.02
C ARG B 520 -7.14 3.49 -1.11
N LEU B 521 -7.01 4.76 -1.47
CA LEU B 521 -7.83 5.36 -2.52
C LEU B 521 -7.36 4.90 -3.90
N PHE B 522 -6.16 4.36 -4.00
CA PHE B 522 -5.70 3.96 -5.32
C PHE B 522 -5.68 2.43 -5.44
N THR B 523 -6.36 1.78 -4.49
CA THR B 523 -6.51 0.34 -4.51
C THR B 523 -7.62 -0.03 -5.49
N THR B 524 -7.54 -1.20 -6.10
CA THR B 524 -8.55 -1.62 -7.06
C THR B 524 -9.63 -2.25 -6.25
N SER B 525 -10.39 -1.42 -5.53
CA SER B 525 -11.40 -1.93 -4.61
C SER B 525 -12.57 -0.94 -4.48
N PRO B 526 -13.62 -1.25 -3.65
CA PRO B 526 -14.67 -0.25 -3.39
C PRO B 526 -14.14 0.98 -2.64
N ASP B 527 -12.95 0.87 -2.00
CA ASP B 527 -12.31 1.98 -1.31
C ASP B 527 -11.62 2.90 -2.28
N GLY B 528 -11.12 2.32 -3.34
CA GLY B 528 -10.50 3.08 -4.39
C GLY B 528 -11.33 3.07 -5.65
N SER B 529 -12.69 2.97 -5.49
CA SER B 529 -13.65 2.93 -6.60
C SER B 529 -13.67 4.19 -7.42
N VAL B 530 -14.08 4.05 -8.70
CA VAL B 530 -14.22 5.12 -9.69
C VAL B 530 -14.99 6.33 -9.11
N ALA B 531 -15.87 6.07 -8.14
CA ALA B 531 -16.70 7.05 -7.45
C ALA B 531 -15.95 7.84 -6.40
N ARG B 532 -15.17 7.14 -5.51
CA ARG B 532 -14.36 7.73 -4.42
C ARG B 532 -13.12 8.47 -5.00
N ARG B 533 -12.47 7.86 -6.01
CA ARG B 533 -11.32 8.43 -6.70
C ARG B 533 -11.67 9.78 -7.33
N PHE B 534 -12.77 9.82 -8.10
CA PHE B 534 -13.27 11.01 -8.78
C PHE B 534 -13.61 12.11 -7.79
N ALA B 535 -14.36 11.79 -6.72
CA ALA B 535 -14.75 12.76 -5.71
C ALA B 535 -13.57 13.55 -5.21
N VAL B 536 -12.59 12.85 -4.62
CA VAL B 536 -11.36 13.38 -4.00
C VAL B 536 -10.55 14.17 -5.01
N LEU B 537 -10.08 13.53 -6.10
CA LEU B 537 -9.29 14.21 -7.14
C LEU B 537 -9.92 15.52 -7.69
N THR B 538 -11.26 15.51 -7.96
CA THR B 538 -12.00 16.67 -8.47
C THR B 538 -12.09 17.76 -7.38
N LEU B 539 -12.25 17.37 -6.11
CA LEU B 539 -12.22 18.33 -5.02
C LEU B 539 -10.82 18.91 -4.95
N LEU B 540 -9.79 18.08 -5.15
CA LEU B 540 -8.43 18.57 -5.09
C LEU B 540 -8.12 19.49 -6.24
N LEU B 541 -8.61 19.18 -7.44
CA LEU B 541 -8.43 20.04 -8.61
C LEU B 541 -9.14 21.38 -8.42
N ALA B 542 -10.38 21.36 -7.85
CA ALA B 542 -11.20 22.56 -7.56
C ALA B 542 -10.54 23.46 -6.56
N LEU B 543 -9.97 22.88 -5.51
CA LEU B 543 -9.26 23.57 -4.45
C LEU B 543 -7.90 24.05 -4.96
N ALA B 544 -7.27 23.31 -5.88
CA ALA B 544 -5.98 23.67 -6.45
C ALA B 544 -6.12 24.95 -7.21
N VAL B 545 -7.05 24.98 -8.19
CA VAL B 545 -7.33 26.14 -9.04
C VAL B 545 -7.81 27.32 -8.21
N SER B 546 -8.51 27.08 -7.09
CA SER B 546 -8.94 28.15 -6.21
C SER B 546 -7.73 28.82 -5.53
N ILE B 547 -6.84 28.04 -4.86
CA ILE B 547 -5.60 28.55 -4.26
C ILE B 547 -4.81 29.27 -5.35
N ALA B 548 -4.60 28.58 -6.50
CA ALA B 548 -3.88 29.09 -7.66
C ALA B 548 -4.37 30.48 -8.09
N MET B 549 -5.71 30.63 -8.19
CA MET B 549 -6.38 31.88 -8.58
C MET B 549 -6.22 32.96 -7.51
N THR B 550 -6.47 32.62 -6.23
CA THR B 550 -6.31 33.54 -5.10
C THR B 550 -4.85 33.98 -4.93
N LEU B 551 -3.88 33.16 -5.39
CA LEU B 551 -2.48 33.53 -5.31
C LEU B 551 -2.13 34.49 -6.42
N ARG B 552 -2.53 34.20 -7.71
CA ARG B 552 -2.23 35.06 -8.87
C ARG B 552 -2.83 36.48 -8.69
N LYS B 553 -4.18 36.55 -8.63
CA LYS B 553 -4.98 37.74 -8.33
C LYS B 553 -5.14 37.73 -6.78
N GLY B 554 -5.86 38.67 -6.20
CA GLY B 554 -5.99 38.72 -4.74
C GLY B 554 -6.93 37.70 -4.15
N ARG B 555 -7.99 37.41 -4.90
CA ARG B 555 -9.05 36.48 -4.59
C ARG B 555 -9.51 35.95 -5.94
N ILE B 556 -10.45 34.97 -5.97
CA ILE B 556 -10.96 34.55 -7.28
C ILE B 556 -11.79 35.76 -7.76
N PRO B 557 -11.46 36.34 -8.95
CA PRO B 557 -12.12 37.56 -9.43
C PRO B 557 -13.58 37.89 -8.97
N GLY B 558 -14.62 37.39 -9.63
CA GLY B 558 -15.99 37.81 -9.34
C GLY B 558 -16.57 37.56 -7.95
N THR B 559 -15.73 37.13 -7.00
CA THR B 559 -16.17 36.73 -5.67
C THR B 559 -15.83 37.70 -4.53
N ALA B 560 -16.61 37.54 -3.43
CA ALA B 560 -16.49 38.25 -2.16
C ALA B 560 -15.15 37.89 -1.55
N LEU B 561 -14.47 38.85 -0.90
CA LEU B 561 -13.15 38.55 -0.36
C LEU B 561 -13.16 37.55 0.81
N GLY B 562 -13.87 37.89 1.89
CA GLY B 562 -13.96 37.13 3.13
C GLY B 562 -14.61 35.76 3.05
N PRO B 563 -15.87 35.67 2.59
CA PRO B 563 -16.53 34.35 2.50
C PRO B 563 -15.77 33.32 1.66
N SER B 564 -15.22 33.74 0.48
CA SER B 564 -14.41 32.89 -0.40
C SER B 564 -13.10 32.40 0.30
N ARG B 565 -12.42 33.29 1.05
CA ARG B 565 -11.20 32.93 1.78
C ARG B 565 -11.53 31.89 2.83
N ARG B 566 -12.65 32.08 3.53
CA ARG B 566 -13.10 31.20 4.61
C ARG B 566 -13.50 29.82 4.15
N ILE B 567 -14.00 29.67 2.91
CA ILE B 567 -14.35 28.34 2.41
C ILE B 567 -13.05 27.57 2.18
N ILE B 568 -12.08 28.18 1.44
CA ILE B 568 -10.76 27.61 1.16
C ILE B 568 -10.04 27.25 2.50
N GLY B 569 -10.05 28.19 3.44
CA GLY B 569 -9.48 28.06 4.77
C GLY B 569 -9.93 26.81 5.47
N ILE B 570 -11.26 26.61 5.58
CA ILE B 570 -11.88 25.41 6.19
C ILE B 570 -11.43 24.16 5.46
N THR B 571 -11.40 24.17 4.10
CA THR B 571 -11.01 22.99 3.30
C THR B 571 -9.58 22.53 3.64
N ILE B 572 -8.58 23.44 3.56
CA ILE B 572 -7.18 23.18 3.94
C ILE B 572 -7.07 22.67 5.40
N ILE B 573 -7.68 23.37 6.36
CA ILE B 573 -7.67 22.95 7.76
C ILE B 573 -8.27 21.55 7.90
N SER B 574 -9.48 21.31 7.34
CA SER B 574 -10.19 20.02 7.35
C SER B 574 -9.37 18.84 6.83
N PHE B 575 -8.62 19.03 5.71
CA PHE B 575 -7.75 18.02 5.11
C PHE B 575 -6.60 17.60 6.06
N LEU B 576 -6.08 18.58 6.82
CA LEU B 576 -5.00 18.38 7.76
C LEU B 576 -5.55 17.80 9.05
N ALA B 577 -6.63 18.37 9.57
CA ALA B 577 -7.32 17.92 10.80
C ALA B 577 -7.77 16.47 10.64
N MET B 578 -7.81 16.05 9.38
CA MET B 578 -8.20 14.71 8.97
C MET B 578 -7.14 13.73 9.37
N MET B 579 -5.84 14.14 9.29
CA MET B 579 -4.71 13.26 9.59
C MET B 579 -4.77 12.67 11.00
N PHE B 580 -5.54 13.28 11.91
CA PHE B 580 -5.64 12.82 13.29
C PHE B 580 -6.74 11.72 13.54
N THR B 581 -7.42 11.21 12.50
CA THR B 581 -8.39 10.11 12.72
C THR B 581 -7.61 8.80 13.05
N PRO B 582 -8.14 7.88 13.93
CA PRO B 582 -7.36 6.67 14.29
C PRO B 582 -7.38 5.54 13.26
N THR B 583 -8.22 5.71 12.21
CA THR B 583 -8.39 4.79 11.09
C THR B 583 -8.33 5.61 9.82
N LYS B 584 -7.82 5.01 8.74
CA LYS B 584 -7.66 5.71 7.49
C LYS B 584 -8.47 5.11 6.38
N TRP B 585 -9.81 5.37 6.37
CA TRP B 585 -10.77 4.90 5.35
C TRP B 585 -11.12 5.96 4.34
N THR B 586 -11.54 5.53 3.16
CA THR B 586 -11.85 6.44 2.06
C THR B 586 -13.28 7.01 2.15
N HIS B 587 -14.18 6.31 2.84
CA HIS B 587 -15.53 6.84 3.02
C HIS B 587 -15.52 8.04 3.98
N HIS B 588 -14.41 8.24 4.71
CA HIS B 588 -14.22 9.37 5.61
C HIS B 588 -14.25 10.69 4.86
N PHE B 589 -13.88 10.66 3.55
CA PHE B 589 -13.89 11.81 2.64
C PHE B 589 -15.30 12.39 2.42
N GLY B 590 -16.33 11.64 2.84
CA GLY B 590 -17.73 12.03 2.75
C GLY B 590 -18.07 13.22 3.64
N VAL B 591 -17.14 13.58 4.52
CA VAL B 591 -17.26 14.72 5.39
C VAL B 591 -17.10 16.01 4.55
N PHE B 592 -16.34 15.91 3.43
CA PHE B 592 -16.01 16.99 2.49
C PHE B 592 -17.12 17.30 1.48
N ALA B 593 -18.29 16.62 1.56
CA ALA B 593 -19.46 16.80 0.67
C ALA B 593 -20.00 18.25 0.64
N GLY B 594 -20.05 18.89 1.82
CA GLY B 594 -20.50 20.26 1.98
C GLY B 594 -19.60 21.27 1.29
N LEU B 595 -18.30 21.26 1.68
CA LEU B 595 -17.26 22.14 1.13
C LEU B 595 -17.00 21.85 -0.34
N ALA B 596 -17.23 20.59 -0.78
CA ALA B 596 -17.07 20.15 -2.17
C ALA B 596 -17.96 21.00 -3.07
N GLY B 597 -19.17 21.30 -2.58
CA GLY B 597 -20.14 22.13 -3.27
C GLY B 597 -19.61 23.53 -3.47
N CYS B 598 -19.24 24.18 -2.36
CA CYS B 598 -18.71 25.55 -2.35
C CYS B 598 -17.50 25.73 -3.23
N LEU B 599 -16.56 24.76 -3.19
CA LEU B 599 -15.39 24.84 -4.07
C LEU B 599 -15.76 24.55 -5.49
N GLY B 600 -16.81 23.74 -5.70
CA GLY B 600 -17.36 23.44 -7.03
C GLY B 600 -17.76 24.76 -7.69
N ALA B 601 -18.43 25.62 -6.89
CA ALA B 601 -18.87 26.96 -7.28
C ALA B 601 -17.66 27.86 -7.53
N LEU B 602 -16.92 28.21 -6.46
CA LEU B 602 -15.72 29.04 -6.43
C LEU B 602 -14.71 28.73 -7.54
N ALA B 603 -14.52 27.43 -7.87
CA ALA B 603 -13.61 26.99 -8.91
C ALA B 603 -14.14 27.32 -10.29
N ALA B 604 -15.47 27.10 -10.51
CA ALA B 604 -16.17 27.37 -11.79
C ALA B 604 -16.06 28.84 -12.14
N VAL B 605 -16.25 29.69 -11.12
CA VAL B 605 -16.12 31.14 -11.19
C VAL B 605 -14.66 31.44 -11.63
N ALA B 606 -13.66 30.81 -10.98
CA ALA B 606 -12.22 30.98 -11.26
C ALA B 606 -11.79 30.57 -12.67
N VAL B 607 -12.49 29.59 -13.26
CA VAL B 607 -12.14 29.10 -14.58
C VAL B 607 -13.09 29.66 -15.69
N THR B 608 -13.84 30.75 -15.40
CA THR B 608 -14.67 31.40 -16.42
C THR B 608 -13.74 32.28 -17.26
N THR B 609 -14.14 32.56 -18.50
CA THR B 609 -13.40 33.39 -19.49
C THR B 609 -13.02 34.77 -18.96
N THR B 610 -13.81 35.29 -17.98
CA THR B 610 -13.63 36.59 -17.31
C THR B 610 -12.56 36.52 -16.21
N ALA B 611 -12.62 35.49 -15.32
CA ALA B 611 -11.65 35.31 -14.22
C ALA B 611 -10.32 34.83 -14.77
N MET B 612 -10.33 33.73 -15.54
CA MET B 612 -9.17 33.18 -16.21
C MET B 612 -9.33 33.63 -17.64
N LYS B 613 -8.63 34.71 -18.00
CA LYS B 613 -8.78 35.31 -19.33
C LYS B 613 -8.07 34.53 -20.44
N SER B 614 -6.88 33.93 -20.17
CA SER B 614 -6.12 33.13 -21.15
C SER B 614 -6.86 31.86 -21.57
N ARG B 615 -7.11 31.73 -22.90
CA ARG B 615 -7.75 30.57 -23.52
C ARG B 615 -6.86 29.34 -23.26
N ARG B 616 -5.50 29.47 -23.41
CA ARG B 616 -4.54 28.40 -23.14
C ARG B 616 -4.65 27.81 -21.71
N ASN B 617 -4.74 28.72 -20.70
CA ASN B 617 -4.86 28.38 -19.28
C ASN B 617 -6.08 27.59 -18.98
N ARG B 618 -7.21 27.98 -19.56
CA ARG B 618 -8.45 27.27 -19.39
C ARG B 618 -8.39 25.90 -20.10
N THR B 619 -7.54 25.76 -21.15
CA THR B 619 -7.37 24.48 -21.86
C THR B 619 -6.57 23.48 -21.01
N VAL B 620 -5.45 23.95 -20.38
CA VAL B 620 -4.69 23.05 -19.50
C VAL B 620 -5.56 22.65 -18.34
N PHE B 621 -6.42 23.57 -17.85
CA PHE B 621 -7.37 23.23 -16.80
C PHE B 621 -8.35 22.17 -17.29
N GLY B 622 -8.63 22.18 -18.58
CA GLY B 622 -9.52 21.19 -19.17
C GLY B 622 -8.83 19.85 -19.19
N ALA B 623 -7.56 19.83 -19.69
CA ALA B 623 -6.74 18.62 -19.70
C ALA B 623 -6.60 18.06 -18.25
N ALA B 624 -6.54 18.97 -17.24
CA ALA B 624 -6.51 18.65 -15.83
C ALA B 624 -7.79 17.92 -15.41
N VAL B 625 -8.99 18.42 -15.85
CA VAL B 625 -10.32 17.80 -15.57
C VAL B 625 -10.43 16.44 -16.29
N LEU B 626 -9.92 16.37 -17.53
CA LEU B 626 -9.87 15.12 -18.28
C LEU B 626 -8.99 14.08 -17.57
N PHE B 627 -7.75 14.48 -17.14
CA PHE B 627 -6.77 13.65 -16.43
C PHE B 627 -7.29 13.10 -15.11
N VAL B 628 -7.79 13.97 -14.19
CA VAL B 628 -8.36 13.43 -12.96
C VAL B 628 -9.40 12.34 -13.27
N THR B 629 -10.16 12.50 -14.37
CA THR B 629 -11.19 11.56 -14.78
C THR B 629 -10.58 10.29 -15.36
N ALA B 630 -9.49 10.41 -16.16
CA ALA B 630 -8.78 9.25 -16.71
C ALA B 630 -8.27 8.33 -15.57
N LEU B 631 -7.66 8.96 -14.56
CA LEU B 631 -7.08 8.34 -13.39
C LEU B 631 -8.14 7.69 -12.54
N SER B 632 -9.33 8.32 -12.45
CA SER B 632 -10.47 7.82 -11.65
C SER B 632 -11.09 6.56 -12.23
N PHE B 633 -11.06 6.43 -13.57
CA PHE B 633 -11.63 5.34 -14.36
C PHE B 633 -10.70 4.14 -14.49
N ALA B 634 -9.59 4.20 -13.75
CA ALA B 634 -8.56 3.18 -13.74
C ALA B 634 -8.71 2.28 -12.50
N THR B 635 -9.96 2.00 -12.09
CA THR B 635 -10.26 1.08 -11.00
C THR B 635 -11.48 0.31 -11.34
N VAL B 636 -11.97 -0.34 -10.32
CA VAL B 636 -13.17 -1.11 -10.27
C VAL B 636 -14.32 -0.16 -9.87
N ASN B 637 -15.49 -0.32 -10.51
CA ASN B 637 -16.71 0.43 -10.18
C ASN B 637 -17.42 -0.44 -9.09
N GLY B 638 -16.76 -0.57 -7.95
CA GLY B 638 -17.17 -1.41 -6.85
C GLY B 638 -17.83 -0.70 -5.70
N TRP B 639 -18.65 -1.46 -5.00
CA TRP B 639 -19.45 -1.01 -3.87
C TRP B 639 -19.34 -2.06 -2.76
N TRP B 640 -19.38 -1.62 -1.50
CA TRP B 640 -19.19 -2.55 -0.39
C TRP B 640 -20.39 -3.39 -0.08
N TYR B 641 -20.13 -4.68 0.20
CA TYR B 641 -21.11 -5.70 0.60
C TYR B 641 -22.09 -5.99 -0.57
N VAL B 642 -23.41 -6.00 -0.28
CA VAL B 642 -24.53 -6.35 -1.17
C VAL B 642 -24.87 -5.22 -2.14
N SER B 643 -24.28 -4.02 -1.90
CA SER B 643 -24.47 -2.85 -2.76
C SER B 643 -23.85 -3.07 -4.13
N ASN B 644 -22.90 -4.03 -4.21
CA ASN B 644 -22.14 -4.36 -5.42
C ASN B 644 -22.81 -5.37 -6.33
N PHE B 645 -24.06 -5.73 -6.00
CA PHE B 645 -24.86 -6.69 -6.75
C PHE B 645 -25.31 -6.13 -8.11
N GLY B 646 -24.88 -6.75 -9.18
CA GLY B 646 -25.29 -6.34 -10.48
C GLY B 646 -24.66 -5.12 -11.05
N VAL B 647 -24.11 -4.22 -10.25
CA VAL B 647 -23.57 -3.01 -10.82
C VAL B 647 -22.48 -3.27 -11.80
N PRO B 648 -22.63 -2.72 -13.00
CA PRO B 648 -21.66 -2.97 -14.07
C PRO B 648 -20.30 -2.56 -13.71
N TRP B 649 -19.33 -3.39 -14.09
CA TRP B 649 -17.93 -3.25 -13.90
C TRP B 649 -17.54 -3.15 -12.45
N SER B 650 -18.30 -3.82 -11.60
CA SER B 650 -18.14 -3.83 -10.15
C SER B 650 -16.82 -4.46 -9.77
N ASN B 651 -16.28 -5.31 -10.65
CA ASN B 651 -15.03 -6.00 -10.42
C ASN B 651 -14.10 -5.98 -11.64
N SER B 652 -14.17 -4.90 -12.43
CA SER B 652 -13.30 -4.66 -13.60
C SER B 652 -13.19 -3.13 -13.87
N PHE B 653 -12.28 -2.73 -14.76
CA PHE B 653 -12.16 -1.32 -15.05
C PHE B 653 -13.31 -0.91 -15.98
N PRO B 654 -14.11 0.17 -15.73
CA PRO B 654 -15.12 0.56 -16.72
C PRO B 654 -14.43 0.63 -18.06
N GLU B 655 -14.88 -0.18 -18.98
CA GLU B 655 -14.26 -0.31 -20.27
C GLU B 655 -15.28 -0.52 -21.36
N PHE B 656 -15.00 0.06 -22.53
CA PHE B 656 -15.83 -0.20 -23.68
C PHE B 656 -14.99 -0.96 -24.69
N LYS B 657 -14.34 -0.26 -25.61
CA LYS B 657 -13.50 -0.96 -26.56
C LYS B 657 -12.07 -0.97 -26.05
N PHE B 658 -11.63 0.14 -25.42
CA PHE B 658 -10.25 0.32 -24.93
C PHE B 658 -10.18 0.70 -23.48
N GLY B 659 -11.32 1.00 -22.87
CA GLY B 659 -11.31 1.41 -21.49
C GLY B 659 -11.30 2.91 -21.36
N PHE B 660 -12.10 3.39 -20.43
CA PHE B 660 -12.33 4.80 -20.16
C PHE B 660 -11.06 5.51 -19.76
N THR B 661 -10.23 4.86 -18.91
CA THR B 661 -8.93 5.36 -18.43
C THR B 661 -7.99 5.74 -19.59
N THR B 662 -7.99 4.96 -20.70
CA THR B 662 -7.16 5.22 -21.88
C THR B 662 -7.72 6.36 -22.69
N MET B 663 -8.99 6.25 -23.14
CA MET B 663 -9.66 7.25 -23.96
C MET B 663 -9.59 8.61 -23.28
N LEU B 664 -9.99 8.67 -21.99
CA LEU B 664 -9.91 9.87 -21.17
C LEU B 664 -8.47 10.43 -21.07
N LEU B 665 -7.43 9.54 -21.08
CA LEU B 665 -6.04 10.01 -21.07
C LEU B 665 -5.66 10.58 -22.45
N GLY B 666 -6.02 9.86 -23.50
CA GLY B 666 -5.78 10.27 -24.88
C GLY B 666 -6.39 11.63 -25.17
N LEU B 667 -7.64 11.84 -24.67
CA LEU B 667 -8.38 13.10 -24.75
C LEU B 667 -7.61 14.18 -23.99
N SER B 668 -7.10 13.84 -22.79
CA SER B 668 -6.32 14.74 -21.93
C SER B 668 -5.04 15.25 -22.63
N VAL B 669 -4.33 14.34 -23.33
CA VAL B 669 -3.10 14.63 -24.06
C VAL B 669 -3.33 15.61 -25.20
N LEU B 670 -4.40 15.35 -25.96
CA LEU B 670 -4.90 16.09 -27.13
C LEU B 670 -5.24 17.54 -26.70
N ALA B 671 -5.97 17.64 -25.56
CA ALA B 671 -6.38 18.88 -24.91
C ALA B 671 -5.12 19.66 -24.56
N LEU B 672 -4.06 18.94 -24.15
CA LEU B 672 -2.80 19.59 -23.85
C LEU B 672 -2.19 20.14 -25.12
N LEU B 673 -2.28 19.44 -26.27
CA LEU B 673 -1.70 19.91 -27.54
C LEU B 673 -2.48 21.07 -28.14
N VAL B 674 -3.80 21.13 -27.87
CA VAL B 674 -4.69 22.22 -28.30
C VAL B 674 -4.27 23.46 -27.52
N ALA B 675 -4.02 23.29 -26.20
CA ALA B 675 -3.52 24.31 -25.29
C ALA B 675 -2.10 24.73 -25.72
N ALA B 676 -1.27 23.77 -26.21
CA ALA B 676 0.10 24.01 -26.68
C ALA B 676 0.09 24.81 -27.96
N TRP B 677 -0.92 24.60 -28.83
CA TRP B 677 -1.06 25.37 -30.05
C TRP B 677 -1.50 26.80 -29.73
N PHE B 678 -2.45 26.96 -28.78
CA PHE B 678 -2.94 28.26 -28.29
C PHE B 678 -1.81 29.11 -27.70
N HIS B 679 -0.81 28.45 -27.14
CA HIS B 679 0.35 29.10 -26.53
C HIS B 679 1.22 29.74 -27.60
N PHE B 680 1.69 28.97 -28.59
CA PHE B 680 2.54 29.44 -29.69
C PHE B 680 1.82 30.39 -30.65
N SER B 681 0.55 30.08 -30.99
CA SER B 681 -0.25 30.92 -31.89
C SER B 681 -0.60 32.26 -31.24
N GLY B 682 -1.11 32.22 -30.01
CA GLY B 682 -1.52 33.40 -29.27
C GLY B 682 -2.96 33.75 -29.60
N ARG B 683 -3.90 32.91 -29.12
CA ARG B 683 -5.33 33.11 -29.35
C ARG B 683 -5.95 33.95 -28.24
N ASP B 684 -6.65 35.02 -28.65
CA ASP B 684 -7.39 35.94 -27.80
C ASP B 684 -8.80 35.41 -27.76
N VAL B 685 -9.30 35.04 -26.58
CA VAL B 685 -10.65 34.49 -26.47
C VAL B 685 -11.72 35.58 -26.31
N SER B 686 -11.57 36.43 -25.27
CA SER B 686 -12.44 37.54 -24.88
C SER B 686 -12.77 38.50 -26.07
N PRO B 687 -11.77 39.02 -26.86
CA PRO B 687 -12.13 39.91 -27.99
C PRO B 687 -12.77 39.19 -29.19
N ASP B 688 -12.26 37.97 -29.52
CA ASP B 688 -12.73 37.17 -30.66
C ASP B 688 -14.17 36.65 -30.49
N ARG B 689 -14.40 35.74 -29.51
CA ARG B 689 -15.73 35.18 -29.28
C ARG B 689 -16.53 35.97 -28.23
N PRO B 690 -17.61 36.68 -28.66
CA PRO B 690 -18.41 37.45 -27.70
C PRO B 690 -19.28 36.54 -26.83
N GLN B 691 -20.24 35.80 -27.45
CA GLN B 691 -21.14 34.85 -26.79
C GLN B 691 -21.61 33.76 -27.78
N ARG B 692 -21.10 32.51 -27.58
CA ARG B 692 -21.39 31.34 -28.42
C ARG B 692 -21.88 30.13 -27.60
N ARG B 693 -23.12 29.65 -27.94
CA ARG B 693 -23.83 28.54 -27.27
C ARG B 693 -23.09 27.19 -27.28
N TRP B 694 -22.48 26.80 -28.41
CA TRP B 694 -21.75 25.53 -28.53
C TRP B 694 -20.51 25.53 -27.60
N GLN B 695 -19.89 26.71 -27.43
CA GLN B 695 -18.71 26.91 -26.59
C GLN B 695 -19.09 27.19 -25.12
N ARG B 696 -20.38 27.45 -24.82
CA ARG B 696 -20.91 27.78 -23.49
C ARG B 696 -20.59 26.71 -22.42
N LEU B 697 -21.16 25.48 -22.56
CA LEU B 697 -20.98 24.34 -21.64
C LEU B 697 -19.53 23.85 -21.64
N LEU B 698 -18.83 24.07 -22.76
CA LEU B 698 -17.42 23.75 -23.01
C LEU B 698 -16.53 24.52 -22.01
N VAL B 699 -16.96 25.73 -21.58
CA VAL B 699 -16.26 26.62 -20.63
C VAL B 699 -16.28 26.05 -19.18
N ALA B 700 -17.42 25.43 -18.73
CA ALA B 700 -17.55 24.81 -17.40
C ALA B 700 -17.28 23.29 -17.53
N PRO B 701 -16.00 22.84 -17.41
CA PRO B 701 -15.70 21.41 -17.61
C PRO B 701 -15.88 20.55 -16.36
N LEU B 702 -15.94 21.22 -15.19
CA LEU B 702 -16.15 20.64 -13.88
C LEU B 702 -17.57 20.19 -13.76
N ALA B 703 -18.54 21.02 -14.26
CA ALA B 703 -19.98 20.75 -14.24
C ALA B 703 -20.25 19.58 -15.12
N VAL B 704 -19.58 19.57 -16.29
CA VAL B 704 -19.72 18.49 -17.26
C VAL B 704 -19.28 17.17 -16.62
N ALA B 705 -18.00 17.10 -16.15
CA ALA B 705 -17.40 15.95 -15.47
C ALA B 705 -18.18 15.50 -14.25
N THR B 706 -18.40 16.38 -13.26
CA THR B 706 -19.12 15.99 -12.06
C THR B 706 -20.52 15.45 -12.33
N TRP B 707 -21.23 15.95 -13.37
CA TRP B 707 -22.56 15.44 -13.73
C TRP B 707 -22.44 14.12 -14.48
N ALA B 708 -21.45 14.01 -15.40
CA ALA B 708 -21.16 12.77 -16.12
C ALA B 708 -20.94 11.62 -15.11
N LEU B 709 -20.26 11.92 -14.00
CA LEU B 709 -20.01 10.91 -13.00
C LEU B 709 -21.21 10.69 -12.08
N VAL B 710 -22.01 11.74 -11.78
CA VAL B 710 -23.23 11.61 -10.96
C VAL B 710 -24.23 10.68 -11.68
N ILE B 711 -24.25 10.84 -13.03
CA ILE B 711 -25.04 10.01 -13.92
C ILE B 711 -24.43 8.60 -13.99
N PHE B 712 -23.09 8.45 -14.30
CA PHE B 712 -22.42 7.14 -14.39
C PHE B 712 -22.66 6.30 -13.16
N GLU B 713 -22.73 6.93 -11.98
CA GLU B 713 -22.96 6.26 -10.69
C GLU B 713 -24.42 5.81 -10.54
N VAL B 714 -25.40 6.78 -10.77
CA VAL B 714 -26.85 6.49 -10.65
C VAL B 714 -27.29 5.43 -11.69
N VAL B 715 -26.87 5.60 -12.96
CA VAL B 715 -27.16 4.65 -14.04
C VAL B 715 -26.69 3.27 -13.64
N SER B 716 -25.41 3.17 -13.15
CA SER B 716 -24.74 1.92 -12.73
C SER B 716 -25.48 1.24 -11.62
N LEU B 717 -25.88 2.01 -10.60
CA LEU B 717 -26.58 1.39 -9.50
C LEU B 717 -28.08 1.09 -9.79
N THR B 718 -28.76 1.88 -10.67
CA THR B 718 -30.15 1.63 -11.07
C THR B 718 -30.13 0.35 -11.90
N LEU B 719 -29.19 0.28 -12.89
CA LEU B 719 -28.90 -0.88 -13.74
C LEU B 719 -28.54 -2.13 -12.91
N GLY B 720 -28.17 -1.92 -11.65
CA GLY B 720 -27.84 -3.01 -10.72
C GLY B 720 -29.07 -3.87 -10.47
N MET B 721 -30.20 -3.22 -10.08
CA MET B 721 -31.47 -3.91 -9.81
C MET B 721 -32.18 -4.36 -11.10
N ILE B 722 -31.93 -3.69 -12.22
CA ILE B 722 -32.39 -4.06 -13.55
C ILE B 722 -31.66 -5.38 -13.91
N ASN B 723 -30.37 -5.46 -13.61
CA ASN B 723 -29.56 -6.65 -13.89
C ASN B 723 -29.81 -7.72 -12.89
N GLN B 724 -30.59 -7.43 -11.88
CA GLN B 724 -30.90 -8.41 -10.91
C GLN B 724 -32.37 -8.80 -10.89
N TYR B 725 -33.29 -7.86 -11.21
CA TYR B 725 -34.82 -7.94 -11.16
C TYR B 725 -35.61 -8.95 -10.36
N PRO B 726 -35.64 -10.18 -10.82
CA PRO B 726 -36.30 -11.16 -9.99
C PRO B 726 -35.53 -11.24 -8.71
N ALA B 727 -34.22 -11.44 -8.83
CA ALA B 727 -33.22 -11.58 -7.76
C ALA B 727 -32.97 -10.36 -6.92
N TRP B 728 -32.60 -10.57 -5.69
CA TRP B 728 -32.43 -9.49 -4.70
C TRP B 728 -31.38 -8.42 -5.07
N SER B 729 -31.76 -7.16 -4.83
CA SER B 729 -30.98 -5.94 -5.04
C SER B 729 -31.37 -4.93 -3.96
N VAL B 730 -30.45 -4.02 -3.57
CA VAL B 730 -30.64 -2.98 -2.54
C VAL B 730 -31.86 -2.09 -2.90
N GLY B 731 -31.87 -1.63 -4.16
CA GLY B 731 -32.92 -0.81 -4.73
C GLY B 731 -34.24 -1.54 -4.70
N ARG B 732 -34.26 -2.77 -5.32
CA ARG B 732 -35.41 -3.68 -5.33
C ARG B 732 -36.03 -3.78 -3.92
N SER B 733 -35.19 -4.12 -2.95
CA SER B 733 -35.48 -4.23 -1.52
C SER B 733 -36.04 -2.94 -0.93
N ASN B 734 -35.54 -1.76 -1.34
CA ASN B 734 -35.98 -0.48 -0.76
C ASN B 734 -37.35 0.01 -1.28
N LEU B 735 -37.67 -0.34 -2.56
CA LEU B 735 -38.94 -0.04 -3.21
C LEU B 735 -40.00 -1.00 -2.63
N ASN B 736 -39.58 -2.28 -2.41
CA ASN B 736 -40.34 -3.35 -1.79
C ASN B 736 -40.67 -2.95 -0.36
N ALA B 737 -39.77 -2.19 0.27
CA ALA B 737 -39.92 -1.70 1.63
C ALA B 737 -41.08 -0.73 1.78
N LEU B 738 -41.46 -0.05 0.67
CA LEU B 738 -42.57 0.90 0.64
C LEU B 738 -43.88 0.16 0.83
N THR B 739 -43.97 -1.01 0.18
CA THR B 739 -45.12 -1.90 0.13
C THR B 739 -44.94 -3.12 1.08
N GLY B 740 -44.70 -2.84 2.37
CA GLY B 740 -44.43 -3.87 3.39
C GLY B 740 -42.99 -4.33 3.26
N LYS B 741 -42.75 -5.66 3.07
CA LYS B 741 -41.45 -6.31 2.82
C LYS B 741 -40.17 -5.47 3.18
N THR B 742 -40.04 -5.12 4.48
CA THR B 742 -38.95 -4.31 5.06
C THR B 742 -37.77 -5.13 5.61
N CYS B 743 -37.75 -6.47 5.36
CA CYS B 743 -36.73 -7.41 5.86
C CYS B 743 -35.58 -7.65 4.88
N GLY B 744 -35.78 -7.20 3.64
CA GLY B 744 -34.81 -7.23 2.55
C GLY B 744 -34.26 -8.60 2.19
N LEU B 745 -32.95 -8.79 2.48
CA LEU B 745 -32.24 -10.04 2.19
C LEU B 745 -32.88 -11.27 2.84
N ALA B 746 -33.39 -11.12 4.10
CA ALA B 746 -34.05 -12.15 4.90
C ALA B 746 -35.13 -12.86 4.11
N ASN B 747 -35.98 -12.08 3.41
CA ASN B 747 -37.09 -12.55 2.58
C ASN B 747 -36.61 -13.20 1.26
N ASP B 748 -35.33 -13.03 0.90
CA ASP B 748 -34.78 -13.57 -0.33
C ASP B 748 -33.77 -14.74 -0.16
N VAL B 749 -33.32 -15.02 1.10
CA VAL B 749 -32.36 -16.12 1.34
C VAL B 749 -33.04 -17.36 1.92
N LEU B 750 -33.07 -18.42 1.09
CA LEU B 750 -33.68 -19.71 1.35
C LEU B 750 -32.69 -20.65 2.04
N VAL B 751 -33.02 -21.01 3.30
CA VAL B 751 -32.21 -21.87 4.16
C VAL B 751 -32.89 -23.22 4.40
N GLU B 752 -32.26 -24.32 3.98
CA GLU B 752 -32.83 -25.66 4.20
C GLU B 752 -32.52 -26.17 5.61
N GLN B 753 -33.57 -26.26 6.46
CA GLN B 753 -33.43 -26.70 7.84
C GLN B 753 -32.80 -28.09 7.94
N ASN B 754 -33.34 -29.09 7.20
CA ASN B 754 -32.78 -30.44 7.17
C ASN B 754 -32.21 -30.75 5.80
N ALA B 755 -30.93 -31.15 5.80
CA ALA B 755 -30.15 -31.47 4.61
C ALA B 755 -30.50 -32.83 4.01
N ASN B 756 -31.05 -33.74 4.83
CA ASN B 756 -31.45 -35.09 4.40
C ASN B 756 -32.90 -35.08 3.90
N ALA B 757 -33.61 -33.95 4.10
CA ALA B 757 -35.03 -33.76 3.81
C ALA B 757 -35.48 -34.00 2.35
N GLY B 758 -34.86 -33.33 1.38
CA GLY B 758 -35.27 -33.47 -0.01
C GLY B 758 -34.57 -34.53 -0.82
N MET B 759 -33.93 -35.51 -0.14
CA MET B 759 -33.18 -36.59 -0.79
C MET B 759 -33.98 -37.34 -1.84
N LEU B 760 -33.43 -37.40 -3.07
CA LEU B 760 -34.04 -38.09 -4.20
C LEU B 760 -33.95 -39.60 -4.02
N THR B 761 -35.08 -40.33 -4.26
CA THR B 761 -35.17 -41.79 -4.11
C THR B 761 -34.65 -42.53 -5.37
N PRO B 762 -33.82 -43.59 -5.22
CA PRO B 762 -33.31 -44.29 -6.41
C PRO B 762 -34.27 -45.34 -6.93
N ILE B 763 -34.37 -45.43 -8.27
CA ILE B 763 -35.24 -46.37 -8.98
C ILE B 763 -34.79 -47.83 -8.75
N GLY B 764 -33.49 -48.09 -8.97
CA GLY B 764 -32.91 -49.41 -8.79
C GLY B 764 -32.50 -49.72 -7.36
N GLU B 765 -31.18 -49.94 -7.17
CA GLU B 765 -30.50 -50.29 -5.91
C GLU B 765 -30.84 -49.32 -4.74
N PRO B 766 -30.82 -49.77 -3.46
CA PRO B 766 -31.11 -48.83 -2.36
C PRO B 766 -29.95 -47.89 -2.07
N ALA B 767 -30.24 -46.83 -1.29
CA ALA B 767 -29.35 -45.74 -0.84
C ALA B 767 -27.84 -46.00 -0.98
N GLY B 768 -27.35 -47.06 -0.33
CA GLY B 768 -25.95 -47.47 -0.31
C GLY B 768 -25.23 -47.50 -1.63
N GLN B 769 -25.38 -48.59 -2.38
CA GLN B 769 -24.74 -48.73 -3.69
C GLN B 769 -25.60 -48.14 -4.81
N ALA B 770 -26.26 -47.00 -4.54
CA ALA B 770 -27.11 -46.33 -5.52
C ALA B 770 -26.32 -45.33 -6.35
N LEU B 771 -25.52 -44.44 -5.70
CA LEU B 771 -24.75 -43.42 -6.41
C LEU B 771 -23.49 -43.96 -7.12
N GLY B 772 -23.13 -45.22 -6.86
CA GLY B 772 -21.99 -45.88 -7.48
C GLY B 772 -22.34 -47.19 -8.15
N ALA B 773 -23.58 -47.28 -8.65
CA ALA B 773 -24.17 -48.47 -9.27
C ALA B 773 -23.67 -48.79 -10.68
N VAL B 774 -23.79 -47.83 -11.61
CA VAL B 774 -23.40 -48.04 -13.02
C VAL B 774 -21.86 -48.10 -13.15
N THR B 775 -21.17 -46.98 -12.90
CA THR B 775 -19.71 -46.94 -13.00
C THR B 775 -19.12 -46.48 -11.67
N SER B 776 -18.09 -47.21 -11.20
CA SER B 776 -17.39 -46.96 -9.96
C SER B 776 -15.91 -47.35 -10.10
N LEU B 777 -15.04 -46.33 -10.19
CA LEU B 777 -13.60 -46.45 -10.33
C LEU B 777 -12.98 -45.32 -9.52
N GLY B 778 -12.10 -45.67 -8.59
CA GLY B 778 -11.51 -44.74 -7.64
C GLY B 778 -12.56 -44.38 -6.61
N PHE B 779 -13.57 -45.27 -6.48
CA PHE B 779 -14.76 -45.18 -5.65
C PHE B 779 -14.50 -45.50 -4.16
N GLY B 780 -13.73 -44.63 -3.49
CA GLY B 780 -13.39 -44.80 -2.09
C GLY B 780 -14.43 -44.27 -1.12
N PRO B 781 -15.16 -45.13 -0.37
CA PRO B 781 -16.13 -44.62 0.61
C PRO B 781 -15.42 -43.86 1.74
N ASN B 782 -14.24 -44.35 2.15
CA ASN B 782 -13.40 -43.71 3.17
C ASN B 782 -12.18 -43.06 2.50
N GLY B 783 -12.07 -43.24 1.18
CA GLY B 783 -10.99 -42.77 0.31
C GLY B 783 -10.52 -41.34 0.42
N ILE B 784 -11.38 -40.41 0.87
CA ILE B 784 -11.05 -38.99 0.99
C ILE B 784 -10.35 -38.62 2.34
N PRO B 785 -9.46 -37.61 2.38
CA PRO B 785 -8.79 -37.26 3.65
C PRO B 785 -9.63 -36.41 4.59
N SER B 786 -10.15 -37.03 5.68
CA SER B 786 -11.04 -36.46 6.70
C SER B 786 -10.57 -35.16 7.38
N ASP B 787 -9.26 -34.86 7.33
CA ASP B 787 -8.69 -33.66 7.96
C ASP B 787 -8.43 -32.51 6.98
N VAL B 788 -8.45 -32.79 5.66
CA VAL B 788 -8.27 -31.82 4.59
C VAL B 788 -9.61 -31.07 4.34
N SER B 789 -10.73 -31.79 4.56
CA SER B 789 -12.08 -31.28 4.35
C SER B 789 -12.94 -31.20 5.63
N ALA B 790 -13.82 -30.17 5.69
CA ALA B 790 -14.74 -29.91 6.80
C ALA B 790 -15.96 -29.02 6.38
N ASP B 791 -16.63 -28.41 7.38
CA ASP B 791 -17.80 -27.53 7.23
C ASP B 791 -17.88 -26.53 8.40
N PRO B 792 -18.26 -25.24 8.16
CA PRO B 792 -18.31 -24.25 9.25
C PRO B 792 -19.25 -24.57 10.41
N ALA B 824 -17.05 -44.85 14.47
CA ALA B 824 -18.36 -44.82 13.81
C ALA B 824 -18.33 -45.43 12.39
N ALA B 825 -19.51 -45.61 11.76
CA ALA B 825 -19.66 -46.18 10.42
C ALA B 825 -20.96 -45.75 9.75
N GLY B 826 -20.85 -45.31 8.49
CA GLY B 826 -21.98 -44.89 7.65
C GLY B 826 -22.52 -46.02 6.79
N ILE B 827 -23.52 -45.73 5.92
CA ILE B 827 -24.13 -46.75 5.03
C ILE B 827 -23.09 -47.31 4.05
N ASN B 828 -22.27 -46.42 3.46
CA ASN B 828 -21.20 -46.76 2.54
C ASN B 828 -20.02 -47.40 3.29
N GLY B 829 -19.97 -47.18 4.60
CA GLY B 829 -18.91 -47.66 5.50
C GLY B 829 -18.07 -46.53 6.04
N SER B 830 -18.16 -45.36 5.37
CA SER B 830 -17.47 -44.11 5.66
C SER B 830 -17.60 -43.63 7.09
N ARG B 831 -16.47 -43.18 7.66
CA ARG B 831 -16.33 -42.65 9.02
C ARG B 831 -16.09 -41.13 8.93
N ALA B 832 -16.01 -40.60 7.68
CA ALA B 832 -15.76 -39.20 7.32
C ALA B 832 -16.86 -38.24 7.78
N ARG B 833 -16.46 -37.14 8.45
CA ARG B 833 -17.37 -36.12 8.98
C ARG B 833 -18.20 -35.45 7.89
N LEU B 834 -19.54 -35.69 7.94
CA LEU B 834 -20.52 -35.20 6.97
C LEU B 834 -21.07 -33.79 7.24
N PRO B 835 -21.15 -32.93 6.18
CA PRO B 835 -21.60 -31.55 6.38
C PRO B 835 -23.10 -31.35 6.56
N TYR B 836 -23.48 -30.13 7.01
CA TYR B 836 -24.84 -29.61 7.22
C TYR B 836 -25.81 -30.55 7.94
N GLY B 837 -25.27 -31.40 8.80
CA GLY B 837 -26.06 -32.37 9.56
C GLY B 837 -26.54 -33.55 8.73
N LEU B 838 -25.75 -33.97 7.73
CA LEU B 838 -26.10 -35.11 6.90
C LEU B 838 -25.86 -36.38 7.70
N ASN B 839 -26.96 -37.01 8.18
CA ASN B 839 -26.98 -38.24 8.98
C ASN B 839 -26.44 -39.40 8.13
N PRO B 840 -25.26 -39.97 8.48
CA PRO B 840 -24.68 -41.06 7.65
C PRO B 840 -25.50 -42.35 7.66
N ALA B 841 -26.37 -42.51 8.67
CA ALA B 841 -27.28 -43.64 8.83
C ALA B 841 -28.39 -43.60 7.75
N THR B 842 -28.54 -42.44 7.06
CA THR B 842 -29.50 -42.19 5.98
C THR B 842 -28.83 -41.69 4.68
N THR B 843 -27.58 -41.16 4.76
CA THR B 843 -26.90 -40.63 3.59
C THR B 843 -25.52 -41.28 3.28
N PRO B 844 -25.38 -41.90 2.07
CA PRO B 844 -24.08 -42.48 1.68
C PRO B 844 -23.13 -41.42 1.16
N VAL B 845 -21.83 -41.76 1.01
CA VAL B 845 -20.83 -40.82 0.50
C VAL B 845 -19.73 -41.57 -0.25
N LEU B 846 -19.38 -41.08 -1.43
CA LEU B 846 -18.38 -41.69 -2.31
C LEU B 846 -17.33 -40.66 -2.79
N GLY B 847 -16.05 -40.96 -2.57
CA GLY B 847 -14.94 -40.09 -2.95
C GLY B 847 -14.07 -40.61 -4.08
N SER B 848 -12.95 -39.89 -4.34
CA SER B 848 -11.97 -40.23 -5.39
C SER B 848 -10.55 -39.74 -5.06
N TRP B 849 -10.15 -39.86 -3.79
CA TRP B 849 -8.81 -39.50 -3.35
C TRP B 849 -8.05 -40.78 -3.01
N ARG B 850 -6.73 -40.81 -3.29
CA ARG B 850 -5.90 -42.01 -3.01
C ARG B 850 -4.50 -41.66 -2.52
N SER B 851 -3.96 -42.53 -1.63
CA SER B 851 -2.62 -42.43 -1.06
C SER B 851 -1.65 -43.18 -1.97
N GLY B 852 -0.69 -42.44 -2.53
CA GLY B 852 0.32 -43.00 -3.42
C GLY B 852 0.08 -42.78 -4.89
N THR B 853 0.31 -43.84 -5.70
CA THR B 853 0.15 -43.83 -7.15
C THR B 853 -1.32 -43.66 -7.56
N GLN B 854 -1.63 -42.45 -8.07
CA GLN B 854 -2.97 -42.03 -8.52
C GLN B 854 -3.43 -42.83 -9.74
N GLN B 855 -4.76 -42.93 -9.92
CA GLN B 855 -5.38 -43.68 -11.01
C GLN B 855 -6.53 -42.89 -11.68
N PRO B 856 -6.91 -43.18 -12.96
CA PRO B 856 -8.05 -42.45 -13.56
C PRO B 856 -9.38 -42.91 -12.96
N ALA B 857 -10.33 -41.96 -12.74
CA ALA B 857 -11.63 -42.27 -12.12
C ALA B 857 -12.84 -41.84 -12.96
N VAL B 858 -13.91 -42.66 -12.95
CA VAL B 858 -15.19 -42.45 -13.63
C VAL B 858 -16.35 -42.96 -12.77
N LEU B 859 -17.31 -42.07 -12.41
CA LEU B 859 -18.48 -42.41 -11.59
C LEU B 859 -19.81 -42.21 -12.31
N ARG B 860 -20.72 -43.20 -12.20
CA ARG B 860 -22.06 -43.17 -12.77
C ARG B 860 -23.06 -43.79 -11.79
N SER B 861 -24.02 -42.98 -11.34
CA SER B 861 -25.05 -43.38 -10.39
C SER B 861 -26.22 -44.13 -11.03
N ALA B 862 -27.13 -44.66 -10.19
CA ALA B 862 -28.35 -45.30 -10.64
C ALA B 862 -29.34 -44.19 -10.99
N TRP B 863 -30.41 -44.53 -11.70
CA TRP B 863 -31.42 -43.53 -12.04
C TRP B 863 -32.20 -43.18 -10.78
N TYR B 864 -32.26 -41.88 -10.48
CA TYR B 864 -32.98 -41.32 -9.32
C TYR B 864 -34.31 -40.78 -9.81
N ARG B 865 -35.40 -41.11 -9.10
CA ARG B 865 -36.72 -40.68 -9.50
C ARG B 865 -36.92 -39.19 -9.28
N LEU B 866 -37.22 -38.48 -10.38
CA LEU B 866 -37.47 -37.04 -10.37
C LEU B 866 -38.89 -36.76 -9.85
N PRO B 867 -39.05 -35.91 -8.80
CA PRO B 867 -40.40 -35.61 -8.29
C PRO B 867 -41.19 -34.71 -9.25
N ASP B 868 -42.39 -34.29 -8.82
CA ASP B 868 -43.26 -33.44 -9.62
C ASP B 868 -42.73 -32.02 -9.70
N ARG B 869 -42.93 -31.35 -10.84
CA ARG B 869 -42.56 -29.95 -11.09
C ARG B 869 -43.38 -29.04 -10.15
N ASP B 870 -44.63 -29.47 -9.87
CA ASP B 870 -45.59 -28.83 -8.98
C ASP B 870 -45.08 -28.93 -7.54
N GLN B 871 -44.88 -30.18 -7.04
CA GLN B 871 -44.39 -30.46 -5.69
C GLN B 871 -42.86 -30.53 -5.73
N ALA B 872 -42.21 -29.37 -5.88
CA ALA B 872 -40.75 -29.32 -5.97
C ALA B 872 -40.13 -28.09 -5.33
N GLY B 873 -38.86 -28.23 -4.98
CA GLY B 873 -38.05 -27.15 -4.48
C GLY B 873 -37.58 -26.35 -5.69
N PRO B 874 -36.98 -25.16 -5.50
CA PRO B 874 -36.56 -24.35 -6.66
C PRO B 874 -35.37 -24.90 -7.44
N LEU B 875 -34.53 -25.71 -6.78
CA LEU B 875 -33.35 -26.25 -7.43
C LEU B 875 -32.90 -27.61 -6.88
N LEU B 876 -32.03 -28.29 -7.67
CA LEU B 876 -31.39 -29.58 -7.42
C LEU B 876 -29.97 -29.34 -6.90
N VAL B 877 -29.59 -29.98 -5.77
CA VAL B 877 -28.26 -29.85 -5.15
C VAL B 877 -27.61 -31.19 -4.78
N VAL B 878 -26.28 -31.24 -4.81
CA VAL B 878 -25.47 -32.38 -4.36
C VAL B 878 -24.37 -31.83 -3.46
N SER B 879 -24.10 -32.48 -2.32
CA SER B 879 -23.01 -32.00 -1.48
C SER B 879 -21.73 -32.65 -1.99
N ALA B 880 -20.69 -31.82 -2.21
CA ALA B 880 -19.40 -32.26 -2.75
C ALA B 880 -18.19 -31.53 -2.18
N ALA B 881 -17.09 -32.29 -1.99
CA ALA B 881 -15.82 -31.77 -1.48
C ALA B 881 -14.70 -32.21 -2.44
N GLY B 882 -13.66 -31.39 -2.55
CA GLY B 882 -12.53 -31.68 -3.42
C GLY B 882 -12.15 -30.52 -4.32
N ARG B 883 -11.04 -30.68 -5.05
CA ARG B 883 -10.52 -29.69 -5.98
C ARG B 883 -10.92 -30.18 -7.37
N PHE B 884 -11.98 -29.60 -7.94
CA PHE B 884 -12.50 -30.03 -9.24
C PHE B 884 -13.23 -28.92 -9.98
N ASP B 885 -13.08 -28.92 -11.31
CA ASP B 885 -13.75 -27.96 -12.20
C ASP B 885 -15.26 -28.25 -12.22
N GLN B 886 -16.08 -27.23 -12.53
CA GLN B 886 -17.55 -27.31 -12.60
C GLN B 886 -18.02 -28.38 -13.59
N GLY B 887 -17.34 -28.47 -14.73
CA GLY B 887 -17.65 -29.42 -15.80
C GLY B 887 -17.45 -30.90 -15.48
N GLU B 888 -16.56 -31.22 -14.53
CA GLU B 888 -16.23 -32.60 -14.14
C GLU B 888 -17.41 -33.39 -13.56
N VAL B 889 -18.37 -32.72 -12.89
CA VAL B 889 -19.57 -33.35 -12.31
C VAL B 889 -20.83 -32.89 -13.08
N GLU B 890 -21.52 -33.86 -13.72
CA GLU B 890 -22.72 -33.64 -14.53
C GLU B 890 -23.94 -34.47 -14.08
N VAL B 891 -25.14 -34.00 -14.46
CA VAL B 891 -26.41 -34.66 -14.19
C VAL B 891 -27.08 -34.94 -15.52
N GLN B 892 -27.32 -36.22 -15.82
CA GLN B 892 -27.96 -36.67 -17.04
C GLN B 892 -29.45 -36.89 -16.81
N TRP B 893 -30.31 -36.18 -17.55
CA TRP B 893 -31.76 -36.36 -17.43
C TRP B 893 -32.27 -37.26 -18.55
N ALA B 894 -33.37 -37.99 -18.29
CA ALA B 894 -33.94 -38.92 -19.27
C ALA B 894 -35.39 -39.25 -19.00
N THR B 895 -36.11 -39.59 -20.08
CA THR B 895 -37.50 -40.06 -20.09
C THR B 895 -37.40 -41.53 -19.64
N ASP B 896 -38.49 -42.11 -19.13
CA ASP B 896 -38.51 -43.51 -18.70
C ASP B 896 -38.02 -44.46 -19.78
N GLU B 897 -38.35 -44.16 -21.05
CA GLU B 897 -37.93 -44.91 -22.24
C GLU B 897 -36.46 -44.64 -22.58
N GLN B 898 -35.99 -43.38 -22.40
CA GLN B 898 -34.61 -42.95 -22.67
C GLN B 898 -33.65 -43.63 -21.69
N ALA B 899 -34.01 -43.64 -20.37
CA ALA B 899 -33.25 -44.25 -19.27
C ALA B 899 -33.15 -45.76 -19.44
N ALA B 900 -34.23 -46.39 -19.96
CA ALA B 900 -34.30 -47.82 -20.23
C ALA B 900 -33.40 -48.16 -21.44
N ALA B 901 -33.31 -47.24 -22.42
CA ALA B 901 -32.49 -47.40 -23.61
C ALA B 901 -31.02 -47.07 -23.35
N ASN B 902 -30.74 -46.25 -22.30
CA ASN B 902 -29.42 -45.77 -21.89
C ASN B 902 -28.72 -44.99 -23.04
N GLU B 903 -29.53 -44.23 -23.82
CA GLU B 903 -29.08 -43.42 -24.97
C GLU B 903 -28.41 -42.10 -24.50
N PRO B 904 -27.99 -41.08 -25.34
CA PRO B 904 -27.33 -39.88 -24.76
C PRO B 904 -28.03 -39.20 -23.58
N GLY B 905 -29.37 -39.18 -23.58
CA GLY B 905 -30.18 -38.60 -22.51
C GLY B 905 -30.21 -37.09 -22.49
N GLY B 906 -29.04 -36.48 -22.27
CA GLY B 906 -28.83 -35.05 -22.17
C GLY B 906 -28.29 -34.71 -20.79
N SER B 907 -27.24 -33.87 -20.70
CA SER B 907 -26.61 -33.52 -19.42
C SER B 907 -26.48 -32.02 -19.13
N ILE B 908 -26.43 -31.64 -17.83
CA ILE B 908 -26.27 -30.26 -17.32
C ILE B 908 -25.28 -30.20 -16.13
N THR B 909 -24.19 -29.40 -16.25
CA THR B 909 -23.19 -29.27 -15.18
C THR B 909 -23.73 -28.46 -13.98
N PHE B 910 -23.13 -28.65 -12.79
CA PHE B 910 -23.50 -27.97 -11.55
C PHE B 910 -22.70 -26.67 -11.35
N GLY B 911 -23.10 -25.88 -10.34
CA GLY B 911 -22.46 -24.63 -9.99
C GLY B 911 -22.04 -24.61 -8.53
N ASP B 912 -20.73 -24.66 -8.28
CA ASP B 912 -20.17 -24.64 -6.92
C ASP B 912 -19.99 -23.24 -6.39
N VAL B 913 -20.21 -23.09 -5.08
CA VAL B 913 -20.08 -21.87 -4.30
C VAL B 913 -19.52 -22.27 -2.93
N GLY B 914 -18.41 -21.64 -2.56
CA GLY B 914 -17.67 -21.96 -1.34
C GLY B 914 -16.30 -22.50 -1.70
N ALA B 915 -15.37 -22.43 -0.75
CA ALA B 915 -13.99 -22.83 -0.95
C ALA B 915 -13.77 -24.31 -1.12
N ALA B 916 -12.94 -24.65 -2.11
CA ALA B 916 -12.51 -26.03 -2.38
C ALA B 916 -11.22 -26.22 -1.57
N PRO B 917 -10.88 -27.43 -1.07
CA PRO B 917 -11.54 -28.73 -1.23
C PRO B 917 -12.59 -29.09 -0.17
N ALA B 918 -13.01 -28.11 0.65
CA ALA B 918 -14.02 -28.35 1.70
C ALA B 918 -15.40 -28.63 1.10
N TRP B 919 -16.32 -29.10 1.93
CA TRP B 919 -17.68 -29.44 1.53
C TRP B 919 -18.51 -28.22 1.15
N ARG B 920 -19.24 -28.35 0.03
CA ARG B 920 -20.14 -27.35 -0.53
C ARG B 920 -21.32 -28.01 -1.24
N ASN B 921 -22.44 -27.28 -1.39
CA ASN B 921 -23.62 -27.77 -2.11
C ASN B 921 -23.53 -27.26 -3.54
N LEU B 922 -23.23 -28.14 -4.50
CA LEU B 922 -23.19 -27.73 -5.90
C LEU B 922 -24.66 -27.57 -6.27
N ARG B 923 -25.02 -26.40 -6.77
CA ARG B 923 -26.41 -26.06 -7.09
C ARG B 923 -26.66 -25.95 -8.60
N ALA B 924 -27.91 -26.20 -9.01
CA ALA B 924 -28.36 -26.08 -10.40
C ALA B 924 -29.88 -25.94 -10.32
N PRO B 925 -30.53 -24.95 -10.98
CA PRO B 925 -31.99 -24.84 -10.87
C PRO B 925 -32.68 -25.97 -11.63
N LEU B 926 -33.88 -26.34 -11.18
CA LEU B 926 -34.63 -27.41 -11.87
C LEU B 926 -35.09 -26.89 -13.25
N SER B 927 -35.24 -25.56 -13.36
CA SER B 927 -35.62 -24.84 -14.59
C SER B 927 -34.50 -24.87 -15.66
N SER B 928 -33.58 -25.86 -15.55
CA SER B 928 -32.46 -26.13 -16.47
C SER B 928 -32.66 -27.53 -17.02
N ILE B 929 -33.65 -28.24 -16.47
CA ILE B 929 -34.03 -29.60 -16.83
C ILE B 929 -35.43 -29.59 -17.47
N PRO B 930 -35.56 -30.07 -18.74
CA PRO B 930 -36.87 -30.06 -19.42
C PRO B 930 -37.99 -30.80 -18.69
N PRO B 931 -39.30 -30.50 -18.97
CA PRO B 931 -40.39 -31.22 -18.26
C PRO B 931 -40.49 -32.70 -18.61
N GLU B 932 -39.93 -33.08 -19.78
CA GLU B 932 -39.88 -34.46 -20.32
C GLU B 932 -39.07 -35.42 -19.41
N ALA B 933 -38.18 -34.86 -18.58
CA ALA B 933 -37.32 -35.58 -17.64
C ALA B 933 -38.13 -36.12 -16.46
N THR B 934 -37.92 -37.40 -16.15
CA THR B 934 -38.57 -38.15 -15.07
C THR B 934 -37.56 -38.98 -14.28
N GLN B 935 -36.36 -39.20 -14.87
CA GLN B 935 -35.26 -39.98 -14.29
C GLN B 935 -33.94 -39.23 -14.51
N ILE B 936 -33.15 -39.03 -13.43
CA ILE B 936 -31.85 -38.36 -13.52
C ILE B 936 -30.71 -39.27 -13.03
N ARG B 937 -29.52 -39.08 -13.61
CA ARG B 937 -28.31 -39.83 -13.32
C ARG B 937 -27.19 -38.87 -12.94
N LEU B 938 -26.30 -39.29 -12.02
CA LEU B 938 -25.16 -38.52 -11.54
C LEU B 938 -23.88 -39.10 -12.15
N VAL B 939 -23.04 -38.28 -12.79
CA VAL B 939 -21.76 -38.78 -13.38
C VAL B 939 -20.58 -37.82 -13.05
N ALA B 940 -19.38 -38.35 -12.79
CA ALA B 940 -18.16 -37.57 -12.45
C ALA B 940 -16.89 -38.21 -13.04
N SER B 941 -15.73 -37.53 -13.01
CA SER B 941 -14.47 -38.08 -13.61
C SER B 941 -13.17 -37.38 -13.16
N ASP B 942 -12.38 -37.98 -12.27
CA ASP B 942 -11.06 -37.40 -11.90
C ASP B 942 -10.00 -38.02 -12.82
N ASP B 943 -9.80 -37.43 -14.00
CA ASP B 943 -8.83 -37.97 -14.98
C ASP B 943 -7.46 -37.28 -14.84
N ASP B 944 -7.39 -36.12 -14.20
CA ASP B 944 -6.07 -35.45 -14.15
C ASP B 944 -5.21 -36.05 -13.04
N LEU B 945 -3.99 -36.41 -13.40
CA LEU B 945 -3.02 -37.02 -12.47
C LEU B 945 -2.54 -35.93 -11.51
N ALA B 946 -3.30 -35.67 -10.45
CA ALA B 946 -2.88 -34.64 -9.48
C ALA B 946 -3.14 -35.19 -8.08
N PRO B 947 -2.16 -35.14 -7.19
CA PRO B 947 -2.30 -35.68 -5.83
C PRO B 947 -2.97 -34.76 -4.81
N GLN B 948 -3.59 -33.67 -5.24
CA GLN B 948 -4.34 -32.79 -4.30
C GLN B 948 -5.67 -32.39 -4.94
N HIS B 949 -5.93 -32.90 -6.15
CA HIS B 949 -7.16 -32.60 -6.92
C HIS B 949 -7.97 -33.89 -7.07
N TRP B 950 -9.04 -34.01 -6.29
CA TRP B 950 -9.94 -35.18 -6.28
C TRP B 950 -11.40 -34.73 -6.40
N ILE B 951 -12.35 -35.66 -6.23
CA ILE B 951 -13.82 -35.35 -6.27
C ILE B 951 -14.54 -36.26 -5.28
N ALA B 952 -15.28 -35.70 -4.33
CA ALA B 952 -16.07 -36.50 -3.35
C ALA B 952 -17.54 -36.17 -3.54
N LEU B 953 -18.48 -37.07 -3.25
CA LEU B 953 -19.90 -36.75 -3.53
C LEU B 953 -20.87 -37.40 -2.56
N THR B 954 -22.12 -36.93 -2.59
CA THR B 954 -23.24 -37.51 -1.83
C THR B 954 -24.45 -37.59 -2.82
N PRO B 955 -25.57 -38.30 -2.52
CA PRO B 955 -26.67 -38.39 -3.50
C PRO B 955 -27.40 -37.06 -3.83
N PRO B 956 -28.14 -37.01 -4.98
CA PRO B 956 -28.88 -35.77 -5.34
C PRO B 956 -30.03 -35.42 -4.41
N ARG B 957 -30.50 -34.15 -4.47
CA ARG B 957 -31.52 -33.62 -3.57
C ARG B 957 -32.27 -32.42 -4.16
N ILE B 958 -33.55 -32.26 -3.81
CA ILE B 958 -34.38 -31.09 -4.13
C ILE B 958 -34.73 -30.47 -2.74
N PRO B 959 -33.85 -29.58 -2.25
CA PRO B 959 -33.96 -29.07 -0.87
C PRO B 959 -35.31 -28.59 -0.35
N GLU B 960 -35.49 -28.72 0.99
CA GLU B 960 -36.68 -28.25 1.71
C GLU B 960 -36.39 -26.84 2.25
N LEU B 961 -36.52 -25.85 1.35
CA LEU B 961 -36.22 -24.44 1.57
C LEU B 961 -37.35 -23.58 2.07
N ARG B 962 -37.01 -22.69 2.99
CA ARG B 962 -37.86 -21.67 3.60
C ARG B 962 -37.00 -20.42 3.81
N THR B 963 -37.58 -19.21 3.70
CA THR B 963 -36.80 -17.95 3.85
C THR B 963 -36.15 -17.85 5.23
N LEU B 964 -34.97 -17.20 5.28
CA LEU B 964 -34.22 -16.96 6.52
C LEU B 964 -35.13 -16.26 7.54
N GLN B 965 -36.09 -15.42 7.08
CA GLN B 965 -37.02 -14.72 7.97
C GLN B 965 -38.02 -15.66 8.56
N GLU B 966 -38.35 -16.77 7.85
CA GLU B 966 -39.27 -17.80 8.33
C GLU B 966 -38.56 -18.63 9.40
N VAL B 967 -37.37 -19.19 9.03
CA VAL B 967 -36.51 -20.06 9.84
C VAL B 967 -35.95 -19.30 11.06
N VAL B 968 -35.15 -18.28 10.80
CA VAL B 968 -34.63 -17.43 11.86
C VAL B 968 -35.77 -16.45 12.14
N GLY B 969 -36.28 -16.48 13.36
CA GLY B 969 -37.34 -15.55 13.74
C GLY B 969 -36.81 -14.14 13.89
N SER B 970 -37.71 -13.18 14.03
CA SER B 970 -37.30 -11.79 14.20
C SER B 970 -37.39 -11.36 15.70
N SER B 971 -37.46 -12.37 16.59
CA SER B 971 -37.50 -12.27 18.05
C SER B 971 -36.34 -13.08 18.67
N ASP B 972 -35.75 -14.00 17.86
CA ASP B 972 -34.61 -14.87 18.18
C ASP B 972 -33.33 -14.04 18.24
N PRO B 973 -32.45 -14.23 19.26
CA PRO B 973 -31.18 -13.47 19.28
C PRO B 973 -30.23 -14.03 18.23
N VAL B 974 -29.59 -13.15 17.45
CA VAL B 974 -28.67 -13.61 16.42
C VAL B 974 -27.36 -12.82 16.48
N MET B 975 -26.25 -13.50 16.10
CA MET B 975 -24.91 -12.94 16.05
C MET B 975 -24.78 -12.31 14.68
N LEU B 976 -25.31 -11.09 14.55
CA LEU B 976 -25.28 -10.34 13.30
C LEU B 976 -23.88 -9.79 13.14
N ASP B 977 -23.16 -10.18 12.07
CA ASP B 977 -21.85 -9.62 11.79
C ASP B 977 -22.06 -8.12 11.54
N TRP B 978 -21.07 -7.28 11.86
CA TRP B 978 -21.25 -5.83 11.69
C TRP B 978 -21.62 -5.42 10.24
N LEU B 979 -21.15 -6.20 9.25
CA LEU B 979 -21.40 -5.99 7.83
C LEU B 979 -22.86 -6.22 7.42
N VAL B 980 -23.46 -7.33 7.92
CA VAL B 980 -24.78 -7.84 7.57
C VAL B 980 -25.96 -7.04 8.15
N GLY B 981 -25.71 -6.23 9.20
CA GLY B 981 -26.67 -5.40 9.96
C GLY B 981 -27.93 -4.82 9.30
N LEU B 982 -27.76 -3.88 8.34
CA LEU B 982 -28.86 -3.21 7.63
C LEU B 982 -29.60 -4.11 6.64
N ALA B 983 -28.94 -5.19 6.18
CA ALA B 983 -29.51 -6.11 5.19
C ALA B 983 -30.51 -7.06 5.83
N PHE B 984 -30.30 -7.36 7.12
CA PHE B 984 -31.15 -8.22 7.95
C PHE B 984 -31.67 -7.32 9.06
N PRO B 985 -32.72 -6.51 8.79
CA PRO B 985 -33.19 -5.53 9.78
C PRO B 985 -34.30 -6.05 10.68
N CYS B 986 -35.06 -7.06 10.21
CA CYS B 986 -36.12 -7.66 10.99
C CYS B 986 -35.49 -8.56 12.08
N GLN B 987 -34.46 -9.38 11.71
CA GLN B 987 -33.68 -10.27 12.60
C GLN B 987 -33.08 -9.42 13.72
N ARG B 988 -33.40 -9.72 14.98
CA ARG B 988 -32.89 -8.89 16.07
C ARG B 988 -31.57 -9.37 16.65
N PRO B 989 -30.62 -8.45 16.94
CA PRO B 989 -29.35 -8.89 17.53
C PRO B 989 -29.53 -9.27 18.99
N PHE B 990 -28.61 -10.10 19.53
CA PHE B 990 -28.62 -10.48 20.94
C PHE B 990 -28.35 -9.22 21.78
N ASP B 991 -29.05 -9.06 22.87
CA ASP B 991 -28.92 -7.89 23.73
C ASP B 991 -27.87 -8.06 24.82
N HIS B 992 -27.56 -6.97 25.54
CA HIS B 992 -26.63 -7.06 26.63
C HIS B 992 -27.20 -6.34 27.84
N ARG B 993 -27.22 -7.06 28.96
CA ARG B 993 -27.80 -6.67 30.24
C ARG B 993 -26.79 -5.80 31.02
N TYR B 994 -26.40 -6.24 32.23
CA TYR B 994 -25.44 -5.56 33.10
C TYR B 994 -24.17 -6.41 33.11
N GLY B 995 -23.48 -6.42 31.97
CA GLY B 995 -22.27 -7.20 31.77
C GLY B 995 -22.53 -8.54 31.10
N VAL B 996 -23.77 -9.06 31.22
CA VAL B 996 -24.19 -10.34 30.66
C VAL B 996 -24.77 -10.17 29.27
N VAL B 997 -24.20 -10.85 28.26
CA VAL B 997 -24.69 -10.83 26.88
C VAL B 997 -25.66 -11.97 26.64
N GLU B 998 -26.78 -11.68 25.95
CA GLU B 998 -27.80 -12.66 25.57
C GLU B 998 -27.13 -13.66 24.64
N VAL B 999 -27.49 -14.93 24.77
CA VAL B 999 -26.86 -15.96 23.95
C VAL B 999 -27.48 -15.99 22.55
N PRO B 1000 -26.71 -15.68 21.47
CA PRO B 1000 -27.29 -15.76 20.13
C PRO B 1000 -27.49 -17.22 19.68
N LYS B 1001 -28.71 -17.57 19.24
CA LYS B 1001 -28.94 -18.94 18.79
C LYS B 1001 -28.75 -19.09 17.27
N TRP B 1002 -28.26 -18.02 16.62
CA TRP B 1002 -27.98 -17.97 15.19
C TRP B 1002 -26.79 -17.02 14.93
N ARG B 1003 -26.29 -17.01 13.67
CA ARG B 1003 -25.22 -16.12 13.18
C ARG B 1003 -25.31 -15.92 11.65
N ILE B 1004 -25.51 -14.64 11.22
CA ILE B 1004 -25.57 -14.29 9.79
C ILE B 1004 -24.29 -13.61 9.40
N LEU B 1005 -23.66 -14.10 8.33
CA LEU B 1005 -22.34 -13.70 7.88
C LEU B 1005 -22.29 -13.12 6.45
N PRO B 1006 -21.23 -12.33 6.11
CA PRO B 1006 -21.04 -11.88 4.71
C PRO B 1006 -20.40 -13.01 3.88
N ASP B 1007 -20.07 -12.74 2.60
CA ASP B 1007 -19.47 -13.73 1.70
C ASP B 1007 -18.15 -14.32 2.26
N ARG B 1008 -17.62 -15.41 1.65
CA ARG B 1008 -16.38 -16.07 2.09
C ARG B 1008 -15.29 -15.07 2.35
N PHE B 1009 -15.02 -14.22 1.36
CA PHE B 1009 -14.00 -13.19 1.41
C PHE B 1009 -14.32 -12.10 2.40
N GLY B 1010 -15.55 -11.59 2.34
CA GLY B 1010 -16.02 -10.55 3.24
C GLY B 1010 -15.87 -10.93 4.71
N ALA B 1011 -16.39 -12.09 5.06
CA ALA B 1011 -16.36 -12.62 6.42
C ALA B 1011 -14.95 -12.94 6.85
N GLU B 1012 -14.10 -13.45 5.92
CA GLU B 1012 -12.70 -13.78 6.21
C GLU B 1012 -11.97 -12.50 6.65
N ALA B 1013 -12.00 -11.50 5.76
CA ALA B 1013 -11.35 -10.22 5.93
C ALA B 1013 -11.92 -9.30 7.03
N ASN B 1014 -13.26 -9.24 7.18
CA ASN B 1014 -13.85 -8.29 8.12
C ASN B 1014 -14.33 -8.88 9.47
N SER B 1015 -14.25 -10.22 9.66
CA SER B 1015 -14.64 -10.83 10.95
C SER B 1015 -13.63 -10.53 12.09
N PRO B 1016 -12.32 -10.23 11.84
CA PRO B 1016 -11.42 -9.91 12.97
C PRO B 1016 -11.84 -8.70 13.83
N VAL B 1017 -12.81 -7.91 13.36
CA VAL B 1017 -13.37 -6.76 14.08
C VAL B 1017 -13.93 -7.22 15.44
N MET B 1018 -14.56 -8.39 15.44
CA MET B 1018 -15.24 -9.00 16.59
C MET B 1018 -14.40 -10.04 17.34
N ASP B 1019 -13.22 -10.42 16.79
CA ASP B 1019 -12.29 -11.42 17.34
C ASP B 1019 -11.83 -11.10 18.77
N TYR B 1020 -11.62 -12.15 19.60
CA TYR B 1020 -11.23 -12.08 21.01
C TYR B 1020 -10.10 -11.08 21.33
N LEU B 1021 -9.18 -10.87 20.37
CA LEU B 1021 -8.04 -9.97 20.49
C LEU B 1021 -8.46 -8.52 20.73
N GLY B 1022 -9.61 -8.15 20.15
CA GLY B 1022 -10.22 -6.84 20.28
C GLY B 1022 -11.57 -6.88 20.96
N GLY B 1023 -11.68 -7.67 22.04
CA GLY B 1023 -12.92 -7.87 22.79
C GLY B 1023 -13.97 -8.40 21.84
N GLY B 1024 -15.11 -7.72 21.79
CA GLY B 1024 -16.15 -8.07 20.83
C GLY B 1024 -16.96 -9.33 21.12
N PRO B 1025 -17.94 -9.67 20.26
CA PRO B 1025 -18.79 -10.82 20.55
C PRO B 1025 -18.24 -12.18 20.15
N LEU B 1026 -17.53 -12.25 19.00
CA LEU B 1026 -17.01 -13.50 18.43
C LEU B 1026 -16.18 -14.31 19.38
N GLY B 1027 -15.42 -13.63 20.25
CA GLY B 1027 -14.57 -14.25 21.26
C GLY B 1027 -15.32 -15.00 22.34
N ILE B 1028 -16.66 -14.78 22.44
CA ILE B 1028 -17.57 -15.44 23.37
C ILE B 1028 -18.19 -16.67 22.68
N THR B 1029 -18.70 -16.50 21.46
CA THR B 1029 -19.31 -17.53 20.63
C THR B 1029 -18.29 -18.66 20.25
N GLU B 1030 -17.00 -18.36 20.42
CA GLU B 1030 -15.81 -19.21 20.20
C GLU B 1030 -15.57 -20.11 21.45
N LEU B 1031 -16.15 -19.70 22.59
CA LEU B 1031 -15.98 -20.39 23.86
C LEU B 1031 -17.27 -21.06 24.28
N LEU B 1032 -18.34 -20.27 24.49
CA LEU B 1032 -19.63 -20.73 24.97
C LEU B 1032 -20.42 -21.57 23.98
N LEU B 1033 -20.39 -21.22 22.69
CA LEU B 1033 -21.21 -21.92 21.70
C LEU B 1033 -20.43 -22.86 20.74
N ARG B 1034 -21.19 -23.76 20.08
CA ARG B 1034 -20.72 -24.72 19.10
C ARG B 1034 -21.30 -24.38 17.72
N PRO B 1035 -20.53 -23.62 16.91
CA PRO B 1035 -20.98 -23.25 15.56
C PRO B 1035 -21.26 -24.41 14.61
N SER B 1036 -22.53 -24.53 14.21
CA SER B 1036 -23.07 -25.53 13.30
C SER B 1036 -23.53 -24.81 12.02
N SER B 1037 -23.10 -25.27 10.84
CA SER B 1037 -23.49 -24.61 9.59
C SER B 1037 -24.84 -25.11 9.02
N VAL B 1038 -25.64 -24.16 8.47
CA VAL B 1038 -26.96 -24.35 7.85
C VAL B 1038 -26.81 -24.09 6.34
N PRO B 1039 -27.25 -24.97 5.41
CA PRO B 1039 -27.11 -24.65 3.97
C PRO B 1039 -28.08 -23.55 3.55
N THR B 1040 -27.61 -22.62 2.71
CA THR B 1040 -28.36 -21.44 2.29
C THR B 1040 -28.21 -21.20 0.78
N TYR B 1041 -29.21 -20.49 0.21
CA TYR B 1041 -29.28 -20.11 -1.22
C TYR B 1041 -29.94 -18.73 -1.35
N LEU B 1042 -29.46 -17.89 -2.27
CA LEU B 1042 -30.09 -16.59 -2.53
C LEU B 1042 -31.09 -16.90 -3.63
N LYS B 1043 -32.34 -16.39 -3.52
CA LYS B 1043 -33.47 -16.71 -4.39
C LYS B 1043 -33.14 -16.80 -5.89
N ASP B 1044 -33.48 -15.82 -6.72
CA ASP B 1044 -33.19 -16.06 -8.13
C ASP B 1044 -31.78 -15.64 -8.49
N ASP B 1045 -30.86 -15.99 -7.58
CA ASP B 1045 -29.42 -15.80 -7.68
C ASP B 1045 -28.70 -17.00 -7.09
N TRP B 1046 -28.88 -18.16 -7.76
CA TRP B 1046 -28.19 -19.40 -7.45
C TRP B 1046 -26.76 -19.12 -7.93
N TYR B 1047 -25.78 -19.82 -7.39
CA TYR B 1047 -24.34 -19.60 -7.66
C TYR B 1047 -23.81 -18.20 -7.16
N ARG B 1048 -24.54 -17.52 -6.24
CA ARG B 1048 -24.08 -16.26 -5.64
C ARG B 1048 -23.88 -16.44 -4.14
N ASP B 1049 -22.68 -16.14 -3.66
CA ASP B 1049 -22.40 -16.24 -2.24
C ASP B 1049 -22.88 -14.95 -1.54
N TRP B 1050 -24.16 -14.90 -1.17
CA TRP B 1050 -24.82 -13.77 -0.49
C TRP B 1050 -24.21 -13.54 0.91
N GLY B 1051 -23.69 -14.63 1.45
CA GLY B 1051 -23.15 -14.73 2.78
C GLY B 1051 -23.35 -16.13 3.33
N SER B 1052 -23.67 -16.23 4.62
CA SER B 1052 -23.82 -17.52 5.25
C SER B 1052 -24.68 -17.53 6.51
N LEU B 1053 -25.36 -18.68 6.77
CA LEU B 1053 -26.15 -18.87 7.99
C LEU B 1053 -25.53 -19.95 8.85
N GLN B 1054 -25.49 -19.65 10.16
CA GLN B 1054 -24.96 -20.53 11.19
C GLN B 1054 -25.94 -20.65 12.34
N ARG B 1055 -26.11 -21.89 12.81
CA ARG B 1055 -26.91 -22.23 13.97
C ARG B 1055 -25.91 -22.24 15.14
N LEU B 1056 -26.32 -21.80 16.33
CA LEU B 1056 -25.43 -21.80 17.51
C LEU B 1056 -26.02 -22.58 18.70
N THR B 1057 -25.58 -23.85 18.84
CA THR B 1057 -25.96 -24.79 19.90
C THR B 1057 -24.94 -24.71 21.04
N PRO B 1058 -25.35 -24.62 22.33
CA PRO B 1058 -24.34 -24.52 23.41
C PRO B 1058 -23.59 -25.83 23.65
N TRP B 1059 -22.44 -25.74 24.34
CA TRP B 1059 -21.65 -26.93 24.67
C TRP B 1059 -22.37 -27.74 25.74
N TYR B 1060 -22.97 -27.03 26.72
CA TYR B 1060 -23.79 -27.53 27.82
C TYR B 1060 -25.24 -27.04 27.50
N PRO B 1061 -26.04 -27.75 26.66
CA PRO B 1061 -27.36 -27.22 26.27
C PRO B 1061 -28.37 -27.08 27.40
N ASP B 1062 -28.25 -27.94 28.44
CA ASP B 1062 -29.08 -27.96 29.64
C ASP B 1062 -29.04 -26.64 30.41
N ALA B 1063 -27.90 -25.90 30.32
CA ALA B 1063 -27.65 -24.62 30.96
C ALA B 1063 -28.70 -23.57 30.62
N GLN B 1064 -29.02 -22.75 31.62
CA GLN B 1064 -30.02 -21.68 31.53
C GLN B 1064 -29.40 -20.38 32.06
N PRO B 1065 -29.93 -19.19 31.66
CA PRO B 1065 -29.34 -17.92 32.15
C PRO B 1065 -29.09 -17.81 33.65
N ALA B 1066 -27.99 -17.10 34.00
CA ALA B 1066 -27.55 -16.89 35.37
C ALA B 1066 -28.44 -15.98 36.19
N ARG B 1067 -28.61 -16.34 37.46
CA ARG B 1067 -29.36 -15.57 38.45
C ARG B 1067 -28.46 -14.40 38.88
N LEU B 1068 -28.84 -13.19 38.43
CA LEU B 1068 -28.08 -11.99 38.72
C LEU B 1068 -28.54 -11.34 40.02
N ASP B 1069 -27.66 -11.33 41.04
CA ASP B 1069 -27.90 -10.71 42.35
C ASP B 1069 -27.19 -9.34 42.35
N LEU B 1070 -27.95 -8.30 41.94
CA LEU B 1070 -27.49 -6.92 41.79
C LEU B 1070 -27.90 -5.98 42.94
N GLY B 1071 -27.10 -4.93 43.14
CA GLY B 1071 -27.30 -3.90 44.17
C GLY B 1071 -26.69 -2.55 43.78
N THR B 1072 -27.55 -1.52 43.68
CA THR B 1072 -27.21 -0.14 43.30
C THR B 1072 -26.32 0.58 44.34
N ALA B 1073 -25.35 1.39 43.84
CA ALA B 1073 -24.41 2.18 44.66
C ALA B 1073 -23.92 3.46 43.94
N THR B 1074 -23.63 4.55 44.70
CA THR B 1074 -23.15 5.84 44.18
C THR B 1074 -21.61 5.90 44.11
N ARG B 1075 -21.09 6.30 42.93
CA ARG B 1075 -19.65 6.38 42.64
C ARG B 1075 -19.22 7.77 42.14
N SER B 1076 -17.92 8.11 42.27
CA SER B 1076 -17.37 9.40 41.86
C SER B 1076 -17.21 9.54 40.33
N GLY B 1077 -16.64 10.67 39.89
CA GLY B 1077 -16.41 10.93 38.48
C GLY B 1077 -14.99 10.63 38.03
N TRP B 1078 -14.25 9.85 38.84
CA TRP B 1078 -12.84 9.49 38.54
C TRP B 1078 -12.48 8.06 39.03
N TRP B 1079 -13.40 7.42 39.73
CA TRP B 1079 -13.24 6.07 40.26
C TRP B 1079 -13.31 5.03 39.13
N SER B 1080 -12.52 3.95 39.25
CA SER B 1080 -12.46 2.82 38.32
C SER B 1080 -12.44 1.50 39.12
N PRO B 1081 -13.41 0.58 38.87
CA PRO B 1081 -13.46 -0.66 39.65
C PRO B 1081 -12.32 -1.64 39.43
N ALA B 1082 -11.68 -1.60 38.23
CA ALA B 1082 -10.59 -2.51 37.88
C ALA B 1082 -9.75 -2.00 36.71
N PRO B 1083 -8.46 -2.39 36.61
CA PRO B 1083 -7.67 -2.00 35.43
C PRO B 1083 -8.20 -2.77 34.22
N LEU B 1084 -8.58 -2.04 33.14
CA LEU B 1084 -9.15 -2.62 31.92
C LEU B 1084 -8.23 -3.67 31.28
N ARG B 1085 -8.70 -4.92 31.25
CA ARG B 1085 -7.97 -6.07 30.73
C ARG B 1085 -7.87 -6.07 29.22
N LEU B 1086 -6.64 -6.14 28.68
CA LEU B 1086 -6.48 -6.28 27.23
C LEU B 1086 -5.75 -7.58 26.92
N SER B 1087 -6.45 -8.48 26.21
CA SER B 1087 -5.94 -9.81 25.84
C SER B 1087 -4.98 -9.69 24.65
N HIS B 1088 -3.69 -9.42 24.95
CA HIS B 1088 -2.63 -9.23 23.97
C HIS B 1088 -1.33 -9.85 24.49
N ALA C 3 12.93 58.96 -26.61
CA ALA C 3 14.22 59.55 -26.93
C ALA C 3 15.00 60.00 -25.68
N THR C 4 14.29 60.39 -24.59
CA THR C 4 14.85 60.88 -23.32
C THR C 4 15.72 59.85 -22.59
N GLN C 5 16.52 60.32 -21.61
CA GLN C 5 17.41 59.47 -20.79
C GLN C 5 16.58 58.49 -19.96
N GLU C 6 15.45 58.96 -19.38
CA GLU C 6 14.54 58.15 -18.55
C GLU C 6 13.94 57.00 -19.34
N GLU C 7 13.54 57.24 -20.62
CA GLU C 7 12.96 56.26 -21.54
C GLU C 7 13.96 55.15 -21.89
N ILE C 8 15.22 55.54 -22.14
CA ILE C 8 16.32 54.63 -22.44
C ILE C 8 16.69 53.83 -21.18
N ILE C 9 16.80 54.52 -20.02
CA ILE C 9 17.13 53.92 -18.73
C ILE C 9 16.04 52.92 -18.32
N ALA C 10 14.75 53.29 -18.42
CA ALA C 10 13.61 52.42 -18.08
C ALA C 10 13.45 51.25 -19.05
N GLY C 11 13.90 51.45 -20.30
CA GLY C 11 13.89 50.44 -21.36
C GLY C 11 14.92 49.36 -21.08
N LEU C 12 16.15 49.78 -20.69
CA LEU C 12 17.25 48.90 -20.31
C LEU C 12 16.98 48.30 -18.90
N ALA C 13 16.20 49.00 -18.06
CA ALA C 13 15.83 48.57 -16.70
C ALA C 13 14.95 47.35 -16.65
N GLU C 14 14.01 47.23 -17.63
CA GLU C 14 13.11 46.09 -17.71
C GLU C 14 13.83 44.88 -18.33
N ILE C 15 14.79 45.12 -19.26
CA ILE C 15 15.58 44.05 -19.88
C ILE C 15 16.60 43.53 -18.86
N ILE C 16 17.00 44.39 -17.91
CA ILE C 16 17.93 44.00 -16.85
C ILE C 16 17.18 43.15 -15.78
N GLU C 17 15.91 43.46 -15.43
CA GLU C 17 15.18 42.64 -14.46
C GLU C 17 14.58 41.37 -15.11
N GLU C 18 14.65 41.26 -16.47
CA GLU C 18 14.20 40.09 -17.19
C GLU C 18 15.38 39.12 -17.35
N VAL C 19 16.55 39.64 -17.79
CA VAL C 19 17.75 38.83 -18.01
C VAL C 19 18.45 38.50 -16.68
N THR C 20 18.63 39.51 -15.81
CA THR C 20 19.21 39.30 -14.47
C THR C 20 18.08 39.57 -13.45
N GLY C 21 18.32 39.30 -12.18
CA GLY C 21 17.32 39.52 -11.14
C GLY C 21 17.37 40.90 -10.54
N ILE C 22 18.22 41.79 -11.14
CA ILE C 22 18.52 43.17 -10.75
C ILE C 22 17.33 44.12 -10.93
N GLU C 23 16.90 44.74 -9.80
CA GLU C 23 15.80 45.71 -9.70
C GLU C 23 15.95 46.85 -10.73
N PRO C 24 14.85 47.52 -11.18
CA PRO C 24 15.02 48.64 -12.12
C PRO C 24 15.56 49.92 -11.45
N SER C 25 15.43 50.01 -10.09
CA SER C 25 15.93 51.10 -9.23
C SER C 25 17.45 51.16 -9.30
N GLU C 26 18.09 49.98 -9.37
CA GLU C 26 19.54 49.82 -9.47
C GLU C 26 20.03 50.27 -10.85
N VAL C 27 19.11 50.54 -11.79
CA VAL C 27 19.47 51.00 -13.14
C VAL C 27 19.55 52.55 -13.16
N THR C 28 20.78 53.07 -12.91
CA THR C 28 21.16 54.48 -12.84
C THR C 28 22.43 54.70 -13.72
N PRO C 29 22.71 55.94 -14.23
CA PRO C 29 23.87 56.13 -15.14
C PRO C 29 25.26 55.98 -14.52
N GLU C 30 25.35 56.13 -13.19
CA GLU C 30 26.57 56.03 -12.39
C GLU C 30 27.15 54.61 -12.40
N LYS C 31 26.29 53.60 -12.13
CA LYS C 31 26.61 52.17 -12.01
C LYS C 31 27.17 51.53 -13.29
N SER C 32 28.27 50.77 -13.13
CA SER C 32 28.95 50.03 -14.20
C SER C 32 28.55 48.56 -14.06
N PHE C 33 28.00 47.98 -15.15
CA PHE C 33 27.49 46.60 -15.23
C PHE C 33 28.37 45.56 -14.57
N VAL C 34 29.59 45.37 -15.09
CA VAL C 34 30.56 44.35 -14.67
C VAL C 34 31.10 44.55 -13.22
N ASP C 35 31.04 45.78 -12.66
CA ASP C 35 31.56 46.01 -11.30
C ASP C 35 30.45 46.34 -10.27
N ASP C 36 29.76 47.49 -10.44
CA ASP C 36 28.70 48.00 -9.55
C ASP C 36 27.42 47.15 -9.49
N LEU C 37 26.96 46.63 -10.65
CA LEU C 37 25.74 45.84 -10.76
C LEU C 37 25.97 44.31 -10.67
N ASP C 38 27.18 43.87 -11.10
CA ASP C 38 27.66 42.48 -11.18
C ASP C 38 26.91 41.72 -12.29
N ILE C 39 27.03 42.23 -13.53
CA ILE C 39 26.41 41.63 -14.71
C ILE C 39 27.43 40.73 -15.41
N ASP C 40 27.03 39.48 -15.65
CA ASP C 40 27.82 38.43 -16.29
C ASP C 40 28.07 38.75 -17.76
N SER C 41 29.04 38.04 -18.35
CA SER C 41 29.41 38.15 -19.77
C SER C 41 28.27 37.62 -20.68
N LEU C 42 27.54 36.57 -20.20
CA LEU C 42 26.41 35.93 -20.88
C LEU C 42 25.17 36.82 -20.83
N SER C 43 24.91 37.47 -19.68
CA SER C 43 23.77 38.36 -19.46
C SER C 43 23.76 39.47 -20.52
N MET C 44 24.93 40.12 -20.72
CA MET C 44 25.15 41.19 -21.70
C MET C 44 24.67 40.78 -23.08
N VAL C 45 25.09 39.58 -23.54
CA VAL C 45 24.72 39.01 -24.84
C VAL C 45 23.20 38.89 -24.97
N GLU C 46 22.54 38.38 -23.89
CA GLU C 46 21.08 38.22 -23.82
C GLU C 46 20.38 39.58 -23.85
N ILE C 47 20.86 40.58 -23.05
CA ILE C 47 20.32 41.95 -23.01
C ILE C 47 20.40 42.56 -24.43
N ALA C 48 21.54 42.33 -25.10
CA ALA C 48 21.83 42.79 -26.46
C ALA C 48 20.93 42.11 -27.49
N VAL C 49 20.71 40.79 -27.35
CA VAL C 49 19.88 40.03 -28.29
C VAL C 49 18.38 40.31 -28.03
N GLN C 50 18.02 40.79 -26.82
CA GLN C 50 16.64 41.14 -26.49
C GLN C 50 16.26 42.50 -27.09
N THR C 51 17.22 43.46 -27.09
CA THR C 51 17.05 44.79 -27.69
C THR C 51 16.96 44.67 -29.20
N GLU C 52 17.65 43.65 -29.78
CA GLU C 52 17.68 43.32 -31.20
C GLU C 52 16.33 42.76 -31.65
N ASP C 53 15.60 42.11 -30.71
CA ASP C 53 14.29 41.53 -30.97
C ASP C 53 13.20 42.57 -30.69
N LYS C 54 13.10 43.03 -29.42
CA LYS C 54 12.12 44.00 -28.92
C LYS C 54 12.16 45.36 -29.65
N TYR C 55 13.34 45.95 -29.79
CA TYR C 55 13.48 47.27 -30.39
C TYR C 55 14.11 47.30 -31.81
N GLY C 56 14.66 46.18 -32.28
CA GLY C 56 15.28 46.07 -33.60
C GLY C 56 16.66 46.70 -33.74
N VAL C 57 17.30 47.00 -32.60
CA VAL C 57 18.62 47.65 -32.51
C VAL C 57 19.72 46.61 -32.20
N LYS C 58 20.81 46.57 -32.99
CA LYS C 58 21.91 45.66 -32.69
C LYS C 58 23.24 46.40 -32.47
N ILE C 59 24.00 45.98 -31.45
CA ILE C 59 25.32 46.53 -31.06
C ILE C 59 26.42 45.44 -31.32
N PRO C 60 26.89 45.29 -32.58
CA PRO C 60 27.80 44.16 -32.88
C PRO C 60 29.24 44.26 -32.37
N ASP C 61 30.12 44.97 -33.13
CA ASP C 61 31.56 45.15 -32.89
C ASP C 61 31.91 45.62 -31.47
N GLU C 62 31.96 44.64 -30.54
CA GLU C 62 32.24 44.70 -29.10
C GLU C 62 31.88 46.05 -28.46
N ASP C 63 30.66 46.54 -28.77
CA ASP C 63 30.13 47.79 -28.22
C ASP C 63 29.84 47.58 -26.75
N LEU C 64 29.50 46.32 -26.36
CA LEU C 64 29.24 45.87 -24.99
C LEU C 64 30.45 46.14 -24.08
N ALA C 65 31.67 45.98 -24.62
CA ALA C 65 32.93 46.24 -23.92
C ALA C 65 33.10 47.75 -23.69
N GLY C 66 32.69 48.55 -24.68
CA GLY C 66 32.74 50.00 -24.63
C GLY C 66 31.71 50.59 -23.68
N LEU C 67 30.51 49.99 -23.63
CA LEU C 67 29.42 50.44 -22.78
C LEU C 67 29.60 49.88 -21.36
N ARG C 68 30.52 50.50 -20.61
CA ARG C 68 30.89 50.13 -19.24
C ARG C 68 29.74 50.41 -18.26
N THR C 69 29.32 51.69 -18.13
CA THR C 69 28.22 52.11 -17.26
C THR C 69 26.91 52.11 -18.03
N VAL C 70 25.76 52.31 -17.32
CA VAL C 70 24.45 52.39 -17.98
C VAL C 70 24.36 53.75 -18.70
N GLY C 71 25.09 54.74 -18.20
CA GLY C 71 25.19 56.07 -18.78
C GLY C 71 25.77 56.00 -20.18
N ASP C 72 26.83 55.16 -20.38
CA ASP C 72 27.51 54.93 -21.66
C ASP C 72 26.57 54.36 -22.73
N VAL C 73 25.54 53.62 -22.30
CA VAL C 73 24.53 53.01 -23.15
C VAL C 73 23.56 54.08 -23.65
N VAL C 74 23.17 55.05 -22.76
CA VAL C 74 22.29 56.17 -23.11
C VAL C 74 22.92 56.94 -24.27
N ALA C 75 24.22 57.26 -24.13
CA ALA C 75 25.07 57.95 -25.10
C ALA C 75 25.09 57.25 -26.46
N TYR C 76 25.05 55.91 -26.49
CA TYR C 76 25.05 55.10 -27.71
C TYR C 76 23.74 55.25 -28.50
N ILE C 77 22.61 54.87 -27.86
CA ILE C 77 21.27 54.84 -28.49
C ILE C 77 20.67 56.24 -28.71
N GLN C 78 21.12 57.27 -27.96
CA GLN C 78 20.66 58.65 -28.21
C GLN C 78 21.24 59.07 -29.58
N LYS C 79 22.55 58.75 -29.77
CA LYS C 79 23.35 59.00 -30.98
C LYS C 79 22.94 58.14 -32.19
N LEU C 80 21.88 57.32 -32.05
CA LEU C 80 21.36 56.49 -33.13
C LEU C 80 20.13 57.10 -33.80
N GLU C 81 19.38 57.96 -33.06
CA GLU C 81 18.14 58.64 -33.49
C GLU C 81 18.24 59.43 -34.84
N GLU C 82 19.48 59.62 -35.35
CA GLU C 82 19.86 60.27 -36.60
C GLU C 82 19.34 59.52 -37.85
N GLU C 83 19.15 58.20 -37.75
CA GLU C 83 18.71 57.31 -38.83
C GLU C 83 17.20 57.40 -39.15
N ASN C 84 16.42 58.11 -38.31
CA ASN C 84 14.96 58.32 -38.38
C ASN C 84 14.14 56.99 -38.59
N PRO C 85 14.26 55.95 -37.71
CA PRO C 85 13.48 54.72 -37.93
C PRO C 85 12.07 54.73 -37.30
N GLU C 86 11.73 55.79 -36.51
CA GLU C 86 10.44 55.94 -35.85
C GLU C 86 9.35 56.35 -36.85
N ALA D 3 -15.29 64.92 1.09
CA ALA D 3 -13.88 65.26 0.89
C ALA D 3 -13.63 65.64 -0.56
N THR D 4 -14.32 64.95 -1.50
CA THR D 4 -14.28 65.11 -2.97
C THR D 4 -15.51 64.36 -3.55
N GLN D 5 -15.38 63.73 -4.72
CA GLN D 5 -16.40 62.90 -5.33
C GLN D 5 -15.88 61.47 -5.26
N GLU D 6 -14.63 61.26 -5.68
CA GLU D 6 -13.95 59.98 -5.74
C GLU D 6 -13.75 59.31 -4.38
N GLU D 7 -13.27 60.01 -3.34
CA GLU D 7 -13.10 59.34 -2.03
C GLU D 7 -14.45 58.96 -1.38
N ILE D 8 -15.54 59.55 -1.89
CA ILE D 8 -16.91 59.27 -1.45
C ILE D 8 -17.44 58.08 -2.27
N ILE D 9 -17.33 58.13 -3.62
CA ILE D 9 -17.84 57.10 -4.52
C ILE D 9 -16.86 55.90 -4.67
N ALA D 10 -15.61 56.12 -5.11
CA ALA D 10 -14.57 55.09 -5.29
C ALA D 10 -14.11 54.47 -3.95
N GLY D 11 -14.38 55.19 -2.85
CA GLY D 11 -14.11 54.74 -1.49
C GLY D 11 -15.19 53.76 -1.06
N LEU D 12 -16.41 53.96 -1.60
CA LEU D 12 -17.56 53.10 -1.37
C LEU D 12 -17.43 51.88 -2.29
N ALA D 13 -16.65 52.02 -3.38
CA ALA D 13 -16.35 50.94 -4.34
C ALA D 13 -15.46 49.88 -3.67
N GLU D 14 -14.58 50.31 -2.73
CA GLU D 14 -13.67 49.44 -1.99
C GLU D 14 -14.43 48.51 -1.05
N ILE D 15 -15.47 49.02 -0.38
CA ILE D 15 -16.31 48.23 0.52
C ILE D 15 -17.25 47.33 -0.31
N ILE D 16 -17.72 47.82 -1.48
CA ILE D 16 -18.59 47.05 -2.38
C ILE D 16 -17.84 45.83 -2.95
N GLU D 17 -16.53 45.99 -3.28
CA GLU D 17 -15.68 44.90 -3.80
C GLU D 17 -15.34 43.89 -2.69
N GLU D 18 -14.94 44.39 -1.51
CA GLU D 18 -14.61 43.54 -0.37
C GLU D 18 -15.82 42.74 0.11
N VAL D 19 -17.02 43.34 0.07
CA VAL D 19 -18.24 42.68 0.55
C VAL D 19 -18.89 41.80 -0.53
N THR D 20 -19.20 42.36 -1.70
CA THR D 20 -19.91 41.60 -2.73
C THR D 20 -19.06 41.16 -3.93
N GLY D 21 -17.85 41.67 -4.05
CA GLY D 21 -17.00 41.28 -5.17
C GLY D 21 -17.43 41.89 -6.48
N ILE D 22 -18.27 42.95 -6.39
CA ILE D 22 -18.80 43.72 -7.51
C ILE D 22 -17.68 44.63 -7.99
N GLU D 23 -17.38 44.58 -9.31
CA GLU D 23 -16.34 45.37 -9.98
C GLU D 23 -16.46 46.89 -9.61
N PRO D 24 -15.33 47.63 -9.42
CA PRO D 24 -15.47 49.07 -9.06
C PRO D 24 -16.00 49.94 -10.22
N SER D 25 -15.85 49.46 -11.48
CA SER D 25 -16.36 50.14 -12.67
C SER D 25 -17.90 50.20 -12.69
N GLU D 26 -18.55 49.34 -11.87
CA GLU D 26 -20.01 49.26 -11.74
C GLU D 26 -20.54 50.19 -10.63
N VAL D 27 -19.63 50.80 -9.85
CA VAL D 27 -19.98 51.69 -8.75
C VAL D 27 -20.14 53.15 -9.25
N THR D 28 -21.10 53.34 -10.18
CA THR D 28 -21.47 54.63 -10.80
C THR D 28 -22.64 55.22 -9.97
N PRO D 29 -22.91 56.56 -10.01
CA PRO D 29 -23.97 57.11 -9.14
C PRO D 29 -25.42 56.82 -9.56
N GLU D 30 -25.65 56.40 -10.82
CA GLU D 30 -26.98 56.05 -11.32
C GLU D 30 -27.56 54.86 -10.55
N LYS D 31 -26.77 53.74 -10.46
CA LYS D 31 -27.04 52.42 -9.86
C LYS D 31 -27.72 52.42 -8.47
N SER D 32 -28.78 51.59 -8.30
CA SER D 32 -29.48 51.42 -7.02
C SER D 32 -29.03 50.11 -6.38
N PHE D 33 -28.66 50.14 -5.08
CA PHE D 33 -28.14 48.99 -4.33
C PHE D 33 -28.98 47.73 -4.43
N VAL D 34 -30.07 47.64 -3.66
CA VAL D 34 -30.94 46.45 -3.57
C VAL D 34 -31.48 45.99 -4.94
N ASP D 35 -31.65 46.90 -5.92
CA ASP D 35 -32.17 46.53 -7.24
C ASP D 35 -31.07 46.35 -8.31
N ASP D 36 -30.56 47.45 -8.91
CA ASP D 36 -29.55 47.42 -9.98
C ASP D 36 -28.29 46.64 -9.64
N LEU D 37 -27.78 46.78 -8.41
CA LEU D 37 -26.57 46.11 -7.94
C LEU D 37 -26.81 44.77 -7.20
N ASP D 38 -28.09 44.31 -7.14
CA ASP D 38 -28.57 43.08 -6.51
C ASP D 38 -28.07 42.89 -5.06
N ILE D 39 -27.53 43.96 -4.45
CA ILE D 39 -26.97 43.95 -3.09
C ILE D 39 -28.02 43.46 -2.09
N ASP D 40 -27.72 42.29 -1.48
CA ASP D 40 -28.51 41.55 -0.48
C ASP D 40 -28.75 42.41 0.76
N SER D 41 -29.80 42.08 1.52
CA SER D 41 -30.07 42.79 2.76
C SER D 41 -28.87 42.69 3.75
N LEU D 42 -28.23 41.49 3.82
CA LEU D 42 -27.06 41.15 4.65
C LEU D 42 -25.78 41.89 4.20
N SER D 43 -25.53 41.94 2.86
CA SER D 43 -24.35 42.62 2.28
C SER D 43 -24.30 44.08 2.72
N MET D 44 -25.49 44.75 2.76
CA MET D 44 -25.68 46.14 3.16
C MET D 44 -25.20 46.45 4.57
N VAL D 45 -25.55 45.56 5.53
CA VAL D 45 -25.14 45.70 6.94
C VAL D 45 -23.63 45.66 7.04
N GLU D 46 -22.98 44.71 6.33
CA GLU D 46 -21.52 44.56 6.30
C GLU D 46 -20.86 45.77 5.65
N ILE D 47 -21.54 46.37 4.64
CA ILE D 47 -21.11 47.59 3.95
C ILE D 47 -21.05 48.73 4.97
N ALA D 48 -22.07 48.80 5.85
CA ALA D 48 -22.20 49.77 6.93
C ALA D 48 -21.28 49.50 8.13
N VAL D 49 -20.93 48.23 8.39
CA VAL D 49 -20.03 47.87 9.48
C VAL D 49 -18.60 48.23 9.05
N GLN D 50 -18.30 48.08 7.74
CA GLN D 50 -16.99 48.40 7.19
C GLN D 50 -16.72 49.91 7.12
N THR D 51 -17.78 50.74 6.91
CA THR D 51 -17.65 52.22 6.89
C THR D 51 -17.32 52.70 8.30
N GLU D 52 -17.95 52.07 9.31
CA GLU D 52 -17.76 52.32 10.74
C GLU D 52 -16.33 51.87 11.12
N ASP D 53 -15.86 50.77 10.50
CA ASP D 53 -14.54 50.18 10.74
C ASP D 53 -13.44 51.05 10.15
N LYS D 54 -13.58 51.43 8.87
CA LYS D 54 -12.60 52.21 8.14
C LYS D 54 -12.64 53.71 8.43
N TYR D 55 -13.82 54.34 8.26
CA TYR D 55 -14.02 55.78 8.34
C TYR D 55 -14.70 56.30 9.62
N GLY D 56 -14.96 55.44 10.60
CA GLY D 56 -15.59 55.82 11.86
C GLY D 56 -17.00 56.39 11.79
N VAL D 57 -17.60 56.35 10.59
CA VAL D 57 -18.94 56.85 10.30
C VAL D 57 -20.02 55.91 10.88
N LYS D 58 -20.54 56.25 12.07
CA LYS D 58 -21.60 55.48 12.74
C LYS D 58 -22.93 55.71 11.99
N ILE D 59 -23.15 54.99 10.87
CA ILE D 59 -24.37 55.14 10.05
C ILE D 59 -25.56 54.42 10.72
N PRO D 60 -26.66 55.15 11.06
CA PRO D 60 -27.83 54.48 11.67
C PRO D 60 -28.66 53.71 10.64
N ASP D 61 -29.48 52.74 11.11
CA ASP D 61 -30.32 51.90 10.26
C ASP D 61 -31.46 52.66 9.53
N GLU D 62 -31.98 53.74 10.15
CA GLU D 62 -33.03 54.57 9.55
C GLU D 62 -32.49 55.52 8.48
N ASP D 63 -31.20 55.89 8.59
CA ASP D 63 -30.49 56.73 7.62
C ASP D 63 -30.02 55.86 6.44
N LEU D 64 -29.72 54.56 6.72
CA LEU D 64 -29.30 53.52 5.77
C LEU D 64 -30.43 53.23 4.78
N ALA D 65 -31.69 53.18 5.29
CA ALA D 65 -32.94 52.93 4.55
C ALA D 65 -33.19 53.98 3.45
N GLY D 66 -32.69 55.20 3.66
CA GLY D 66 -32.78 56.31 2.73
C GLY D 66 -31.76 56.24 1.61
N LEU D 67 -30.61 55.59 1.87
CA LEU D 67 -29.52 55.44 0.90
C LEU D 67 -29.86 54.24 0.00
N ARG D 68 -30.80 54.45 -0.93
CA ARG D 68 -31.29 53.42 -1.85
C ARG D 68 -30.47 53.37 -3.15
N THR D 69 -29.74 54.45 -3.43
CA THR D 69 -28.92 54.62 -4.63
C THR D 69 -27.48 55.00 -4.19
N VAL D 70 -26.53 54.98 -5.15
CA VAL D 70 -25.12 55.34 -4.93
C VAL D 70 -25.05 56.86 -4.73
N GLY D 71 -25.89 57.60 -5.46
CA GLY D 71 -25.98 59.05 -5.40
C GLY D 71 -26.53 59.59 -4.08
N ASP D 72 -27.46 58.83 -3.45
CA ASP D 72 -28.07 59.17 -2.16
C ASP D 72 -26.98 59.20 -1.08
N VAL D 73 -26.09 58.18 -1.08
CA VAL D 73 -24.97 58.04 -0.15
C VAL D 73 -23.81 58.97 -0.54
N VAL D 74 -23.76 59.42 -1.82
CA VAL D 74 -22.76 60.37 -2.32
C VAL D 74 -22.97 61.70 -1.58
N ALA D 75 -24.23 62.18 -1.55
CA ALA D 75 -24.64 63.43 -0.90
C ALA D 75 -24.56 63.36 0.63
N TYR D 76 -25.20 62.33 1.24
CA TYR D 76 -25.28 62.04 2.68
C TYR D 76 -23.99 62.30 3.47
N ILE D 77 -22.84 61.80 2.98
CA ILE D 77 -21.52 61.92 3.62
C ILE D 77 -21.04 63.38 3.59
N GLN D 78 -21.19 64.04 2.43
CA GLN D 78 -20.82 65.45 2.23
C GLN D 78 -21.73 66.33 3.11
N LYS D 79 -23.02 65.94 3.23
CA LYS D 79 -24.07 66.57 4.06
C LYS D 79 -23.77 66.45 5.56
N LEU D 80 -22.90 65.50 5.96
CA LEU D 80 -22.47 65.28 7.33
C LEU D 80 -21.11 65.93 7.63
N GLU D 81 -20.29 66.15 6.56
CA GLU D 81 -18.95 66.75 6.63
C GLU D 81 -19.04 68.27 6.96
N GLU D 82 -19.47 68.55 8.21
CA GLU D 82 -19.68 69.88 8.77
C GLU D 82 -18.77 70.01 9.99
N GLU D 83 -19.02 69.18 11.03
CA GLU D 83 -18.19 69.13 12.23
C GLU D 83 -17.01 68.24 11.86
N ASN D 84 -15.85 68.86 11.59
CA ASN D 84 -14.65 68.21 11.11
C ASN D 84 -13.78 67.53 12.21
N PRO D 85 -13.72 66.17 12.23
CA PRO D 85 -12.87 65.49 13.22
C PRO D 85 -11.41 65.48 12.78
N GLU D 86 -11.14 65.00 11.54
CA GLU D 86 -9.81 64.96 10.93
C GLU D 86 -9.74 66.03 9.84
O5 BXY E . 16.77 -4.43 -11.26
C5 BXY E . 15.49 -4.15 -10.66
C4 BXY E . 15.39 -4.49 -9.17
C3 BXY E . 14.32 -5.54 -8.97
O3 BXY E . 14.91 -6.83 -9.12
C2 BXY E . 13.80 -5.26 -7.56
O2 BXY E . 12.46 -5.76 -7.44
C1 BXY E . 13.91 -3.73 -7.47
O4 BXY E . 14.96 -3.35 -8.38
O1 BXY E . 14.18 -3.22 -6.15
O5 BXY E . 17.94 -1.23 -16.04
C5 BXY E . 18.09 -1.39 -14.61
C4 BXY E . 18.19 -2.87 -14.22
C3 BXY E . 17.05 -3.67 -14.86
O3 BXY E . 17.49 -4.38 -16.02
C2 BXY E . 16.53 -4.57 -13.75
O2 BXY E . 15.12 -4.79 -13.91
C1 BXY E . 16.83 -3.73 -12.52
O4 BXY E . 18.06 -3.03 -12.80
C2 BGC F . 9.01 -0.62 -23.06
C3 BGC F . 10.25 -1.14 -22.48
C4 BGC F . 10.09 -1.81 -21.20
C5 BGC F . 8.93 -2.74 -21.05
C6 BGC F . 8.38 -2.72 -19.65
C1 BGC F . 8.06 -1.73 -23.18
O1 BGC F . 6.87 -1.18 -23.66
O2 BGC F . 9.30 -0.23 -24.36
O3 BGC F . 10.93 0.03 -22.11
O4 BGC F . 11.26 -2.61 -21.28
O5 BGC F . 7.78 -2.37 -21.86
O6 BGC F . 9.07 -3.60 -18.72
C1 GLC F . 11.88 -2.50 -20.08
C2 GLC F . 13.13 -3.29 -20.07
C3 GLC F . 13.80 -3.31 -18.76
C4 GLC F . 12.99 -2.64 -17.73
C5 GLC F . 11.71 -3.42 -17.86
C6 GLC F . 10.81 -3.31 -16.69
O2 GLC F . 12.69 -4.60 -20.35
O3 GLC F . 15.08 -2.73 -19.04
O4 GLC F . 13.45 -2.68 -16.39
O5 GLC F . 11.00 -3.06 -19.05
O6 GLC F . 9.68 -4.06 -17.00
C2 BGC G . 0.28 2.78 -20.86
C3 BGC G . -0.33 1.44 -21.08
C4 BGC G . -1.75 1.65 -20.72
C5 BGC G . -2.32 2.58 -21.74
C6 BGC G . -3.21 3.53 -21.00
C1 BGC G . 0.06 3.50 -22.15
O1 BGC G . 0.34 4.87 -22.08
O2 BGC G . 1.64 2.68 -20.51
O3 BGC G . 0.33 0.40 -20.36
O4 BGC G . -2.60 0.52 -20.88
O5 BGC G . -1.35 3.31 -22.62
O6 BGC G . -3.99 2.84 -20.03
C1 GLC G . -2.35 -0.47 -19.98
C2 GLC G . -1.88 -1.71 -20.72
C3 GLC G . -2.93 -2.66 -21.12
C4 GLC G . -4.01 -2.78 -20.15
C5 GLC G . -4.56 -1.41 -19.90
C6 GLC G . -5.86 -1.41 -19.16
O2 GLC G . -1.10 -1.38 -21.89
O3 GLC G . -2.29 -3.94 -21.17
O4 GLC G . -4.98 -3.64 -20.70
O5 GLC G . -3.56 -0.70 -19.16
O6 GLC G . -5.75 -2.23 -18.04
C2 BGC H . 6.02 7.26 17.51
C3 BGC H . 4.61 6.74 17.36
C4 BGC H . 3.76 7.03 18.51
C5 BGC H . 4.46 6.68 19.80
C6 BGC H . 3.65 5.66 20.54
C1 BGC H . 6.66 7.05 18.80
O1 BGC H . 7.91 6.52 18.51
O2 BGC H . 6.03 8.66 17.44
O3 BGC H . 4.63 5.33 17.18
O4 BGC H . 3.56 8.44 18.49
O5 BGC H . 5.83 6.13 19.62
O6 BGC H . 3.15 4.69 19.61
C1 GLC H . 2.27 8.85 18.27
C2 GLC H . 2.21 10.33 17.97
C3 GLC H . 1.21 10.98 18.82
C4 GLC H . 0.03 10.23 18.37
C5 GLC H . 0.02 9.09 19.35
C6 GLC H . -1.15 8.23 18.96
O2 GLC H . 3.45 11.03 18.02
O3 GLC H . 1.16 12.40 18.54
O4 GLC H . -1.27 10.82 18.37
O5 GLC H . 1.32 8.41 19.37
O6 GLC H . -2.26 9.05 18.80
C2 BGC I . 22.63 6.29 19.77
C3 BGC I . 21.46 5.54 19.28
C4 BGC I . 20.74 4.86 20.36
C5 BGC I . 20.11 6.02 21.07
C6 BGC I . 19.16 5.56 22.14
C1 BGC I . 22.52 6.77 21.18
O1 BGC I . 23.20 5.90 22.03
O2 BGC I . 22.85 7.39 18.89
O3 BGC I . 21.89 4.55 18.37
O4 BGC I . 19.66 4.11 19.80
O5 BGC I . 21.11 6.90 21.68
O6 BGC I . 18.78 6.72 22.90
C1 GLC I . 19.79 2.74 19.78
C2 GLC I . 20.45 2.26 18.53
C3 GLC I . 19.52 1.78 17.52
C4 GLC I . 18.74 0.68 18.05
C5 GLC I . 17.80 1.22 19.08
C6 GLC I . 17.32 0.02 19.84
O2 GLC I . 21.25 3.25 17.88
O3 GLC I . 20.31 1.24 16.44
O4 GLC I . 17.98 0.17 16.98
O5 GLC I . 18.39 2.20 19.99
O6 GLC I . 16.00 0.10 20.28
O5 BXY J . -16.07 0.21 12.33
C5 BXY J . -16.61 -0.01 11.03
C4 BXY J . -15.66 -0.61 9.99
C3 BXY J . -14.58 -1.52 10.51
O3 BXY J . -15.16 -2.79 10.83
C2 BXY J . -13.64 -1.61 9.32
O2 BXY J . -12.31 -1.73 9.81
C1 BXY J . -13.88 -0.29 8.54
O4 BXY J . -15.03 0.33 9.12
O1 BXY J . -14.09 -0.53 7.15
O5 BXY J . -20.17 3.63 14.81
C5 BXY J . -19.17 3.56 13.80
C4 BXY J . -18.34 2.32 14.03
C3 BXY J . -17.09 2.61 14.87
O3 BXY J . -17.35 2.46 16.27
C2 BXY J . -16.12 1.56 14.37
O2 BXY J . -14.74 1.93 14.57
C1 BXY J . -16.47 1.47 12.89
O4 BXY J . -17.88 1.78 12.79
C2 BGC K . -9.97 8.75 21.21
C3 BGC K . -10.65 7.45 21.35
C4 BGC K . -10.16 6.68 20.21
C5 BGC K . -8.72 6.35 20.47
C6 BGC K . -8.17 5.66 19.26
C1 BGC K . -8.62 8.48 21.72
O1 BGC K . -7.94 9.67 21.89
O2 BGC K . -10.59 9.64 22.08
O3 BGC K . -12.05 7.56 21.39
O4 BGC K . -10.96 5.52 20.14
O5 BGC K . -7.93 7.58 20.78
O6 BGC K . -6.81 6.04 18.96
C1 GLC K . -11.53 5.57 18.91
C2 GLC K . -13.02 5.46 18.95
C3 GLC K . -13.52 4.47 18.04
C4 GLC K . -12.82 4.68 16.80
C5 GLC K . -11.61 3.86 17.19
C6 GLC K . -10.71 3.47 16.09
O2 GLC K . -13.57 5.09 20.20
O3 GLC K . -14.92 4.70 17.98
O4 GLC K . -13.56 4.18 15.72
O5 GLC K . -10.82 4.50 18.20
O6 GLC K . -9.74 2.67 16.67
C2 BGC L . -23.96 -1.34 -19.26
C3 BGC L . -23.02 -2.12 -18.38
C4 BGC L . -22.30 -3.17 -19.14
C5 BGC L . -21.60 -2.61 -20.36
C6 BGC L . -21.02 -3.75 -21.15
C1 BGC L . -23.26 -0.78 -20.46
O1 BGC L . -24.21 -0.19 -21.30
O2 BGC L . -24.50 -0.26 -18.50
O3 BGC L . -23.77 -2.73 -17.33
O4 BGC L . -21.31 -3.79 -18.28
O5 BGC L . -22.53 -1.84 -21.23
O6 BGC L . -19.71 -4.09 -20.65
C1 GLC L . -21.69 -5.09 -18.00
C2 GLC L . -21.38 -5.39 -16.56
C3 GLC L . -19.91 -5.43 -16.30
C4 GLC L . -19.21 -6.36 -17.23
C5 GLC L . -19.54 -6.06 -18.69
C6 GLC L . -18.92 -7.12 -19.55
O2 GLC L . -21.97 -4.37 -15.73
O3 GLC L . -19.68 -5.87 -14.92
O4 GLC L . -17.80 -6.22 -17.02
O5 GLC L . -20.97 -6.03 -18.94
O6 GLC L . -17.53 -7.13 -19.34
CA CA M . 8.07 -30.00 23.08
P PO4 N . 13.89 -1.07 -11.89
O1 PO4 N . 15.04 -0.84 -12.98
O2 PO4 N . 12.95 0.16 -11.92
O3 PO4 N . 14.50 -1.16 -10.42
O4 PO4 N . 13.08 -2.40 -12.25
O5 BXY O . 1.48 39.28 -0.80
C5 BXY O . 2.69 39.92 -0.86
C4 BXY O . 3.55 39.02 -0.08
C3 BXY O . 3.51 39.25 1.26
O3 BXY O . 2.23 39.19 1.64
C2 BXY O . 4.17 38.02 1.46
O2 BXY O . 4.55 38.00 2.67
C1 BXY O . 5.30 38.30 0.73
O4 BXY O . 4.85 39.03 -0.28
O1 BXY O . 5.46 37.15 0.18
O5 BXY P . 2.51 11.10 22.97
C5 BXY P . 2.51 9.76 22.74
C4 BXY P . 3.94 9.46 22.86
C3 BXY P . 4.69 9.93 21.71
O3 BXY P . 4.81 11.26 21.85
C2 BXY P . 5.99 9.30 21.99
O2 BXY P . 6.48 8.97 20.77
C1 BXY P . 5.53 8.03 22.71
O4 BXY P . 4.16 8.15 22.81
O1 BXY P . 6.04 8.09 24.00
CA CA Q . -6.27 -37.58 -9.36
P PO4 R . -14.01 4.27 11.54
O1 PO4 R . -13.32 3.03 12.28
O2 PO4 R . -14.00 4.03 9.99
O3 PO4 R . -13.26 5.63 11.92
O4 PO4 R . -15.54 4.42 12.02
O5 BXY S . -1.31 36.78 -17.62
C5 BXY S . -2.15 37.08 -16.57
C4 BXY S . -2.91 35.83 -16.23
C3 BXY S . -3.36 35.14 -17.42
O3 BXY S . -2.26 34.40 -17.73
C2 BXY S . -4.46 34.37 -16.79
O2 BXY S . -5.32 33.98 -17.70
C1 BXY S . -5.08 35.44 -16.18
O4 BXY S . -4.08 36.11 -15.56
O1 BXY S . -5.80 34.88 -15.27
O5 BXY T . -3.49 -1.30 -24.81
C5 BXY T . -4.01 -0.04 -24.50
C4 BXY T . -5.48 -0.11 -24.18
C3 BXY T . -5.74 0.00 -22.75
O3 BXY T . -7.02 0.42 -22.62
C2 BXY T . -5.68 -1.41 -22.36
O2 BXY T . -4.39 -1.80 -22.48
C1 BXY T . -6.37 -2.02 -23.47
O4 BXY T . -6.11 -1.23 -24.56
O1 BXY T . -7.69 -1.97 -23.17
#